data_5HIU
#
_entry.id   5HIU
#
_cell.length_a   42.730
_cell.length_b   78.100
_cell.length_c   153.750
_cell.angle_alpha   89.90
_cell.angle_beta   89.85
_cell.angle_gamma   78.94
#
_symmetry.space_group_name_H-M   'P 1'
#
loop_
_entity.id
_entity.type
_entity.pdbx_description
1 polymer 'GTPase activator-like protein'
2 water water
#
_entity_poly.entity_id   1
_entity_poly.type   'polypeptide(L)'
_entity_poly.pdbx_seq_one_letter_code
;GSLGKRPDAVSQAVSSLQGLSPEQADLVAKLKNGHLSERVLAANKLRFAVVDFPLNPVHAIWHAAKDMIHPENPDNARQA
SWELLIECVKYPNSTELERSEYFHTLTGPAHSKDFCYQLVALEQLTNHGRNIAGFYYEMFPLLTLWLNQAYRAARDARKL
ALARGATKNSSKGKAPASPEDKNLSQLFALVKDVIKFNFKFATDDVIAGLIDMLLKICMLTSVEDDLRACIHVIESLVTF
GSIPTNKLKYCIQVLSSIHCLVPSLQKEAWHTISIICRSHHGQSTVRILLDFLRSYSPNPDKNREKDTVRDVRGALSVLQ
KLLRKTAEKGYPQVPLSLLVGGLANVSKSSSTRVATEILRLINSLFHGREGNINPILVEEHWEPIFDVAAQCATKAVTLP
PADASASPLPTVAKEEPVVEDNVSLQLKHLILRVENLIVHQGPELLQRDDCMKFLIRVQHALP
;
_entity_poly.pdbx_strand_id   A,B,C,D
#
# COMPACT_ATOMS: atom_id res chain seq x y z
N SER A 21 2.08 63.19 68.07
CA SER A 21 2.83 64.50 68.02
C SER A 21 2.07 65.60 68.74
N PRO A 22 2.80 66.52 69.41
CA PRO A 22 2.15 67.66 70.06
C PRO A 22 1.55 68.66 69.06
N GLU A 23 2.12 68.71 67.85
CA GLU A 23 1.57 69.51 66.75
C GLU A 23 0.28 68.88 66.28
N GLN A 24 0.35 67.59 65.97
CA GLN A 24 -0.84 66.80 65.62
C GLN A 24 -1.91 66.88 66.72
N ALA A 25 -1.48 66.95 67.97
CA ALA A 25 -2.42 67.11 69.09
C ALA A 25 -3.24 68.37 68.90
N ASP A 26 -2.55 69.49 68.69
CA ASP A 26 -3.18 70.77 68.34
C ASP A 26 -4.18 70.63 67.19
N LEU A 27 -3.67 70.21 66.04
CA LEU A 27 -4.48 70.15 64.82
C LEU A 27 -5.79 69.41 65.05
N VAL A 28 -5.72 68.30 65.78
CA VAL A 28 -6.91 67.49 66.06
C VAL A 28 -7.88 68.26 66.95
N ALA A 29 -7.34 68.99 67.92
CA ALA A 29 -8.19 69.85 68.73
C ALA A 29 -8.96 70.84 67.85
N LYS A 30 -8.24 71.51 66.96
CA LYS A 30 -8.87 72.44 66.03
C LYS A 30 -9.81 71.72 65.08
N LEU A 31 -9.42 70.53 64.64
CA LEU A 31 -10.25 69.72 63.76
C LEU A 31 -11.58 69.36 64.42
N LYS A 32 -11.53 69.07 65.71
CA LYS A 32 -12.74 68.75 66.46
C LYS A 32 -13.52 70.01 66.81
N ASN A 33 -12.81 71.03 67.30
CA ASN A 33 -13.46 72.18 67.95
C ASN A 33 -13.45 73.50 67.19
N GLY A 34 -12.65 73.62 66.14
CA GLY A 34 -12.53 74.90 65.43
C GLY A 34 -13.84 75.29 64.78
N HIS A 35 -13.97 76.56 64.40
CA HIS A 35 -15.05 76.97 63.53
C HIS A 35 -14.80 76.29 62.19
N LEU A 36 -15.85 76.04 61.42
CA LEU A 36 -15.71 75.19 60.24
C LEU A 36 -14.50 75.52 59.39
N SER A 37 -14.25 76.79 59.13
CA SER A 37 -13.12 77.16 58.30
C SER A 37 -11.81 76.73 58.95
N GLU A 38 -11.80 76.66 60.27
CA GLU A 38 -10.61 76.27 61.00
C GLU A 38 -10.42 74.77 60.84
N ARG A 39 -11.55 74.05 60.88
CA ARG A 39 -11.55 72.60 60.71
C ARG A 39 -11.01 72.21 59.34
N VAL A 40 -11.40 72.97 58.33
CA VAL A 40 -10.95 72.73 56.97
C VAL A 40 -9.43 72.84 56.89
N LEU A 41 -8.89 73.91 57.45
CA LEU A 41 -7.45 74.12 57.44
C LEU A 41 -6.72 73.05 58.26
N ALA A 42 -7.31 72.66 59.39
CA ALA A 42 -6.73 71.61 60.24
C ALA A 42 -6.69 70.29 59.46
N ALA A 43 -7.83 69.99 58.85
CA ALA A 43 -7.95 68.84 57.98
C ALA A 43 -6.80 68.81 57.00
N ASN A 44 -6.50 69.93 56.38
CA ASN A 44 -5.48 69.98 55.34
C ASN A 44 -4.09 69.75 55.93
N LYS A 45 -3.85 70.31 57.11
CA LYS A 45 -2.54 70.19 57.76
C LYS A 45 -2.32 68.77 58.26
N LEU A 46 -3.28 68.26 59.02
CA LEU A 46 -3.29 66.84 59.40
C LEU A 46 -3.09 65.92 58.21
N ARG A 47 -3.74 66.22 57.10
CA ARG A 47 -3.53 65.34 55.96
C ARG A 47 -2.06 65.29 55.64
N PHE A 48 -1.36 66.39 55.85
CA PHE A 48 0.09 66.44 55.69
C PHE A 48 0.80 65.68 56.83
N ALA A 49 0.34 65.92 58.05
CA ALA A 49 0.90 65.28 59.26
C ALA A 49 0.82 63.76 59.21
N VAL A 50 -0.37 63.26 58.92
CA VAL A 50 -0.61 61.84 58.76
C VAL A 50 0.35 61.29 57.74
N VAL A 51 0.48 61.96 56.59
CA VAL A 51 1.41 61.53 55.54
C VAL A 51 2.83 61.35 56.13
N ASP A 52 3.20 62.23 57.06
CA ASP A 52 4.54 62.22 57.64
C ASP A 52 4.67 61.34 58.89
N PHE A 53 3.57 60.76 59.33
CA PHE A 53 3.55 59.84 60.46
C PHE A 53 2.49 58.79 60.21
N PRO A 54 2.71 57.92 59.23
CA PRO A 54 1.76 56.85 58.95
C PRO A 54 1.58 55.87 60.10
N LEU A 55 2.67 55.51 60.76
CA LEU A 55 2.62 54.62 61.94
C LEU A 55 1.76 55.18 63.08
N ASN A 56 1.48 56.48 63.05
CA ASN A 56 0.69 57.11 64.10
C ASN A 56 -0.82 56.86 63.96
N PRO A 57 -1.54 56.85 65.09
CA PRO A 57 -2.94 56.45 65.17
C PRO A 57 -3.89 57.46 64.53
N VAL A 58 -4.61 57.00 63.54
CA VAL A 58 -5.53 57.87 62.82
C VAL A 58 -6.93 57.85 63.43
N HIS A 59 -7.15 57.00 64.42
CA HIS A 59 -8.51 56.75 64.89
C HIS A 59 -9.28 57.99 65.37
N ALA A 60 -8.66 58.81 66.22
CA ALA A 60 -9.34 59.98 66.77
C ALA A 60 -9.43 61.09 65.71
N ILE A 61 -8.42 61.14 64.84
CA ILE A 61 -8.45 61.98 63.66
C ILE A 61 -9.66 61.61 62.78
N TRP A 62 -9.93 60.31 62.64
CA TRP A 62 -11.05 59.89 61.82
C TRP A 62 -12.32 60.49 62.38
N HIS A 63 -12.51 60.34 63.69
CA HIS A 63 -13.76 60.74 64.30
C HIS A 63 -13.90 62.24 64.29
N ALA A 64 -12.80 62.93 64.54
CA ALA A 64 -12.82 64.37 64.47
C ALA A 64 -13.44 64.85 63.15
N ALA A 65 -13.11 64.19 62.05
CA ALA A 65 -13.36 64.70 60.69
C ALA A 65 -14.56 64.13 59.96
N LYS A 66 -14.98 62.91 60.30
CA LYS A 66 -15.97 62.19 59.50
C LYS A 66 -17.27 62.93 59.19
N ASP A 67 -17.68 63.81 60.09
CA ASP A 67 -18.88 64.64 59.87
C ASP A 67 -18.75 65.62 58.72
N MET A 68 -17.51 66.07 58.43
CA MET A 68 -17.26 67.04 57.36
C MET A 68 -17.54 66.49 55.94
N ILE A 69 -17.64 65.17 55.81
CA ILE A 69 -17.97 64.47 54.58
C ILE A 69 -19.45 64.54 54.27
N HIS A 70 -20.26 64.94 55.25
CA HIS A 70 -21.70 64.92 55.07
C HIS A 70 -22.07 65.81 53.90
N PRO A 71 -23.05 65.40 53.08
CA PRO A 71 -23.35 66.18 51.87
C PRO A 71 -23.88 67.59 52.14
N GLU A 72 -24.36 67.86 53.35
CA GLU A 72 -24.85 69.20 53.74
C GLU A 72 -23.71 70.23 53.76
N ASN A 73 -22.48 69.78 53.97
CA ASN A 73 -21.31 70.67 53.95
C ASN A 73 -20.95 71.13 52.54
N PRO A 74 -20.26 72.28 52.44
CA PRO A 74 -19.76 72.78 51.17
C PRO A 74 -18.56 71.99 50.63
N ASP A 75 -18.41 71.99 49.32
CA ASP A 75 -17.34 71.29 48.66
C ASP A 75 -16.02 71.30 49.40
N ASN A 76 -15.51 72.50 49.66
CA ASN A 76 -14.19 72.68 50.26
C ASN A 76 -13.99 71.89 51.52
N ALA A 77 -15.07 71.70 52.27
CA ALA A 77 -15.00 70.98 53.54
C ALA A 77 -15.18 69.48 53.37
N ARG A 78 -15.99 69.06 52.41
CA ARG A 78 -16.16 67.63 52.21
C ARG A 78 -14.87 67.16 51.62
N GLN A 79 -14.39 67.89 50.62
CA GLN A 79 -13.21 67.51 49.89
C GLN A 79 -11.99 67.38 50.78
N ALA A 80 -11.69 68.43 51.54
CA ALA A 80 -10.49 68.40 52.40
C ALA A 80 -10.58 67.28 53.46
N SER A 81 -11.80 66.91 53.83
CA SER A 81 -12.03 65.82 54.76
C SER A 81 -11.83 64.45 54.10
N TRP A 82 -12.36 64.29 52.89
CA TRP A 82 -12.18 63.04 52.14
C TRP A 82 -10.72 62.71 51.97
N GLU A 83 -9.95 63.74 51.67
CA GLU A 83 -8.53 63.56 51.46
C GLU A 83 -7.81 63.17 52.72
N LEU A 84 -8.32 63.62 53.85
CA LEU A 84 -7.75 63.30 55.12
C LEU A 84 -8.13 61.87 55.48
N LEU A 85 -9.38 61.50 55.16
CA LEU A 85 -9.87 60.16 55.48
C LEU A 85 -9.17 59.10 54.62
N ILE A 86 -8.93 59.46 53.37
CA ILE A 86 -8.23 58.60 52.44
C ILE A 86 -6.85 58.27 52.95
N GLU A 87 -6.15 59.28 53.46
CA GLU A 87 -4.84 59.03 54.03
C GLU A 87 -4.95 58.18 55.29
N CYS A 88 -6.01 58.38 56.07
CA CYS A 88 -6.19 57.62 57.30
C CYS A 88 -6.42 56.13 57.08
N VAL A 89 -7.26 55.77 56.11
CA VAL A 89 -7.56 54.35 55.92
C VAL A 89 -6.33 53.54 55.56
N LYS A 90 -5.31 54.19 54.98
CA LYS A 90 -4.04 53.53 54.62
C LYS A 90 -3.32 52.94 55.84
N TYR A 91 -3.48 53.58 56.98
CA TYR A 91 -2.93 53.08 58.25
C TYR A 91 -3.01 51.56 58.34
N PRO A 92 -1.86 50.89 58.56
CA PRO A 92 -1.83 49.45 58.44
C PRO A 92 -2.53 48.74 59.58
N ASN A 93 -2.14 49.04 60.81
CA ASN A 93 -2.61 48.23 61.93
C ASN A 93 -3.90 48.77 62.56
N SER A 94 -4.92 48.97 61.73
CA SER A 94 -6.27 49.24 62.24
C SER A 94 -6.86 47.95 62.74
N THR A 95 -7.75 48.01 63.74
CA THR A 95 -8.47 46.83 64.16
C THR A 95 -9.60 46.59 63.18
N GLU A 96 -10.26 45.45 63.33
CA GLU A 96 -11.34 45.05 62.47
C GLU A 96 -12.58 45.91 62.74
N LEU A 97 -12.83 46.21 64.00
CA LEU A 97 -13.96 47.05 64.34
C LEU A 97 -13.74 48.46 63.83
N GLU A 98 -12.48 48.89 63.78
CA GLU A 98 -12.12 50.22 63.26
C GLU A 98 -12.30 50.28 61.74
N ARG A 99 -11.88 49.21 61.05
CA ARG A 99 -12.11 49.09 59.61
C ARG A 99 -13.59 49.09 59.29
N SER A 100 -14.39 48.51 60.17
CA SER A 100 -15.80 48.46 59.94
C SER A 100 -16.39 49.84 60.00
N GLU A 101 -15.84 50.70 60.84
CA GLU A 101 -16.40 52.02 61.01
C GLU A 101 -15.98 52.94 59.89
N TYR A 102 -14.79 52.70 59.38
CA TYR A 102 -14.34 53.42 58.22
C TYR A 102 -15.21 53.05 57.01
N PHE A 103 -15.43 51.77 56.80
CA PHE A 103 -16.25 51.37 55.66
C PHE A 103 -17.64 52.04 55.66
N HIS A 104 -18.31 52.07 56.80
CA HIS A 104 -19.65 52.64 56.82
C HIS A 104 -19.66 54.14 56.70
N THR A 105 -18.61 54.78 57.22
CA THR A 105 -18.42 56.22 57.03
C THR A 105 -18.21 56.52 55.54
N LEU A 106 -17.29 55.81 54.90
CA LEU A 106 -16.93 56.14 53.54
C LEU A 106 -17.95 55.71 52.49
N THR A 107 -18.79 54.72 52.79
CA THR A 107 -19.65 54.11 51.76
C THR A 107 -21.07 54.61 51.75
N GLY A 108 -21.51 55.16 52.87
CA GLY A 108 -22.89 55.63 53.03
C GLY A 108 -23.21 56.93 52.31
N PRO A 109 -24.36 57.55 52.67
CA PRO A 109 -24.84 58.80 52.08
C PRO A 109 -23.72 59.80 51.84
N ALA A 110 -23.51 60.15 50.58
CA ALA A 110 -22.44 61.06 50.21
C ALA A 110 -22.80 61.79 48.94
N HIS A 111 -22.21 62.96 48.76
CA HIS A 111 -22.57 63.82 47.65
C HIS A 111 -22.19 63.14 46.34
N SER A 112 -23.07 63.24 45.34
CA SER A 112 -22.82 62.65 44.04
C SER A 112 -21.47 63.06 43.48
N LYS A 113 -21.07 64.30 43.75
CA LYS A 113 -19.80 64.84 43.28
C LYS A 113 -18.59 64.18 43.93
N ASP A 114 -18.77 63.51 45.07
CA ASP A 114 -17.68 62.90 45.82
C ASP A 114 -17.43 61.43 45.50
N PHE A 115 -18.10 60.86 44.52
CA PHE A 115 -17.93 59.44 44.28
C PHE A 115 -16.45 59.04 44.05
N CYS A 116 -15.68 59.90 43.39
CA CYS A 116 -14.29 59.56 43.09
C CYS A 116 -13.57 59.30 44.41
N TYR A 117 -13.80 60.18 45.41
CA TYR A 117 -13.21 60.01 46.72
C TYR A 117 -13.63 58.71 47.43
N GLN A 118 -14.92 58.36 47.34
CA GLN A 118 -15.41 57.13 47.95
C GLN A 118 -14.72 55.90 47.37
N LEU A 119 -14.73 55.82 46.04
CA LEU A 119 -14.02 54.85 45.23
C LEU A 119 -12.61 54.69 45.73
N VAL A 120 -11.87 55.79 45.77
CA VAL A 120 -10.46 55.74 46.18
C VAL A 120 -10.36 55.30 47.65
N ALA A 121 -11.22 55.84 48.50
CA ALA A 121 -11.22 55.46 49.88
C ALA A 121 -11.37 53.96 49.97
N LEU A 122 -12.39 53.44 49.32
CA LEU A 122 -12.65 52.02 49.45
C LEU A 122 -11.46 51.22 48.92
N GLU A 123 -10.97 51.62 47.75
CA GLU A 123 -9.82 51.01 47.13
C GLU A 123 -8.66 50.98 48.11
N GLN A 124 -8.39 52.10 48.78
CA GLN A 124 -7.29 52.18 49.74
C GLN A 124 -7.57 51.43 51.00
N LEU A 125 -8.83 51.45 51.46
CA LEU A 125 -9.20 50.72 52.66
C LEU A 125 -8.94 49.24 52.45
N THR A 126 -9.31 48.74 51.28
CA THR A 126 -9.19 47.33 50.97
C THR A 126 -7.82 46.94 50.43
N ASN A 127 -6.99 47.93 50.08
CA ASN A 127 -5.70 47.68 49.45
C ASN A 127 -5.91 47.07 48.08
N HIS A 128 -6.74 47.71 47.29
CA HIS A 128 -7.10 47.25 45.94
C HIS A 128 -7.78 45.89 45.97
N GLY A 129 -8.66 45.71 46.94
CA GLY A 129 -9.61 44.61 46.93
C GLY A 129 -9.14 43.42 47.73
N ARG A 130 -7.94 43.54 48.30
CA ARG A 130 -7.27 42.43 48.95
C ARG A 130 -7.82 42.17 50.31
N ASN A 131 -8.14 43.23 51.04
CA ASN A 131 -8.56 43.12 52.44
C ASN A 131 -9.89 43.80 52.67
N ILE A 132 -10.90 43.01 53.04
CA ILE A 132 -12.23 43.52 53.29
C ILE A 132 -12.71 43.08 54.69
N ALA A 133 -11.76 42.80 55.56
CA ALA A 133 -12.07 42.51 56.94
C ALA A 133 -12.76 43.72 57.59
N GLY A 134 -13.86 43.42 58.28
CA GLY A 134 -14.72 44.43 58.87
C GLY A 134 -16.01 44.66 58.11
N PHE A 135 -16.00 44.29 56.85
CA PHE A 135 -17.15 44.43 55.97
C PHE A 135 -17.15 43.30 54.93
N TYR A 136 -16.56 42.16 55.30
CA TYR A 136 -16.69 40.89 54.58
C TYR A 136 -18.01 40.76 53.82
N TYR A 137 -19.10 40.93 54.56
CA TYR A 137 -20.41 40.62 54.04
C TYR A 137 -21.12 41.80 53.44
N GLU A 138 -20.55 43.00 53.57
CA GLU A 138 -21.14 44.21 53.00
C GLU A 138 -20.55 44.63 51.65
N MET A 139 -19.36 44.13 51.36
CA MET A 139 -18.56 44.59 50.24
C MET A 139 -19.21 44.40 48.89
N PHE A 140 -19.66 43.18 48.58
CA PHE A 140 -20.16 42.86 47.22
C PHE A 140 -21.48 43.53 46.85
N PRO A 141 -22.44 43.54 47.79
CA PRO A 141 -23.64 44.32 47.56
C PRO A 141 -23.36 45.79 47.34
N LEU A 142 -22.33 46.31 48.00
CA LEU A 142 -21.97 47.70 47.82
C LEU A 142 -21.43 47.91 46.41
N LEU A 143 -20.51 47.04 45.97
CA LEU A 143 -19.94 47.17 44.62
C LEU A 143 -21.02 47.13 43.56
N THR A 144 -21.96 46.20 43.73
CA THR A 144 -23.05 46.07 42.79
C THR A 144 -23.86 47.34 42.75
N LEU A 145 -24.07 47.94 43.90
CA LEU A 145 -24.82 49.18 43.98
C LEU A 145 -24.08 50.25 43.18
N TRP A 146 -22.82 50.45 43.53
CA TRP A 146 -21.98 51.42 42.89
C TRP A 146 -21.83 51.24 41.37
N LEU A 147 -21.90 50.00 40.88
CA LEU A 147 -21.84 49.76 39.46
C LEU A 147 -22.99 50.42 38.76
N ASN A 148 -24.18 50.21 39.33
CA ASN A 148 -25.39 50.80 38.78
C ASN A 148 -25.19 52.31 38.76
N GLN A 149 -24.89 52.89 39.91
CA GLN A 149 -24.64 54.32 39.99
C GLN A 149 -23.63 54.72 38.95
N ALA A 150 -22.48 54.04 38.95
CA ALA A 150 -21.33 54.52 38.18
C ALA A 150 -21.62 54.48 36.69
N TYR A 151 -22.17 53.36 36.27
CA TYR A 151 -22.55 53.25 34.88
C TYR A 151 -23.59 54.33 34.50
N ARG A 152 -24.70 54.40 35.25
CA ARG A 152 -25.73 55.43 35.01
C ARG A 152 -25.12 56.81 34.77
N ALA A 153 -24.17 57.19 35.61
CA ALA A 153 -23.52 58.50 35.51
C ALA A 153 -22.57 58.61 34.32
N ALA A 154 -22.04 57.50 33.83
CA ALA A 154 -21.20 57.59 32.65
C ALA A 154 -22.05 57.73 31.43
N ARG A 155 -23.16 57.02 31.39
CA ARG A 155 -24.00 57.00 30.21
C ARG A 155 -24.57 58.38 29.98
N ASP A 156 -24.97 59.01 31.07
CA ASP A 156 -25.55 60.33 30.99
C ASP A 156 -24.51 61.31 30.45
N ALA A 157 -23.33 61.37 31.07
CA ALA A 157 -22.23 62.23 30.58
C ALA A 157 -22.01 62.06 29.09
N ARG A 158 -22.01 60.81 28.64
CA ARG A 158 -21.82 60.46 27.24
C ARG A 158 -23.00 60.87 26.35
N LYS A 159 -24.22 60.88 26.91
CA LYS A 159 -25.41 61.36 26.18
C LYS A 159 -25.30 62.85 25.95
N LEU A 160 -24.97 63.55 27.01
CA LEU A 160 -24.88 65.00 26.99
C LEU A 160 -23.62 65.43 26.27
N ALA A 161 -22.66 64.52 26.11
CA ALA A 161 -21.53 64.79 25.24
C ALA A 161 -21.97 64.73 23.78
N LEU A 162 -22.62 63.64 23.39
CA LEU A 162 -23.21 63.54 22.06
C LEU A 162 -24.17 64.71 21.76
N ALA A 163 -24.98 65.08 22.76
CA ALA A 163 -25.87 66.22 22.62
C ALA A 163 -25.06 67.51 22.48
N ARG A 164 -24.46 68.02 23.57
CA ARG A 164 -23.65 69.24 23.48
C ARG A 164 -22.31 68.96 22.77
N PRO A 176 -11.24 61.95 24.48
CA PRO A 176 -10.89 61.77 25.89
C PRO A 176 -12.02 61.19 26.73
N ALA A 177 -11.68 60.74 27.93
CA ALA A 177 -12.59 60.04 28.82
C ALA A 177 -13.11 60.99 29.89
N SER A 178 -14.41 60.95 30.14
CA SER A 178 -15.00 61.80 31.17
C SER A 178 -14.59 61.34 32.58
N PRO A 179 -14.64 62.24 33.57
CA PRO A 179 -14.42 61.77 34.94
C PRO A 179 -15.30 60.57 35.26
N GLU A 180 -16.51 60.51 34.69
CA GLU A 180 -17.42 59.41 34.92
C GLU A 180 -16.93 58.14 34.25
N ASP A 181 -16.42 58.25 33.05
CA ASP A 181 -15.73 57.12 32.40
C ASP A 181 -14.59 56.62 33.27
N LYS A 182 -13.81 57.54 33.81
CA LYS A 182 -12.64 57.17 34.59
C LYS A 182 -13.06 56.50 35.86
N ASN A 183 -14.11 57.02 36.50
CA ASN A 183 -14.67 56.44 37.72
C ASN A 183 -15.11 55.01 37.50
N LEU A 184 -15.84 54.82 36.40
CA LEU A 184 -16.37 53.53 36.00
C LEU A 184 -15.24 52.52 35.75
N SER A 185 -14.19 52.92 35.04
CA SER A 185 -13.06 52.00 34.86
C SER A 185 -12.52 51.55 36.17
N GLN A 186 -12.32 52.50 37.06
CA GLN A 186 -11.60 52.23 38.27
C GLN A 186 -12.41 51.30 39.18
N LEU A 187 -13.73 51.46 39.13
CA LEU A 187 -14.63 50.58 39.82
C LEU A 187 -14.61 49.15 39.26
N PHE A 188 -14.69 49.02 37.93
CA PHE A 188 -14.55 47.70 37.28
C PHE A 188 -13.25 47.06 37.74
N ALA A 189 -12.16 47.81 37.69
CA ALA A 189 -10.88 47.28 38.19
C ALA A 189 -11.07 46.78 39.63
N LEU A 190 -11.75 47.56 40.47
CA LEU A 190 -11.95 47.18 41.87
C LEU A 190 -12.78 45.94 42.03
N VAL A 191 -13.79 45.80 41.18
CA VAL A 191 -14.69 44.64 41.25
C VAL A 191 -13.92 43.39 40.83
N LYS A 192 -13.14 43.51 39.77
CA LYS A 192 -12.25 42.43 39.34
C LYS A 192 -11.34 41.96 40.50
N ASP A 193 -10.75 42.90 41.24
CA ASP A 193 -9.79 42.54 42.30
C ASP A 193 -10.43 41.95 43.56
N VAL A 194 -11.64 42.42 43.87
CA VAL A 194 -12.33 41.94 45.03
C VAL A 194 -12.71 40.49 44.77
N ILE A 195 -13.11 40.19 43.54
CA ILE A 195 -13.42 38.82 43.13
C ILE A 195 -12.19 37.95 43.27
N LYS A 196 -11.08 38.44 42.78
CA LYS A 196 -9.83 37.69 42.81
C LYS A 196 -9.47 37.28 44.22
N PHE A 197 -9.44 38.28 45.12
CA PHE A 197 -8.96 38.07 46.48
C PHE A 197 -10.00 37.65 47.52
N ASN A 198 -11.29 37.78 47.25
CA ASN A 198 -12.29 37.65 48.32
C ASN A 198 -13.64 37.18 47.83
N PHE A 199 -13.64 36.32 46.82
CA PHE A 199 -14.87 35.76 46.30
C PHE A 199 -15.62 34.87 47.29
N LYS A 200 -14.92 34.22 48.21
CA LYS A 200 -15.60 33.38 49.20
C LYS A 200 -16.69 34.13 49.98
N PHE A 201 -16.50 35.44 50.19
CA PHE A 201 -17.51 36.25 50.90
C PHE A 201 -18.63 36.77 50.02
N ALA A 202 -18.60 36.34 48.76
CA ALA A 202 -19.68 36.61 47.84
C ALA A 202 -20.67 35.48 47.97
N THR A 203 -21.87 35.83 48.40
CA THR A 203 -22.95 34.88 48.42
C THR A 203 -23.41 34.66 47.00
N ASP A 204 -24.08 33.53 46.77
CA ASP A 204 -24.63 33.16 45.46
C ASP A 204 -25.59 34.21 44.87
N ASP A 205 -26.38 34.84 45.73
CA ASP A 205 -27.42 35.75 45.28
C ASP A 205 -26.88 37.13 44.92
N VAL A 206 -25.77 37.54 45.53
CA VAL A 206 -25.16 38.83 45.17
C VAL A 206 -24.45 38.69 43.84
N ILE A 207 -23.89 37.50 43.60
CA ILE A 207 -23.23 37.22 42.35
C ILE A 207 -24.23 37.18 41.20
N ALA A 208 -25.38 36.61 41.46
CA ALA A 208 -26.49 36.69 40.52
C ALA A 208 -26.75 38.16 40.20
N GLY A 209 -26.82 38.99 41.24
CA GLY A 209 -27.00 40.42 41.03
C GLY A 209 -25.84 41.04 40.24
N LEU A 210 -24.64 40.69 40.59
CA LEU A 210 -23.50 41.30 39.97
C LEU A 210 -23.48 40.95 38.49
N ILE A 211 -23.67 39.66 38.18
CA ILE A 211 -23.70 39.19 36.81
C ILE A 211 -24.70 39.96 35.96
N ASP A 212 -25.95 40.06 36.44
CA ASP A 212 -26.99 40.82 35.73
C ASP A 212 -26.53 42.22 35.37
N MET A 213 -25.94 42.88 36.36
CA MET A 213 -25.51 44.26 36.18
C MET A 213 -24.45 44.38 35.05
N LEU A 214 -23.51 43.44 35.00
CA LEU A 214 -22.46 43.47 33.99
C LEU A 214 -23.00 43.21 32.59
N LEU A 215 -24.00 42.36 32.51
CA LEU A 215 -24.51 41.99 31.22
C LEU A 215 -25.35 43.13 30.66
N LYS A 216 -26.11 43.79 31.51
CA LYS A 216 -26.83 45.01 31.14
C LYS A 216 -25.82 45.94 30.44
N ILE A 217 -24.78 46.29 31.17
CA ILE A 217 -23.77 47.18 30.66
C ILE A 217 -23.17 46.65 29.35
N CYS A 218 -22.98 45.35 29.26
CA CYS A 218 -22.50 44.73 28.04
C CYS A 218 -23.40 45.03 26.84
N MET A 219 -24.71 44.88 27.02
CA MET A 219 -25.61 45.02 25.90
C MET A 219 -26.01 46.45 25.63
N LEU A 220 -25.55 47.40 26.42
CA LEU A 220 -25.87 48.79 26.09
C LEU A 220 -24.80 49.64 26.65
N THR A 221 -23.75 49.86 25.86
CA THR A 221 -22.71 50.77 26.27
C THR A 221 -22.03 51.24 25.02
N SER A 222 -21.77 52.54 24.97
CA SER A 222 -21.24 53.16 23.77
C SER A 222 -19.73 52.97 23.74
N VAL A 223 -19.14 52.48 24.84
CA VAL A 223 -17.68 52.45 25.02
C VAL A 223 -17.13 51.03 25.18
N GLU A 224 -16.33 50.65 24.20
CA GLU A 224 -15.71 49.35 24.11
C GLU A 224 -14.95 48.97 25.38
N ASP A 225 -14.32 49.95 26.02
CA ASP A 225 -13.55 49.69 27.25
C ASP A 225 -14.41 49.11 28.37
N ASP A 226 -15.64 49.61 28.51
CA ASP A 226 -16.64 48.99 29.37
C ASP A 226 -16.83 47.51 29.03
N LEU A 227 -16.86 47.16 27.75
CA LEU A 227 -17.03 45.76 27.37
C LEU A 227 -15.80 44.96 27.73
N ARG A 228 -14.64 45.53 27.44
CA ARG A 228 -13.40 44.85 27.77
C ARG A 228 -13.44 44.62 29.26
N ALA A 229 -13.86 45.64 29.99
CA ALA A 229 -13.83 45.60 31.44
C ALA A 229 -14.80 44.56 31.98
N CYS A 230 -16.03 44.52 31.46
CA CYS A 230 -17.01 43.53 31.88
C CYS A 230 -16.60 42.11 31.56
N ILE A 231 -15.89 41.92 30.46
CA ILE A 231 -15.38 40.59 30.14
C ILE A 231 -14.39 40.17 31.19
N HIS A 232 -13.51 41.08 31.56
CA HIS A 232 -12.52 40.77 32.58
C HIS A 232 -13.17 40.51 33.92
N VAL A 233 -14.29 41.18 34.21
CA VAL A 233 -14.99 40.89 35.45
C VAL A 233 -15.49 39.46 35.42
N ILE A 234 -16.02 39.05 34.29
CA ILE A 234 -16.58 37.72 34.14
C ILE A 234 -15.48 36.69 34.13
N GLU A 235 -14.39 36.98 33.43
CA GLU A 235 -13.19 36.15 33.52
C GLU A 235 -12.86 35.94 34.98
N SER A 236 -12.91 37.01 35.77
CA SER A 236 -12.56 36.90 37.16
C SER A 236 -13.50 35.95 37.83
N LEU A 237 -14.79 36.15 37.61
CA LEU A 237 -15.75 35.29 38.27
C LEU A 237 -15.37 33.87 38.00
N VAL A 238 -15.24 33.53 36.73
CA VAL A 238 -15.00 32.13 36.39
C VAL A 238 -13.63 31.68 36.85
N THR A 239 -12.64 32.54 36.81
CA THR A 239 -11.32 32.13 37.22
C THR A 239 -11.29 31.89 38.72
N PHE A 240 -11.88 32.79 39.51
CA PHE A 240 -11.70 32.74 40.99
C PHE A 240 -12.90 32.35 41.83
N GLY A 241 -14.09 32.33 41.24
CA GLY A 241 -15.30 31.89 41.92
C GLY A 241 -16.13 31.06 40.96
N SER A 242 -17.43 31.39 40.85
CA SER A 242 -18.34 30.65 39.97
C SER A 242 -19.56 31.42 39.52
N ILE A 243 -19.95 31.17 38.28
CA ILE A 243 -21.20 31.59 37.70
C ILE A 243 -22.29 30.54 38.05
N PRO A 244 -23.39 30.99 38.66
CA PRO A 244 -24.44 30.03 38.96
C PRO A 244 -25.06 29.51 37.68
N THR A 245 -25.60 28.29 37.72
CA THR A 245 -26.13 27.63 36.52
C THR A 245 -27.16 28.48 35.76
N ASN A 246 -28.10 29.07 36.48
CA ASN A 246 -29.15 29.87 35.84
C ASN A 246 -28.71 31.19 35.14
N LYS A 247 -27.45 31.58 35.32
CA LYS A 247 -26.88 32.76 34.64
C LYS A 247 -26.09 32.43 33.37
N LEU A 248 -25.81 31.14 33.19
CA LEU A 248 -24.90 30.67 32.15
C LEU A 248 -25.42 31.06 30.78
N LYS A 249 -26.66 30.74 30.45
CA LYS A 249 -27.20 31.11 29.16
C LYS A 249 -26.88 32.58 28.87
N TYR A 250 -27.17 33.45 29.84
CA TYR A 250 -27.05 34.88 29.62
C TYR A 250 -25.58 35.29 29.41
N CYS A 251 -24.68 34.82 30.26
CA CYS A 251 -23.23 35.03 30.00
C CYS A 251 -22.81 34.57 28.59
N ILE A 252 -23.20 33.35 28.23
CA ILE A 252 -22.90 32.83 26.90
C ILE A 252 -23.56 33.68 25.81
N GLN A 253 -24.85 33.99 25.96
CA GLN A 253 -25.48 34.95 25.05
C GLN A 253 -24.58 36.17 24.89
N VAL A 254 -24.25 36.80 26.00
CA VAL A 254 -23.63 38.10 25.90
C VAL A 254 -22.25 37.97 25.31
N LEU A 255 -21.46 37.07 25.88
CA LEU A 255 -20.09 36.79 25.38
C LEU A 255 -20.03 36.30 23.95
N SER A 256 -20.95 35.40 23.57
CA SER A 256 -21.01 34.91 22.19
C SER A 256 -21.33 36.03 21.22
N SER A 257 -22.11 36.98 21.68
CA SER A 257 -22.47 38.11 20.87
C SER A 257 -21.29 39.06 20.73
N ILE A 258 -20.59 39.34 21.82
CA ILE A 258 -19.44 40.24 21.75
C ILE A 258 -18.41 39.61 20.85
N HIS A 259 -18.22 38.30 21.05
CA HIS A 259 -17.28 37.50 20.28
C HIS A 259 -17.49 37.65 18.80
N CYS A 260 -18.74 37.56 18.40
CA CYS A 260 -19.09 37.68 17.02
C CYS A 260 -19.06 39.15 16.59
N LEU A 261 -19.89 39.97 17.25
CA LEU A 261 -20.20 41.33 16.79
C LEU A 261 -19.16 42.40 17.06
N VAL A 262 -18.26 42.19 18.02
CA VAL A 262 -17.28 43.23 18.38
C VAL A 262 -15.88 42.72 18.11
N PRO A 263 -15.50 42.66 16.84
CA PRO A 263 -14.28 41.97 16.43
C PRO A 263 -13.03 42.33 17.24
N SER A 264 -12.89 43.60 17.62
CA SER A 264 -11.72 44.05 18.39
C SER A 264 -11.57 43.42 19.78
N LEU A 265 -12.65 42.81 20.29
CA LEU A 265 -12.62 42.09 21.57
C LEU A 265 -12.82 40.59 21.41
N GLN A 266 -12.64 40.07 20.20
CA GLN A 266 -12.92 38.66 19.95
C GLN A 266 -11.99 37.78 20.76
N LYS A 267 -10.72 38.12 20.78
CA LYS A 267 -9.74 37.30 21.51
C LYS A 267 -10.04 37.29 23.03
N GLU A 268 -10.29 38.48 23.59
CA GLU A 268 -10.69 38.60 24.99
C GLU A 268 -11.92 37.76 25.34
N ALA A 269 -12.97 37.81 24.53
CA ALA A 269 -14.18 37.03 24.78
C ALA A 269 -13.92 35.54 24.59
N TRP A 270 -13.07 35.17 23.63
CA TRP A 270 -12.90 33.76 23.42
C TRP A 270 -12.18 33.22 24.65
N HIS A 271 -11.23 34.00 25.16
CA HIS A 271 -10.48 33.57 26.33
C HIS A 271 -11.43 33.26 27.47
N THR A 272 -12.34 34.17 27.71
CA THR A 272 -13.31 33.98 28.76
C THR A 272 -14.24 32.82 28.44
N ILE A 273 -14.66 32.69 27.19
CA ILE A 273 -15.55 31.59 26.84
C ILE A 273 -14.79 30.28 26.98
N SER A 274 -13.48 30.28 26.70
CA SER A 274 -12.73 29.03 26.74
C SER A 274 -12.72 28.51 28.16
N ILE A 275 -12.43 29.42 29.11
CA ILE A 275 -12.41 29.05 30.51
C ILE A 275 -13.73 28.38 30.84
N ILE A 276 -14.84 29.05 30.53
CA ILE A 276 -16.16 28.50 30.84
C ILE A 276 -16.36 27.10 30.22
N CYS A 277 -15.89 26.96 28.98
CA CYS A 277 -16.06 25.71 28.24
C CYS A 277 -15.30 24.54 28.87
N ARG A 278 -14.11 24.84 29.37
CA ARG A 278 -13.28 23.82 30.01
C ARG A 278 -13.67 23.56 31.47
N SER A 279 -14.86 24.00 31.88
CA SER A 279 -15.28 23.96 33.27
C SER A 279 -16.52 23.09 33.35
N HIS A 280 -17.02 22.86 34.55
CA HIS A 280 -18.27 22.12 34.75
C HIS A 280 -19.42 22.60 33.87
N HIS A 281 -19.34 23.86 33.46
CA HIS A 281 -20.35 24.43 32.57
C HIS A 281 -20.20 23.93 31.13
N GLY A 282 -19.03 23.40 30.79
CA GLY A 282 -18.75 22.88 29.45
C GLY A 282 -19.93 22.23 28.80
N GLN A 283 -20.41 21.14 29.39
CA GLN A 283 -21.56 20.42 28.87
C GLN A 283 -22.77 21.33 28.67
N SER A 284 -23.12 22.08 29.71
CA SER A 284 -24.25 23.01 29.67
C SER A 284 -24.06 24.08 28.60
N THR A 285 -22.83 24.55 28.46
CA THR A 285 -22.50 25.57 27.45
C THR A 285 -22.73 25.08 26.02
N VAL A 286 -22.30 23.85 25.73
CA VAL A 286 -22.54 23.27 24.40
C VAL A 286 -24.04 23.21 24.11
N ARG A 287 -24.76 22.64 25.07
CA ARG A 287 -26.22 22.52 25.04
C ARG A 287 -26.89 23.88 24.79
N ILE A 288 -26.42 24.90 25.53
CA ILE A 288 -26.90 26.28 25.38
C ILE A 288 -26.62 26.79 23.98
N LEU A 289 -25.38 26.65 23.54
CA LEU A 289 -24.96 27.10 22.21
C LEU A 289 -25.76 26.46 21.09
N LEU A 290 -26.12 25.19 21.27
CA LEU A 290 -26.91 24.48 20.27
C LEU A 290 -28.33 24.97 20.33
N ASP A 291 -28.83 25.13 21.56
CA ASP A 291 -30.18 25.70 21.80
C ASP A 291 -30.39 26.96 20.97
N PHE A 292 -29.37 27.80 20.84
CA PHE A 292 -29.51 29.00 20.01
C PHE A 292 -29.87 28.59 18.59
N LEU A 293 -29.36 27.43 18.18
CA LEU A 293 -29.70 26.87 16.89
C LEU A 293 -31.00 26.05 16.94
N ARG A 294 -31.07 25.11 17.89
CA ARG A 294 -32.24 24.22 18.05
C ARG A 294 -33.50 24.98 18.48
N SER A 295 -33.45 25.74 19.58
CA SER A 295 -34.51 26.69 19.97
C SER A 295 -35.06 27.53 18.81
N TYR A 296 -34.20 27.92 17.87
CA TYR A 296 -34.57 28.92 16.86
C TYR A 296 -35.97 28.63 16.27
N SER A 297 -36.68 29.69 15.91
CA SER A 297 -37.93 29.55 15.16
C SER A 297 -38.21 30.89 14.47
N PRO A 298 -38.21 30.89 13.13
CA PRO A 298 -38.48 32.12 12.35
C PRO A 298 -39.76 32.88 12.78
N ASN A 299 -39.58 34.04 13.43
CA ASN A 299 -40.67 34.80 14.06
C ASN A 299 -41.12 36.02 13.23
N PRO A 300 -42.44 36.15 12.97
CA PRO A 300 -43.03 37.32 12.31
C PRO A 300 -42.58 38.69 12.87
N ASP A 301 -42.43 38.79 14.18
CA ASP A 301 -41.87 39.98 14.82
C ASP A 301 -40.36 40.09 14.54
N LYS A 302 -39.96 41.10 13.76
CA LYS A 302 -38.54 41.28 13.40
C LYS A 302 -37.64 41.74 14.57
N ASN A 303 -38.21 42.25 15.66
CA ASN A 303 -37.41 42.48 16.88
C ASN A 303 -36.92 41.14 17.47
N ARG A 304 -37.81 40.14 17.46
CA ARG A 304 -37.48 38.77 17.88
C ARG A 304 -36.55 38.12 16.88
N GLU A 305 -37.02 37.95 15.64
CA GLU A 305 -36.23 37.33 14.56
C GLU A 305 -34.76 37.76 14.72
N LYS A 306 -34.51 39.04 14.93
CA LYS A 306 -33.14 39.51 15.07
C LYS A 306 -32.54 39.21 16.44
N ASP A 307 -33.36 39.35 17.49
CA ASP A 307 -32.93 39.00 18.84
C ASP A 307 -32.37 37.57 18.88
N THR A 308 -33.11 36.63 18.29
CA THR A 308 -32.67 35.23 18.25
C THR A 308 -31.59 34.98 17.19
N VAL A 309 -31.65 35.70 16.06
CA VAL A 309 -30.60 35.64 15.03
C VAL A 309 -29.26 36.14 15.59
N ARG A 310 -29.30 37.27 16.30
CA ARG A 310 -28.13 37.75 17.03
C ARG A 310 -27.49 36.55 17.70
N ASP A 311 -28.27 35.87 18.53
CA ASP A 311 -27.83 34.69 19.27
C ASP A 311 -27.29 33.59 18.37
N VAL A 312 -27.97 33.35 17.26
CA VAL A 312 -27.58 32.29 16.34
C VAL A 312 -26.20 32.55 15.73
N ARG A 313 -25.95 33.77 15.26
CA ARG A 313 -24.68 34.09 14.61
C ARG A 313 -23.50 33.98 15.56
N GLY A 314 -23.76 34.20 16.84
CA GLY A 314 -22.71 34.16 17.84
C GLY A 314 -22.36 32.71 18.11
N ALA A 315 -23.41 31.93 18.38
CA ALA A 315 -23.32 30.48 18.57
C ALA A 315 -22.50 29.83 17.47
N LEU A 316 -22.70 30.27 16.24
CA LEU A 316 -21.91 29.78 15.12
C LEU A 316 -20.45 30.12 15.33
N SER A 317 -20.19 31.37 15.68
CA SER A 317 -18.84 31.88 15.84
C SER A 317 -18.13 31.06 16.91
N VAL A 318 -18.81 30.87 18.03
CA VAL A 318 -18.21 30.23 19.18
C VAL A 318 -18.09 28.74 18.92
N LEU A 319 -19.07 28.19 18.21
CA LEU A 319 -19.06 26.77 17.86
C LEU A 319 -17.93 26.45 16.90
N GLN A 320 -17.73 27.30 15.92
CA GLN A 320 -16.66 27.07 14.97
C GLN A 320 -15.35 27.02 15.71
N LYS A 321 -15.20 27.89 16.69
CA LYS A 321 -13.99 27.94 17.50
C LYS A 321 -13.93 26.72 18.44
N LEU A 322 -15.05 26.42 19.11
CA LEU A 322 -15.09 25.27 19.98
C LEU A 322 -14.78 23.98 19.27
N LEU A 323 -15.39 23.76 18.11
CA LEU A 323 -15.21 22.52 17.35
C LEU A 323 -13.78 22.23 16.89
N ARG A 324 -12.85 23.16 17.02
CA ARG A 324 -11.45 22.85 16.75
C ARG A 324 -10.76 22.23 17.97
N LYS A 325 -11.49 22.13 19.08
CA LYS A 325 -10.92 21.62 20.31
C LYS A 325 -11.15 20.13 20.52
N THR A 326 -10.39 19.60 21.48
CA THR A 326 -10.31 18.15 21.76
C THR A 326 -10.47 17.89 23.26
N ALA A 327 -11.06 16.76 23.61
CA ALA A 327 -11.29 16.37 25.02
C ALA A 327 -10.04 16.50 25.89
N GLU A 328 -8.88 16.22 25.31
CA GLU A 328 -7.58 16.32 25.99
C GLU A 328 -7.25 17.75 26.34
N LYS A 329 -7.41 18.66 25.38
CA LYS A 329 -7.25 20.09 25.65
C LYS A 329 -8.23 20.57 26.74
N GLY A 330 -9.20 19.71 27.05
CA GLY A 330 -10.11 19.92 28.18
C GLY A 330 -11.49 20.37 27.74
N TYR A 331 -11.71 20.47 26.43
CA TYR A 331 -12.92 21.07 25.88
C TYR A 331 -14.00 20.02 25.65
N PRO A 332 -15.27 20.40 25.84
CA PRO A 332 -16.38 19.48 25.67
C PRO A 332 -16.63 19.20 24.20
N GLN A 333 -16.97 17.97 23.86
CA GLN A 333 -17.26 17.63 22.49
C GLN A 333 -18.70 17.99 22.15
N VAL A 334 -18.97 18.15 20.86
CA VAL A 334 -20.30 18.50 20.38
C VAL A 334 -20.91 17.32 19.61
N PRO A 335 -22.22 17.06 19.81
CA PRO A 335 -22.86 15.99 19.05
C PRO A 335 -23.08 16.37 17.60
N LEU A 336 -22.64 15.50 16.69
CA LEU A 336 -22.77 15.83 15.29
C LEU A 336 -24.24 15.92 14.91
N SER A 337 -25.02 14.92 15.30
CA SER A 337 -26.46 14.88 15.01
C SER A 337 -27.13 16.19 15.41
N LEU A 338 -27.06 16.52 16.71
CA LEU A 338 -27.54 17.79 17.25
C LEU A 338 -27.04 18.99 16.44
N LEU A 339 -25.73 19.09 16.30
CA LEU A 339 -25.15 20.21 15.59
C LEU A 339 -25.84 20.41 14.28
N VAL A 340 -25.94 19.34 13.51
CA VAL A 340 -26.54 19.38 12.18
C VAL A 340 -28.03 19.67 12.30
N GLY A 341 -28.67 19.10 13.31
CA GLY A 341 -30.07 19.40 13.60
C GLY A 341 -30.24 20.90 13.80
N GLY A 342 -29.35 21.47 14.61
CA GLY A 342 -29.32 22.91 14.85
C GLY A 342 -29.02 23.72 13.59
N LEU A 343 -28.06 23.25 12.80
CA LEU A 343 -27.62 23.99 11.62
C LEU A 343 -28.68 24.08 10.53
N ALA A 344 -29.57 23.08 10.50
CA ALA A 344 -30.58 23.01 9.44
C ALA A 344 -31.58 24.16 9.59
N ASN A 345 -32.22 24.21 10.76
CA ASN A 345 -33.12 25.30 11.14
C ASN A 345 -32.62 26.61 10.56
N VAL A 346 -31.38 26.95 10.92
CA VAL A 346 -30.82 28.25 10.63
C VAL A 346 -30.69 28.50 9.15
N SER A 347 -30.13 27.54 8.41
CA SER A 347 -29.81 27.73 6.99
C SER A 347 -30.96 28.22 6.10
N LYS A 348 -32.19 28.00 6.56
CA LYS A 348 -33.38 28.49 5.87
C LYS A 348 -33.39 30.02 5.81
N SER A 349 -33.35 30.65 6.98
CA SER A 349 -33.50 32.12 7.10
C SER A 349 -32.36 32.86 6.39
N SER A 350 -32.21 34.14 6.75
CA SER A 350 -30.96 34.90 6.54
C SER A 350 -30.51 35.06 5.08
N SER A 351 -29.30 35.60 4.93
CA SER A 351 -28.69 35.77 3.63
C SER A 351 -27.17 35.96 3.76
N THR A 352 -26.52 36.46 2.70
CA THR A 352 -25.07 36.36 2.45
C THR A 352 -24.20 35.99 3.63
N ARG A 353 -23.98 36.92 4.54
CA ARG A 353 -23.03 36.70 5.62
C ARG A 353 -23.39 35.50 6.53
N VAL A 354 -24.67 35.21 6.77
CA VAL A 354 -25.08 34.06 7.63
C VAL A 354 -24.88 32.72 6.94
N ALA A 355 -25.48 32.57 5.77
CA ALA A 355 -25.16 31.46 4.93
C ALA A 355 -23.65 31.31 4.86
N THR A 356 -22.93 32.43 4.69
CA THR A 356 -21.46 32.38 4.67
C THR A 356 -20.88 31.74 5.95
N GLU A 357 -21.48 32.03 7.11
CA GLU A 357 -21.01 31.49 8.41
C GLU A 357 -21.32 30.01 8.56
N ILE A 358 -22.60 29.65 8.40
CA ILE A 358 -22.99 28.23 8.33
C ILE A 358 -21.93 27.43 7.57
N LEU A 359 -21.60 27.92 6.38
CA LEU A 359 -20.58 27.31 5.55
C LEU A 359 -19.22 27.34 6.22
N ARG A 360 -18.83 28.49 6.76
CA ARG A 360 -17.48 28.63 7.31
C ARG A 360 -17.25 27.62 8.43
N LEU A 361 -18.28 27.38 9.22
CA LEU A 361 -18.26 26.34 10.25
C LEU A 361 -18.01 25.00 9.59
N ILE A 362 -18.90 24.63 8.68
CA ILE A 362 -18.80 23.36 7.97
C ILE A 362 -17.42 23.25 7.33
N ASN A 363 -16.92 24.32 6.75
CA ASN A 363 -15.59 24.27 6.17
C ASN A 363 -14.49 24.02 7.18
N SER A 364 -14.70 24.44 8.41
CA SER A 364 -13.70 24.19 9.44
C SER A 364 -13.79 22.77 9.98
N LEU A 365 -14.94 22.12 9.79
CA LEU A 365 -15.09 20.70 10.10
C LEU A 365 -14.36 19.77 9.12
N PHE A 366 -14.38 20.08 7.83
CA PHE A 366 -13.74 19.22 6.85
C PHE A 366 -12.26 19.49 6.74
N HIS A 367 -11.82 20.67 7.15
CA HIS A 367 -10.39 21.01 7.19
C HIS A 367 -10.10 21.80 8.45
N GLY A 368 -9.21 21.29 9.29
CA GLY A 368 -8.83 22.02 10.49
C GLY A 368 -7.77 21.28 11.26
N ASN A 372 -6.47 18.30 8.48
CA ASN A 372 -7.23 17.11 8.86
C ASN A 372 -8.69 17.39 9.12
N ILE A 373 -9.52 16.47 8.62
CA ILE A 373 -10.92 16.31 8.99
C ILE A 373 -11.10 16.41 10.50
N ASN A 374 -12.23 16.93 10.92
CA ASN A 374 -12.55 17.03 12.33
C ASN A 374 -13.07 15.67 12.79
N PRO A 375 -12.61 15.22 13.98
CA PRO A 375 -13.01 13.91 14.52
C PRO A 375 -14.51 13.71 14.60
N ILE A 376 -15.24 14.76 14.98
CA ILE A 376 -16.70 14.71 15.12
C ILE A 376 -17.40 14.04 13.93
N LEU A 377 -16.85 14.18 12.72
CA LEU A 377 -17.54 13.62 11.59
C LEU A 377 -16.83 12.43 10.91
N VAL A 378 -15.88 11.76 11.57
CA VAL A 378 -15.16 10.67 10.91
C VAL A 378 -15.99 9.39 10.78
N GLU A 379 -16.73 9.01 11.82
CA GLU A 379 -17.47 7.73 11.78
C GLU A 379 -18.90 7.88 11.27
N GLU A 380 -19.18 8.93 10.50
CA GLU A 380 -20.54 9.46 10.39
C GLU A 380 -21.04 9.68 8.96
N HIS A 381 -22.36 9.60 8.79
CA HIS A 381 -23.01 9.91 7.52
C HIS A 381 -22.90 11.39 7.20
N TRP A 382 -22.49 11.74 5.99
CA TRP A 382 -22.23 13.14 5.63
C TRP A 382 -23.33 13.78 4.79
N GLU A 383 -24.33 13.00 4.36
CA GLU A 383 -25.48 13.55 3.62
C GLU A 383 -26.16 14.64 4.43
N PRO A 384 -26.52 14.35 5.69
CA PRO A 384 -27.23 15.39 6.42
C PRO A 384 -26.50 16.73 6.32
N ILE A 385 -25.19 16.72 6.61
CA ILE A 385 -24.38 17.95 6.59
C ILE A 385 -24.27 18.51 5.20
N PHE A 386 -24.07 17.63 4.23
CA PHE A 386 -24.00 18.06 2.83
C PHE A 386 -25.30 18.72 2.36
N ASP A 387 -26.42 18.32 2.95
CA ASP A 387 -27.72 18.87 2.57
C ASP A 387 -27.84 20.31 3.08
N VAL A 388 -27.39 20.54 4.32
CA VAL A 388 -27.29 21.90 4.85
C VAL A 388 -26.36 22.73 3.97
N ALA A 389 -25.18 22.20 3.71
CA ALA A 389 -24.19 22.92 2.93
C ALA A 389 -24.80 23.45 1.66
N ALA A 390 -25.61 22.63 1.00
CA ALA A 390 -26.21 22.97 -0.28
C ALA A 390 -27.23 24.08 -0.14
N GLN A 391 -28.05 23.98 0.90
CA GLN A 391 -28.99 25.04 1.22
C GLN A 391 -28.31 26.42 1.31
N CYS A 392 -27.07 26.47 1.81
CA CYS A 392 -26.29 27.72 1.83
C CYS A 392 -25.83 28.15 0.44
N ALA A 393 -25.88 27.22 -0.52
CA ALA A 393 -25.64 27.53 -1.93
C ALA A 393 -26.85 28.19 -2.57
N THR A 394 -28.02 28.06 -1.94
CA THR A 394 -29.22 28.79 -2.37
C THR A 394 -29.02 30.29 -2.17
N LYS A 395 -28.20 30.65 -1.20
CA LYS A 395 -27.86 32.04 -0.99
C LYS A 395 -26.59 32.44 -1.73
N ALA A 396 -26.37 31.84 -2.90
CA ALA A 396 -25.43 32.37 -3.90
C ALA A 396 -24.00 32.54 -3.39
N PRO A 410 -26.43 38.00 -26.25
CA PRO A 410 -25.60 38.99 -26.95
C PRO A 410 -24.26 39.26 -26.24
N THR A 411 -23.12 38.96 -26.89
CA THR A 411 -21.80 39.01 -26.22
C THR A 411 -21.62 40.29 -25.39
N VAL A 412 -22.30 41.35 -25.83
CA VAL A 412 -22.47 42.58 -25.06
C VAL A 412 -23.00 42.35 -23.63
N ALA A 413 -24.22 41.84 -23.51
CA ALA A 413 -24.96 41.80 -22.23
C ALA A 413 -24.25 41.14 -21.04
N LYS A 414 -23.17 40.40 -21.28
CA LYS A 414 -22.46 39.71 -20.19
C LYS A 414 -21.78 40.71 -19.24
N GLU A 415 -22.36 40.86 -18.05
CA GLU A 415 -21.86 41.75 -17.02
C GLU A 415 -21.37 40.93 -15.82
N ASN A 422 -19.47 36.49 -1.15
CA ASN A 422 -19.18 35.83 0.11
C ASN A 422 -19.47 34.32 0.05
N VAL A 423 -20.73 33.92 0.22
CA VAL A 423 -21.11 32.52 0.15
C VAL A 423 -20.31 31.79 -0.93
N SER A 424 -20.29 32.40 -2.10
CA SER A 424 -19.53 31.91 -3.23
C SER A 424 -18.07 31.58 -2.89
N LEU A 425 -17.48 32.32 -1.95
CA LEU A 425 -16.09 32.08 -1.53
C LEU A 425 -15.97 30.79 -0.72
N GLN A 426 -17.00 30.48 0.07
CA GLN A 426 -16.98 29.32 0.95
C GLN A 426 -17.26 28.02 0.18
N LEU A 427 -18.16 28.08 -0.80
CA LEU A 427 -18.43 26.92 -1.64
C LEU A 427 -17.19 26.48 -2.41
N LYS A 428 -16.53 27.42 -3.08
CA LYS A 428 -15.26 27.12 -3.74
C LYS A 428 -14.27 26.50 -2.76
N HIS A 429 -14.33 26.89 -1.49
CA HIS A 429 -13.47 26.31 -0.45
C HIS A 429 -13.86 24.87 -0.11
N LEU A 430 -15.16 24.63 0.02
CA LEU A 430 -15.69 23.31 0.39
C LEU A 430 -15.60 22.30 -0.78
N ILE A 431 -16.11 22.69 -1.93
CA ILE A 431 -15.95 21.88 -3.11
C ILE A 431 -14.50 21.43 -3.17
N LEU A 432 -13.55 22.36 -3.10
CA LEU A 432 -12.15 21.99 -3.24
C LEU A 432 -11.75 20.94 -2.20
N ARG A 433 -12.18 21.16 -0.96
CA ARG A 433 -11.85 20.23 0.14
C ARG A 433 -12.50 18.85 -0.04
N VAL A 434 -13.80 18.82 -0.33
CA VAL A 434 -14.52 17.57 -0.52
C VAL A 434 -13.96 16.83 -1.72
N GLU A 435 -13.61 17.61 -2.72
CA GLU A 435 -12.93 17.14 -3.90
C GLU A 435 -11.61 16.48 -3.53
N ASN A 436 -10.83 17.14 -2.68
CA ASN A 436 -9.55 16.60 -2.24
C ASN A 436 -9.67 15.34 -1.41
N LEU A 437 -10.73 15.27 -0.58
CA LEU A 437 -10.91 14.13 0.31
C LEU A 437 -11.16 12.88 -0.52
N ILE A 438 -11.98 13.01 -1.55
CA ILE A 438 -12.24 11.92 -2.45
C ILE A 438 -10.94 11.49 -3.10
N VAL A 439 -10.21 12.46 -3.64
CA VAL A 439 -9.02 12.13 -4.40
C VAL A 439 -8.01 11.45 -3.51
N HIS A 440 -7.77 12.00 -2.33
CA HIS A 440 -6.69 11.47 -1.52
C HIS A 440 -6.99 10.18 -0.76
N GLN A 441 -8.22 10.01 -0.28
CA GLN A 441 -8.62 8.74 0.32
C GLN A 441 -9.20 7.73 -0.70
N GLY A 442 -10.25 8.12 -1.41
CA GLY A 442 -10.89 7.20 -2.34
C GLY A 442 -11.64 6.11 -1.60
N PRO A 443 -11.51 4.83 -2.03
CA PRO A 443 -12.26 3.74 -1.37
C PRO A 443 -12.08 3.65 0.16
N GLU A 444 -10.91 4.03 0.67
CA GLU A 444 -10.64 4.08 2.11
C GLU A 444 -11.54 5.08 2.86
N LEU A 445 -12.01 6.11 2.15
CA LEU A 445 -12.98 7.07 2.68
C LEU A 445 -14.40 6.53 2.65
N LEU A 446 -14.92 6.25 3.84
CA LEU A 446 -16.26 5.70 4.01
C LEU A 446 -17.30 6.45 3.16
N GLN A 447 -17.33 7.77 3.36
CA GLN A 447 -18.47 8.60 2.98
C GLN A 447 -18.40 9.11 1.55
N ARG A 448 -17.51 8.53 0.75
CA ARG A 448 -17.24 9.00 -0.60
C ARG A 448 -18.47 9.13 -1.50
N ASP A 449 -19.46 8.25 -1.36
CA ASP A 449 -20.66 8.33 -2.21
C ASP A 449 -21.51 9.54 -1.82
N ASP A 450 -21.57 9.83 -0.51
CA ASP A 450 -22.20 11.07 -0.04
C ASP A 450 -21.41 12.30 -0.53
N CYS A 451 -20.07 12.20 -0.47
CA CYS A 451 -19.23 13.24 -1.04
C CYS A 451 -19.62 13.50 -2.48
N MET A 452 -19.70 12.42 -3.24
CA MET A 452 -19.94 12.52 -4.66
C MET A 452 -21.30 13.09 -5.02
N LYS A 453 -22.34 12.63 -4.33
CA LYS A 453 -23.69 13.15 -4.57
C LYS A 453 -23.73 14.66 -4.32
N PHE A 454 -23.08 15.09 -3.25
CA PHE A 454 -23.00 16.51 -2.92
C PHE A 454 -22.38 17.35 -4.05
N LEU A 455 -21.24 16.91 -4.58
CA LEU A 455 -20.58 17.65 -5.67
C LEU A 455 -21.46 17.76 -6.93
N ILE A 456 -22.26 16.72 -7.19
CA ILE A 456 -23.18 16.76 -8.33
C ILE A 456 -24.24 17.83 -8.11
N ARG A 457 -24.74 17.97 -6.88
CA ARG A 457 -25.71 19.03 -6.54
C ARG A 457 -25.13 20.42 -6.82
N VAL A 458 -23.87 20.60 -6.45
CA VAL A 458 -23.26 21.92 -6.36
C VAL A 458 -22.62 22.39 -7.66
N GLN A 459 -22.02 21.48 -8.42
CA GLN A 459 -21.61 21.84 -9.79
C GLN A 459 -22.80 22.52 -10.47
N HIS A 460 -23.90 21.78 -10.51
CA HIS A 460 -25.16 22.25 -11.06
C HIS A 460 -26.02 22.87 -9.96
N SER B 21 -22.62 11.76 -23.63
CA SER B 21 -23.01 12.99 -22.87
C SER B 21 -21.95 14.08 -23.00
N PRO B 22 -22.38 15.36 -23.05
CA PRO B 22 -21.42 16.46 -23.07
C PRO B 22 -20.67 16.63 -21.74
N GLU B 23 -21.30 16.20 -20.63
CA GLU B 23 -20.65 16.16 -19.33
C GLU B 23 -19.58 15.07 -19.34
N GLN B 24 -20.00 13.87 -19.72
CA GLN B 24 -19.07 12.74 -19.89
C GLN B 24 -17.93 13.08 -20.87
N ALA B 25 -18.24 13.89 -21.89
CA ALA B 25 -17.22 14.35 -22.84
C ALA B 25 -16.11 15.09 -22.10
N ASP B 26 -16.51 16.07 -21.29
CA ASP B 26 -15.60 16.79 -20.37
C ASP B 26 -14.77 15.84 -19.53
N LEU B 27 -15.45 15.03 -18.72
CA LEU B 27 -14.77 14.17 -17.75
C LEU B 27 -13.68 13.33 -18.40
N VAL B 28 -13.97 12.83 -19.60
CA VAL B 28 -13.02 12.00 -20.34
C VAL B 28 -11.81 12.83 -20.79
N ALA B 29 -12.08 14.06 -21.21
CA ALA B 29 -10.99 14.98 -21.54
C ALA B 29 -10.06 15.14 -20.31
N LYS B 30 -10.65 15.42 -19.16
CA LYS B 30 -9.88 15.57 -17.93
C LYS B 30 -9.20 14.25 -17.53
N LEU B 31 -9.92 13.15 -17.72
CA LEU B 31 -9.37 11.82 -17.45
C LEU B 31 -8.14 11.51 -18.32
N LYS B 32 -8.17 11.97 -19.56
CA LYS B 32 -7.03 11.78 -20.46
C LYS B 32 -5.93 12.81 -20.17
N ASN B 33 -6.32 14.08 -20.02
CA ASN B 33 -5.36 15.19 -20.03
C ASN B 33 -5.10 15.89 -18.71
N GLY B 34 -5.91 15.65 -17.69
CA GLY B 34 -5.77 16.37 -16.42
C GLY B 34 -4.45 16.03 -15.74
N HIS B 35 -4.04 16.86 -14.78
CA HIS B 35 -2.95 16.46 -13.89
C HIS B 35 -3.46 15.29 -13.07
N LEU B 36 -2.57 14.44 -12.60
CA LEU B 36 -2.99 13.17 -12.03
C LEU B 36 -4.14 13.30 -11.05
N SER B 37 -4.07 14.28 -10.16
CA SER B 37 -5.14 14.45 -9.17
C SER B 37 -6.46 14.74 -9.87
N GLU B 38 -6.40 15.37 -11.04
CA GLU B 38 -7.60 15.71 -11.79
C GLU B 38 -8.16 14.43 -12.39
N ARG B 39 -7.25 13.59 -12.88
CA ARG B 39 -7.62 12.31 -13.47
C ARG B 39 -8.33 11.42 -12.46
N VAL B 40 -7.84 11.44 -11.22
CA VAL B 40 -8.44 10.66 -10.16
C VAL B 40 -9.88 11.10 -9.90
N LEU B 41 -10.08 12.40 -9.83
CA LEU B 41 -11.41 12.95 -9.62
C LEU B 41 -12.33 12.65 -10.81
N ALA B 42 -11.80 12.77 -12.03
CA ALA B 42 -12.55 12.46 -13.25
C ALA B 42 -12.97 11.00 -13.25
N ALA B 43 -11.99 10.15 -12.97
CA ALA B 43 -12.22 8.75 -12.81
C ALA B 43 -13.40 8.47 -11.90
N ASN B 44 -13.46 9.17 -10.77
CA ASN B 44 -14.50 8.95 -9.80
C ASN B 44 -15.86 9.40 -10.32
N LYS B 45 -15.88 10.54 -11.02
CA LYS B 45 -17.12 11.09 -11.54
C LYS B 45 -17.67 10.23 -12.68
N LEU B 46 -16.82 9.95 -13.66
CA LEU B 46 -17.14 8.99 -14.71
C LEU B 46 -17.66 7.69 -14.14
N ARG B 47 -17.04 7.19 -13.09
CA ARG B 47 -17.52 5.95 -12.55
C ARG B 47 -18.99 6.09 -12.19
N PHE B 48 -19.38 7.29 -11.78
CA PHE B 48 -20.78 7.61 -11.52
C PHE B 48 -21.55 7.73 -12.84
N ALA B 49 -20.96 8.46 -13.79
CA ALA B 49 -21.58 8.69 -15.11
C ALA B 49 -21.89 7.40 -15.83
N VAL B 50 -20.88 6.55 -15.92
CA VAL B 50 -21.02 5.24 -16.53
C VAL B 50 -22.16 4.49 -15.85
N VAL B 51 -22.20 4.51 -14.52
CA VAL B 51 -23.28 3.85 -13.79
C VAL B 51 -24.65 4.35 -14.29
N ASP B 52 -24.73 5.64 -14.60
CA ASP B 52 -25.98 6.26 -15.01
C ASP B 52 -26.25 6.19 -16.53
N PHE B 53 -25.29 5.67 -17.28
CA PHE B 53 -25.42 5.49 -18.72
C PHE B 53 -24.68 4.22 -19.11
N PRO B 54 -25.19 3.07 -18.69
CA PRO B 54 -24.55 1.80 -19.06
C PRO B 54 -24.55 1.52 -20.56
N LEU B 55 -25.65 1.84 -21.24
CA LEU B 55 -25.73 1.70 -22.70
C LEU B 55 -24.67 2.51 -23.45
N ASN B 56 -24.08 3.50 -22.77
CA ASN B 56 -23.09 4.37 -23.42
C ASN B 56 -21.70 3.71 -23.54
N PRO B 57 -20.92 4.12 -24.57
CA PRO B 57 -19.68 3.47 -24.93
C PRO B 57 -18.56 3.74 -23.94
N VAL B 58 -18.02 2.67 -23.37
CA VAL B 58 -16.98 2.79 -22.38
C VAL B 58 -15.59 2.72 -23.02
N HIS B 59 -15.52 2.46 -24.32
CA HIS B 59 -14.24 2.16 -24.93
C HIS B 59 -13.15 3.22 -24.77
N ALA B 60 -13.49 4.48 -25.03
CA ALA B 60 -12.49 5.56 -24.95
C ALA B 60 -12.20 5.89 -23.49
N ILE B 61 -13.22 5.75 -22.65
CA ILE B 61 -13.07 5.85 -21.21
C ILE B 61 -12.08 4.80 -20.72
N TRP B 62 -12.13 3.59 -21.26
CA TRP B 62 -11.22 2.54 -20.85
C TRP B 62 -9.80 2.99 -21.12
N HIS B 63 -9.56 3.50 -22.33
CA HIS B 63 -8.22 3.84 -22.75
C HIS B 63 -7.70 5.03 -21.97
N ALA B 64 -8.57 6.00 -21.77
CA ALA B 64 -8.20 7.16 -20.98
C ALA B 64 -7.56 6.73 -19.65
N ALA B 65 -8.13 5.69 -19.00
CA ALA B 65 -7.86 5.35 -17.61
C ALA B 65 -6.91 4.20 -17.36
N LYS B 66 -6.78 3.27 -18.31
CA LYS B 66 -6.06 2.01 -18.05
C LYS B 66 -4.65 2.15 -17.50
N ASP B 67 -3.96 3.24 -17.85
CA ASP B 67 -2.61 3.49 -17.34
C ASP B 67 -2.57 3.72 -15.84
N MET B 68 -3.66 4.27 -15.28
CA MET B 68 -3.76 4.59 -13.83
C MET B 68 -3.73 3.35 -12.91
N ILE B 69 -3.93 2.17 -13.51
CA ILE B 69 -3.89 0.90 -12.81
C ILE B 69 -2.48 0.42 -12.60
N HIS B 70 -1.53 1.04 -13.28
CA HIS B 70 -0.15 0.59 -13.23
C HIS B 70 0.35 0.62 -11.80
N PRO B 71 1.11 -0.40 -11.39
CA PRO B 71 1.52 -0.43 -9.97
C PRO B 71 2.41 0.74 -9.54
N GLU B 72 3.02 1.44 -10.48
CA GLU B 72 3.87 2.62 -10.16
C GLU B 72 3.04 3.76 -9.55
N ASN B 73 1.74 3.81 -9.89
CA ASN B 73 0.84 4.83 -9.35
C ASN B 73 0.52 4.59 -7.87
N PRO B 74 0.12 5.65 -7.15
CA PRO B 74 -0.32 5.53 -5.77
C PRO B 74 -1.71 4.91 -5.63
N ASP B 75 -1.95 4.27 -4.51
CA ASP B 75 -3.21 3.64 -4.21
C ASP B 75 -4.43 4.37 -4.74
N ASN B 76 -4.60 5.62 -4.30
CA ASN B 76 -5.80 6.41 -4.62
C ASN B 76 -6.08 6.45 -6.12
N ALA B 77 -5.03 6.42 -6.92
CA ALA B 77 -5.19 6.48 -8.37
C ALA B 77 -5.41 5.11 -9.00
N ARG B 78 -4.81 4.07 -8.45
CA ARG B 78 -5.02 2.75 -9.01
C ARG B 78 -6.43 2.37 -8.65
N GLN B 79 -6.78 2.59 -7.40
CA GLN B 79 -8.08 2.21 -6.89
C GLN B 79 -9.22 2.87 -7.64
N ALA B 80 -9.20 4.20 -7.73
CA ALA B 80 -10.29 4.91 -8.41
C ALA B 80 -10.40 4.49 -9.90
N SER B 81 -9.29 4.05 -10.47
CA SER B 81 -9.28 3.57 -11.85
C SER B 81 -9.86 2.16 -11.98
N TRP B 82 -9.47 1.26 -11.09
CA TRP B 82 -10.01 -0.09 -11.06
C TRP B 82 -11.53 -0.08 -10.96
N GLU B 83 -12.04 0.80 -10.12
CA GLU B 83 -13.46 0.91 -9.93
C GLU B 83 -14.17 1.40 -11.16
N LEU B 84 -13.46 2.22 -11.95
CA LEU B 84 -14.03 2.75 -13.17
C LEU B 84 -14.00 1.65 -14.22
N LEU B 85 -12.91 0.88 -14.22
CA LEU B 85 -12.74 -0.19 -15.21
C LEU B 85 -13.74 -1.32 -14.98
N ILE B 86 -13.96 -1.61 -13.71
CA ILE B 86 -14.92 -2.61 -13.29
C ILE B 86 -16.33 -2.27 -13.79
N GLU B 87 -16.69 -0.99 -13.68
CA GLU B 87 -17.99 -0.56 -14.19
C GLU B 87 -18.00 -0.65 -15.70
N CYS B 88 -16.87 -0.36 -16.35
CA CYS B 88 -16.78 -0.39 -17.80
C CYS B 88 -16.97 -1.81 -18.40
N VAL B 89 -16.32 -2.80 -17.83
CA VAL B 89 -16.40 -4.14 -18.40
C VAL B 89 -17.82 -4.68 -18.40
N LYS B 90 -18.69 -4.18 -17.53
CA LYS B 90 -20.09 -4.61 -17.46
C LYS B 90 -20.86 -4.27 -18.74
N TYR B 91 -20.47 -3.20 -19.42
CA TYR B 91 -21.03 -2.82 -20.72
C TYR B 91 -21.32 -4.06 -21.57
N PRO B 92 -22.58 -4.20 -22.02
CA PRO B 92 -22.98 -5.45 -22.65
C PRO B 92 -22.40 -5.64 -24.04
N ASN B 93 -22.61 -4.67 -24.92
CA ASN B 93 -22.29 -4.89 -26.32
C ASN B 93 -20.87 -4.46 -26.68
N SER B 94 -19.89 -4.97 -25.94
CA SER B 94 -18.48 -4.81 -26.32
C SER B 94 -18.19 -5.77 -27.45
N THR B 95 -17.25 -5.43 -28.33
CA THR B 95 -16.83 -6.36 -29.36
C THR B 95 -15.86 -7.33 -28.72
N GLU B 96 -15.49 -8.35 -29.47
CA GLU B 96 -14.61 -9.40 -29.00
C GLU B 96 -13.18 -8.89 -28.91
N LEU B 97 -12.77 -8.06 -29.86
CA LEU B 97 -11.45 -7.47 -29.80
C LEU B 97 -11.33 -6.51 -28.61
N GLU B 98 -12.45 -5.87 -28.26
CA GLU B 98 -12.50 -4.94 -27.12
C GLU B 98 -12.42 -5.74 -25.79
N ARG B 99 -13.15 -6.85 -25.72
CA ARG B 99 -13.06 -7.74 -24.57
C ARG B 99 -11.65 -8.29 -24.40
N SER B 100 -10.96 -8.52 -25.50
CA SER B 100 -9.62 -9.03 -25.41
C SER B 100 -8.71 -8.00 -24.79
N GLU B 101 -8.96 -6.72 -25.05
CA GLU B 101 -8.07 -5.69 -24.57
C GLU B 101 -8.31 -5.40 -23.10
N TYR B 102 -9.57 -5.55 -22.70
CA TYR B 102 -9.91 -5.43 -21.31
C TYR B 102 -9.27 -6.57 -20.51
N PHE B 103 -9.38 -7.80 -20.98
CA PHE B 103 -8.78 -8.91 -20.27
C PHE B 103 -7.26 -8.72 -20.04
N HIS B 104 -6.53 -8.26 -21.05
CA HIS B 104 -5.09 -8.13 -20.87
C HIS B 104 -4.71 -6.97 -19.98
N THR B 105 -5.50 -5.89 -20.03
CA THR B 105 -5.34 -4.77 -19.13
C THR B 105 -5.58 -5.22 -17.69
N LEU B 106 -6.71 -5.88 -17.44
CA LEU B 106 -7.06 -6.23 -16.08
C LEU B 106 -6.27 -7.40 -15.48
N THR B 107 -5.68 -8.26 -16.29
CA THR B 107 -5.08 -9.48 -15.79
C THR B 107 -3.58 -9.44 -15.63
N GLY B 108 -2.93 -8.53 -16.33
CA GLY B 108 -1.48 -8.43 -16.32
C GLY B 108 -0.88 -7.80 -15.06
N PRO B 109 0.40 -7.40 -15.14
CA PRO B 109 1.12 -6.77 -14.04
C PRO B 109 0.27 -5.80 -13.24
N ALA B 110 0.07 -6.10 -11.96
CA ALA B 110 -0.76 -5.26 -11.11
C ALA B 110 -0.30 -5.40 -9.68
N HIS B 111 -0.61 -4.39 -8.88
CA HIS B 111 -0.14 -4.34 -7.51
C HIS B 111 -0.76 -5.47 -6.71
N SER B 112 0.04 -6.11 -5.87
CA SER B 112 -0.43 -7.20 -5.02
C SER B 112 -1.69 -6.79 -4.25
N LYS B 113 -1.73 -5.54 -3.84
CA LYS B 113 -2.84 -5.02 -3.06
C LYS B 113 -4.13 -4.93 -3.86
N ASP B 114 -4.03 -4.94 -5.19
CA ASP B 114 -5.19 -4.79 -6.07
C ASP B 114 -5.83 -6.09 -6.53
N PHE B 115 -5.41 -7.24 -6.03
CA PHE B 115 -5.95 -8.49 -6.53
C PHE B 115 -7.48 -8.56 -6.42
N CYS B 116 -8.06 -7.98 -5.37
CA CYS B 116 -9.50 -8.05 -5.19
C CYS B 116 -10.16 -7.43 -6.41
N TYR B 117 -9.64 -6.28 -6.83
CA TYR B 117 -10.17 -5.59 -8.00
C TYR B 117 -10.04 -6.39 -9.30
N GLN B 118 -8.90 -7.06 -9.50
CA GLN B 118 -8.70 -7.90 -10.68
C GLN B 118 -9.71 -9.03 -10.77
N LEU B 119 -9.81 -9.76 -9.67
CA LEU B 119 -10.81 -10.79 -9.41
C LEU B 119 -12.18 -10.32 -9.84
N VAL B 120 -12.61 -9.20 -9.26
CA VAL B 120 -13.94 -8.67 -9.52
C VAL B 120 -14.05 -8.28 -11.01
N ALA B 121 -13.02 -7.63 -11.52
CA ALA B 121 -13.03 -7.23 -12.91
C ALA B 121 -13.25 -8.44 -13.78
N LEU B 122 -12.45 -9.47 -13.55
CA LEU B 122 -12.54 -10.62 -14.38
C LEU B 122 -13.92 -11.29 -14.23
N GLU B 123 -14.36 -11.40 -13.00
CA GLU B 123 -15.68 -11.92 -12.71
C GLU B 123 -16.75 -11.15 -13.48
N GLN B 124 -16.68 -9.82 -13.46
CA GLN B 124 -17.66 -9.00 -14.18
C GLN B 124 -17.45 -9.05 -15.68
N LEU B 125 -16.21 -9.09 -16.13
CA LEU B 125 -15.94 -9.19 -17.56
C LEU B 125 -16.59 -10.44 -18.12
N THR B 126 -16.47 -11.54 -17.38
CA THR B 126 -16.95 -12.84 -17.84
C THR B 126 -18.41 -13.11 -17.47
N ASN B 127 -18.99 -12.27 -16.61
CA ASN B 127 -20.34 -12.47 -16.12
C ASN B 127 -20.39 -13.73 -15.28
N HIS B 128 -19.48 -13.80 -14.32
CA HIS B 128 -19.35 -14.95 -13.42
C HIS B 128 -19.02 -16.22 -14.18
N GLY B 129 -18.17 -16.10 -15.18
CA GLY B 129 -17.52 -17.26 -15.79
C GLY B 129 -18.22 -17.73 -17.03
N ARG B 130 -19.30 -17.04 -17.38
CA ARG B 130 -20.18 -17.44 -18.47
C ARG B 130 -19.59 -17.10 -19.80
N ASN B 131 -18.98 -15.92 -19.92
CA ASN B 131 -18.50 -15.41 -21.19
C ASN B 131 -17.02 -15.08 -21.14
N ILE B 132 -16.22 -15.78 -21.93
CA ILE B 132 -14.80 -15.57 -21.98
C ILE B 132 -14.33 -15.32 -23.42
N ALA B 133 -15.26 -14.86 -24.26
CA ALA B 133 -14.94 -14.50 -25.62
C ALA B 133 -13.94 -13.35 -25.62
N GLY B 134 -12.89 -13.51 -26.43
CA GLY B 134 -11.77 -12.59 -26.48
C GLY B 134 -10.52 -13.15 -25.82
N PHE B 135 -10.72 -14.08 -24.90
CA PHE B 135 -9.63 -14.69 -24.16
C PHE B 135 -9.97 -16.14 -23.86
N TYR B 136 -10.81 -16.74 -24.72
CA TYR B 136 -11.06 -18.17 -24.75
C TYR B 136 -9.88 -19.02 -24.26
N TYR B 137 -8.72 -18.79 -24.86
CA TYR B 137 -7.58 -19.64 -24.65
C TYR B 137 -6.65 -19.15 -23.58
N GLU B 138 -6.88 -17.96 -23.07
CA GLU B 138 -6.04 -17.38 -22.01
C GLU B 138 -6.61 -17.56 -20.60
N MET B 139 -7.91 -17.82 -20.51
CA MET B 139 -8.64 -17.82 -19.26
C MET B 139 -8.17 -18.83 -18.24
N PHE B 140 -8.05 -20.10 -18.61
CA PHE B 140 -7.74 -21.19 -17.66
C PHE B 140 -6.31 -21.17 -17.10
N PRO B 141 -5.34 -20.91 -17.96
CA PRO B 141 -3.99 -20.69 -17.45
C PRO B 141 -3.93 -19.53 -16.48
N LEU B 142 -4.72 -18.50 -16.72
CA LEU B 142 -4.73 -17.36 -15.85
C LEU B 142 -5.27 -17.77 -14.49
N LEU B 143 -6.42 -18.47 -14.49
CA LEU B 143 -7.04 -18.92 -13.22
C LEU B 143 -6.07 -19.76 -12.42
N THR B 144 -5.42 -20.68 -13.09
CA THR B 144 -4.46 -21.53 -12.43
C THR B 144 -3.35 -20.71 -11.79
N LEU B 145 -2.92 -19.68 -12.48
CA LEU B 145 -1.89 -18.81 -11.96
C LEU B 145 -2.39 -18.14 -10.67
N TRP B 146 -3.53 -17.51 -10.78
CA TRP B 146 -4.14 -16.81 -9.68
C TRP B 146 -4.46 -17.70 -8.48
N LEU B 147 -4.70 -18.99 -8.72
CA LEU B 147 -4.94 -19.90 -7.62
C LEU B 147 -3.72 -19.96 -6.75
N ASN B 148 -2.57 -20.13 -7.42
CA ASN B 148 -1.30 -20.25 -6.73
C ASN B 148 -1.09 -18.99 -5.93
N GLN B 149 -1.17 -17.84 -6.60
CA GLN B 149 -1.05 -16.57 -5.92
C GLN B 149 -2.01 -16.49 -4.75
N ALA B 150 -3.28 -16.77 -5.02
CA ALA B 150 -4.32 -16.47 -4.04
C ALA B 150 -4.18 -17.34 -2.82
N TYR B 151 -3.93 -18.61 -3.05
CA TYR B 151 -3.69 -19.51 -1.94
C TYR B 151 -2.46 -19.06 -1.14
N ARG B 152 -1.32 -18.91 -1.81
CA ARG B 152 -0.07 -18.45 -1.17
C ARG B 152 -0.34 -17.28 -0.21
N ALA B 153 -1.13 -16.32 -0.67
CA ALA B 153 -1.42 -15.13 0.12
C ALA B 153 -2.37 -15.39 1.26
N ALA B 154 -3.20 -16.42 1.15
CA ALA B 154 -4.08 -16.74 2.28
C ALA B 154 -3.30 -17.47 3.35
N ARG B 155 -2.41 -18.36 2.92
CA ARG B 155 -1.70 -19.19 3.88
C ARG B 155 -0.81 -18.31 4.74
N ASP B 156 -0.19 -17.33 4.11
CA ASP B 156 0.69 -16.43 4.80
C ASP B 156 -0.10 -15.63 5.83
N ALA B 157 -1.18 -14.97 5.40
CA ALA B 157 -2.06 -14.25 6.33
C ALA B 157 -2.40 -15.08 7.55
N ARG B 158 -2.77 -16.34 7.30
CA ARG B 158 -3.14 -17.29 8.34
C ARG B 158 -1.96 -17.70 9.23
N LYS B 159 -0.76 -17.71 8.67
CA LYS B 159 0.46 -18.00 9.45
C LYS B 159 0.72 -16.86 10.42
N LEU B 160 0.67 -15.65 9.88
CA LEU B 160 0.94 -14.46 10.66
C LEU B 160 -0.23 -14.17 11.58
N ALA B 161 -1.39 -14.74 11.32
CA ALA B 161 -2.48 -14.67 12.28
C ALA B 161 -2.15 -15.56 13.48
N LEU B 162 -1.84 -16.83 13.22
CA LEU B 162 -1.39 -17.74 14.26
C LEU B 162 -0.19 -17.17 15.04
N ALA B 163 0.75 -16.55 14.31
CA ALA B 163 1.89 -15.88 14.94
C ALA B 163 1.45 -14.65 15.71
N PRO B 176 -13.17 -14.82 12.20
CA PRO B 176 -13.46 -14.17 10.91
C PRO B 176 -12.45 -14.50 9.82
N ALA B 177 -12.81 -14.16 8.59
CA ALA B 177 -12.04 -14.50 7.40
C ALA B 177 -11.22 -13.30 6.94
N SER B 178 -9.96 -13.53 6.61
CA SER B 178 -9.11 -12.45 6.13
C SER B 178 -9.51 -12.04 4.70
N PRO B 179 -9.20 -10.79 4.31
CA PRO B 179 -9.41 -10.43 2.92
C PRO B 179 -8.82 -11.48 1.96
N GLU B 180 -7.73 -12.14 2.37
CA GLU B 180 -7.09 -13.15 1.53
C GLU B 180 -7.93 -14.41 1.48
N ASP B 181 -8.49 -14.80 2.61
CA ASP B 181 -9.48 -15.88 2.64
C ASP B 181 -10.66 -15.57 1.73
N LYS B 182 -11.14 -14.34 1.75
CA LYS B 182 -12.30 -13.95 0.98
C LYS B 182 -11.97 -13.94 -0.50
N ASN B 183 -10.78 -13.46 -0.83
CA ASN B 183 -10.31 -13.46 -2.21
C ASN B 183 -10.27 -14.87 -2.77
N LEU B 184 -9.68 -15.76 -1.99
CA LEU B 184 -9.52 -17.17 -2.33
C LEU B 184 -10.91 -17.83 -2.55
N SER B 185 -11.86 -17.62 -1.65
CA SER B 185 -13.18 -18.18 -1.88
C SER B 185 -13.73 -17.75 -3.21
N GLN B 186 -13.63 -16.45 -3.48
CA GLN B 186 -14.31 -15.89 -4.62
C GLN B 186 -13.68 -16.41 -5.90
N LEU B 187 -12.37 -16.63 -5.87
CA LEU B 187 -11.68 -17.20 -6.99
C LEU B 187 -12.09 -18.67 -7.23
N PHE B 188 -12.15 -19.48 -6.17
CA PHE B 188 -12.65 -20.85 -6.28
C PHE B 188 -14.03 -20.82 -6.92
N ALA B 189 -14.91 -19.97 -6.40
CA ALA B 189 -16.23 -19.81 -7.01
C ALA B 189 -16.08 -19.54 -8.50
N LEU B 190 -15.15 -18.64 -8.87
CA LEU B 190 -14.97 -18.30 -10.30
C LEU B 190 -14.44 -19.46 -11.10
N VAL B 191 -13.59 -20.27 -10.51
CA VAL B 191 -13.00 -21.39 -11.22
C VAL B 191 -14.07 -22.45 -11.46
N LYS B 192 -14.88 -22.70 -10.44
CA LYS B 192 -16.05 -23.57 -10.57
C LYS B 192 -16.93 -23.12 -11.77
N ASP B 193 -17.22 -21.83 -11.88
CA ASP B 193 -18.16 -21.34 -12.89
C ASP B 193 -17.62 -21.36 -14.32
N VAL B 194 -16.33 -21.10 -14.44
CA VAL B 194 -15.70 -21.09 -15.73
C VAL B 194 -15.70 -22.52 -16.27
N ILE B 195 -15.46 -23.49 -15.39
CA ILE B 195 -15.53 -24.90 -15.76
C ILE B 195 -16.94 -25.24 -16.25
N LYS B 196 -17.94 -24.84 -15.48
CA LYS B 196 -19.34 -25.13 -15.81
C LYS B 196 -19.69 -24.65 -17.22
N PHE B 197 -19.42 -23.37 -17.47
CA PHE B 197 -19.82 -22.71 -18.71
C PHE B 197 -18.85 -22.79 -19.88
N ASN B 198 -17.59 -23.13 -19.65
CA ASN B 198 -16.57 -22.94 -20.70
C ASN B 198 -15.42 -23.92 -20.59
N PHE B 199 -15.72 -25.14 -20.18
CA PHE B 199 -14.69 -26.18 -20.10
C PHE B 199 -14.13 -26.61 -21.45
N LYS B 200 -14.90 -26.50 -22.53
CA LYS B 200 -14.37 -26.83 -23.87
C LYS B 200 -13.08 -26.10 -24.25
N PHE B 201 -12.92 -24.86 -23.76
CA PHE B 201 -11.70 -24.08 -24.03
C PHE B 201 -10.55 -24.40 -23.08
N ALA B 202 -10.79 -25.38 -22.21
CA ALA B 202 -9.75 -25.89 -21.36
C ALA B 202 -9.06 -26.98 -22.14
N THR B 203 -7.77 -26.79 -22.39
CA THR B 203 -6.97 -27.84 -22.96
C THR B 203 -6.69 -28.86 -21.88
N ASP B 204 -6.32 -30.07 -22.31
CA ASP B 204 -5.99 -31.17 -21.41
C ASP B 204 -4.85 -30.84 -20.43
N ASP B 205 -3.86 -30.10 -20.91
CA ASP B 205 -2.67 -29.85 -20.13
C ASP B 205 -2.87 -28.77 -19.07
N VAL B 206 -3.80 -27.83 -19.32
CA VAL B 206 -4.08 -26.81 -18.31
C VAL B 206 -4.90 -27.41 -17.18
N ILE B 207 -5.74 -28.37 -17.53
CA ILE B 207 -6.55 -29.08 -16.56
C ILE B 207 -5.69 -29.95 -15.66
N ALA B 208 -4.70 -30.60 -16.25
CA ALA B 208 -3.67 -31.29 -15.48
C ALA B 208 -3.11 -30.28 -14.47
N GLY B 209 -2.75 -29.10 -14.96
CA GLY B 209 -2.21 -28.06 -14.09
C GLY B 209 -3.17 -27.63 -13.00
N LEU B 210 -4.42 -27.44 -13.39
CA LEU B 210 -5.41 -26.98 -12.46
C LEU B 210 -5.62 -28.04 -11.37
N ILE B 211 -5.79 -29.29 -11.78
CA ILE B 211 -5.99 -30.38 -10.84
C ILE B 211 -4.89 -30.43 -9.80
N ASP B 212 -3.62 -30.43 -10.24
CA ASP B 212 -2.46 -30.44 -9.32
C ASP B 212 -2.57 -29.36 -8.28
N MET B 213 -2.91 -28.16 -8.73
CA MET B 213 -3.01 -27.01 -7.85
C MET B 213 -4.06 -27.24 -6.74
N LEU B 214 -5.22 -27.78 -7.12
CA LEU B 214 -6.30 -27.99 -6.15
C LEU B 214 -5.95 -29.04 -5.13
N LEU B 215 -5.19 -30.04 -5.56
CA LEU B 215 -4.89 -31.13 -4.67
C LEU B 215 -3.86 -30.69 -3.66
N LYS B 216 -2.88 -29.92 -4.12
CA LYS B 216 -1.90 -29.29 -3.23
C LYS B 216 -2.68 -28.62 -2.09
N ILE B 217 -3.55 -27.69 -2.47
CA ILE B 217 -4.35 -26.97 -1.51
C ILE B 217 -5.14 -27.93 -0.61
N CYS B 218 -5.64 -29.01 -1.18
CA CYS B 218 -6.35 -30.01 -0.41
C CYS B 218 -5.49 -30.58 0.70
N MET B 219 -4.27 -30.95 0.38
CA MET B 219 -3.44 -31.63 1.34
C MET B 219 -2.69 -30.69 2.26
N LEU B 220 -2.87 -29.39 2.12
CA LEU B 220 -2.25 -28.50 3.08
C LEU B 220 -3.03 -27.24 3.12
N THR B 221 -4.03 -27.21 3.97
CA THR B 221 -4.77 -25.99 4.17
C THR B 221 -5.39 -26.08 5.53
N SER B 222 -5.33 -24.97 6.25
CA SER B 222 -5.79 -24.92 7.62
C SER B 222 -7.29 -24.68 7.66
N VAL B 223 -7.89 -24.39 6.51
CA VAL B 223 -9.28 -23.97 6.44
C VAL B 223 -10.15 -24.93 5.63
N GLU B 224 -11.09 -25.54 6.33
CA GLU B 224 -12.05 -26.48 5.79
C GLU B 224 -12.78 -25.95 4.56
N ASP B 225 -13.10 -24.67 4.55
CA ASP B 225 -13.83 -24.07 3.41
C ASP B 225 -13.07 -24.19 2.10
N ASP B 226 -11.75 -24.03 2.14
CA ASP B 226 -10.88 -24.34 1.00
C ASP B 226 -11.07 -25.79 0.52
N LEU B 227 -11.23 -26.73 1.45
CA LEU B 227 -11.44 -28.13 1.04
C LEU B 227 -12.81 -28.28 0.41
N ARG B 228 -13.81 -27.66 1.02
CA ARG B 228 -15.14 -27.74 0.51
C ARG B 228 -15.06 -27.18 -0.91
N ALA B 229 -14.34 -26.07 -1.02
CA ALA B 229 -14.28 -25.35 -2.28
C ALA B 229 -13.58 -26.17 -3.35
N CYS B 230 -12.44 -26.79 -3.00
CA CYS B 230 -11.71 -27.63 -3.94
C CYS B 230 -12.47 -28.86 -4.36
N ILE B 231 -13.31 -29.40 -3.47
CA ILE B 231 -14.15 -30.54 -3.84
C ILE B 231 -15.16 -30.11 -4.89
N HIS B 232 -15.76 -28.95 -4.68
CA HIS B 232 -16.70 -28.42 -5.65
C HIS B 232 -16.04 -28.12 -6.98
N VAL B 233 -14.78 -27.71 -6.97
CA VAL B 233 -14.07 -27.50 -8.21
C VAL B 233 -13.94 -28.81 -8.95
N ILE B 234 -13.62 -29.87 -8.22
CA ILE B 234 -13.43 -31.18 -8.81
C ILE B 234 -14.76 -31.74 -9.29
N GLU B 235 -15.78 -31.61 -8.45
CA GLU B 235 -17.14 -31.94 -8.85
C GLU B 235 -17.40 -31.28 -10.20
N SER B 236 -17.06 -30.00 -10.31
CA SER B 236 -17.30 -29.29 -11.55
C SER B 236 -16.58 -29.98 -12.67
N LEU B 237 -15.30 -30.25 -12.48
CA LEU B 237 -14.54 -30.85 -13.54
C LEU B 237 -15.29 -32.06 -14.01
N VAL B 238 -15.56 -32.99 -13.09
CA VAL B 238 -16.18 -34.25 -13.48
C VAL B 238 -17.59 -34.05 -14.00
N THR B 239 -18.34 -33.12 -13.44
CA THR B 239 -19.69 -32.88 -13.92
C THR B 239 -19.65 -32.31 -15.34
N PHE B 240 -18.80 -31.33 -15.60
CA PHE B 240 -18.89 -30.58 -16.87
C PHE B 240 -17.77 -30.75 -17.89
N GLY B 241 -16.67 -31.38 -17.48
CA GLY B 241 -15.55 -31.69 -18.36
C GLY B 241 -15.03 -33.08 -18.03
N SER B 242 -13.71 -33.19 -17.85
CA SER B 242 -13.08 -34.49 -17.54
C SER B 242 -11.72 -34.39 -16.85
N ILE B 243 -11.51 -35.32 -15.93
CA ILE B 243 -10.24 -35.56 -15.30
C ILE B 243 -9.43 -36.50 -16.20
N PRO B 244 -8.21 -36.13 -16.58
CA PRO B 244 -7.42 -37.03 -17.40
C PRO B 244 -7.05 -38.27 -16.63
N THR B 245 -6.83 -39.38 -17.31
CA THR B 245 -6.57 -40.67 -16.66
C THR B 245 -5.41 -40.61 -15.64
N ASN B 246 -4.30 -40.00 -16.02
CA ASN B 246 -3.12 -39.92 -15.13
C ASN B 246 -3.26 -39.07 -13.84
N LYS B 247 -4.37 -38.35 -13.70
CA LYS B 247 -4.69 -37.58 -12.48
C LYS B 247 -5.63 -38.31 -11.51
N LEU B 248 -6.23 -39.38 -11.99
CA LEU B 248 -7.29 -40.08 -11.26
C LEU B 248 -6.81 -40.59 -9.92
N LYS B 249 -5.71 -41.32 -9.91
CA LYS B 249 -5.18 -41.81 -8.64
C LYS B 249 -5.14 -40.68 -7.62
N TYR B 250 -4.57 -39.54 -8.02
CA TYR B 250 -4.33 -38.44 -7.10
C TYR B 250 -5.66 -37.83 -6.62
N CYS B 251 -6.60 -37.58 -7.54
CA CYS B 251 -7.97 -37.18 -7.09
C CYS B 251 -8.57 -38.18 -6.07
N ILE B 252 -8.52 -39.45 -6.41
CA ILE B 252 -9.05 -40.47 -5.54
C ILE B 252 -8.29 -40.49 -4.23
N GLN B 253 -6.95 -40.48 -4.30
CA GLN B 253 -6.17 -40.33 -3.06
C GLN B 253 -6.75 -39.19 -2.25
N VAL B 254 -6.83 -38.00 -2.85
CA VAL B 254 -7.11 -36.83 -2.04
C VAL B 254 -8.50 -36.87 -1.52
N LEU B 255 -9.46 -37.14 -2.41
CA LEU B 255 -10.89 -37.27 -2.03
C LEU B 255 -11.19 -38.40 -1.04
N SER B 256 -10.54 -39.56 -1.22
CA SER B 256 -10.71 -40.68 -0.31
C SER B 256 -10.21 -40.33 1.08
N SER B 257 -9.15 -39.53 1.12
CA SER B 257 -8.57 -39.09 2.37
C SER B 257 -9.50 -38.08 3.04
N ILE B 258 -10.01 -37.11 2.29
CA ILE B 258 -10.91 -36.13 2.88
C ILE B 258 -12.14 -36.84 3.42
N HIS B 259 -12.64 -37.76 2.60
CA HIS B 259 -13.79 -38.59 2.93
C HIS B 259 -13.63 -39.26 4.27
N CYS B 260 -12.48 -39.88 4.47
CA CYS B 260 -12.21 -40.56 5.69
C CYS B 260 -11.89 -39.57 6.81
N LEU B 261 -10.86 -38.76 6.61
CA LEU B 261 -10.25 -37.95 7.67
C LEU B 261 -10.97 -36.66 8.03
N VAL B 262 -11.84 -36.12 7.17
CA VAL B 262 -12.50 -34.84 7.46
C VAL B 262 -13.99 -35.03 7.53
N PRO B 263 -14.46 -35.65 8.62
CA PRO B 263 -15.85 -36.11 8.70
C PRO B 263 -16.89 -35.08 8.27
N SER B 264 -16.68 -33.80 8.59
CA SER B 264 -17.65 -32.76 8.26
C SER B 264 -17.83 -32.52 6.75
N LEU B 265 -16.94 -33.06 5.93
CA LEU B 265 -17.07 -32.98 4.48
C LEU B 265 -17.28 -34.34 3.82
N GLN B 266 -17.63 -35.34 4.60
CA GLN B 266 -17.73 -36.71 4.09
C GLN B 266 -18.78 -36.78 3.01
N LYS B 267 -19.92 -36.17 3.25
CA LYS B 267 -21.02 -36.22 2.29
C LYS B 267 -20.62 -35.53 0.96
N GLU B 268 -20.04 -34.33 1.07
CA GLU B 268 -19.52 -33.63 -0.10
C GLU B 268 -18.52 -34.43 -0.92
N ALA B 269 -17.59 -35.09 -0.25
CA ALA B 269 -16.60 -35.91 -0.95
C ALA B 269 -17.22 -37.15 -1.54
N TRP B 270 -18.18 -37.73 -0.84
CA TRP B 270 -18.74 -38.95 -1.37
C TRP B 270 -19.47 -38.59 -2.65
N HIS B 271 -20.17 -37.45 -2.63
CA HIS B 271 -20.93 -37.02 -3.79
C HIS B 271 -20.02 -36.95 -5.01
N THR B 272 -18.88 -36.31 -4.82
CA THR B 272 -17.91 -36.19 -5.89
C THR B 272 -17.32 -37.54 -6.27
N ILE B 273 -17.03 -38.38 -5.28
CA ILE B 273 -16.48 -39.69 -5.60
C ILE B 273 -17.55 -40.50 -6.34
N SER B 274 -18.83 -40.30 -6.01
CA SER B 274 -19.86 -41.11 -6.64
C SER B 274 -19.88 -40.81 -8.11
N ILE B 275 -19.88 -39.51 -8.43
CA ILE B 275 -19.89 -39.10 -9.82
C ILE B 275 -18.77 -39.84 -10.54
N ILE B 276 -17.54 -39.72 -10.02
CA ILE B 276 -16.39 -40.34 -10.66
C ILE B 276 -16.58 -41.85 -10.86
N CYS B 277 -17.15 -42.49 -9.83
CA CYS B 277 -17.35 -43.93 -9.85
C CYS B 277 -18.32 -44.36 -10.95
N ARG B 278 -19.38 -43.59 -11.13
CA ARG B 278 -20.39 -43.90 -12.13
C ARG B 278 -19.98 -43.45 -13.54
N SER B 279 -18.69 -43.21 -13.76
CA SER B 279 -18.20 -42.63 -15.00
C SER B 279 -17.22 -43.61 -15.59
N HIS B 280 -16.69 -43.30 -16.77
CA HIS B 280 -15.65 -44.13 -17.41
C HIS B 280 -14.48 -44.47 -16.50
N HIS B 281 -14.28 -43.63 -15.48
CA HIS B 281 -13.22 -43.86 -14.51
C HIS B 281 -13.58 -44.98 -13.51
N GLY B 282 -14.88 -45.28 -13.39
CA GLY B 282 -15.38 -46.33 -12.50
C GLY B 282 -14.45 -47.51 -12.36
N GLN B 283 -14.23 -48.21 -13.46
CA GLN B 283 -13.32 -49.35 -13.45
C GLN B 283 -11.95 -49.00 -12.89
N SER B 284 -11.35 -47.94 -13.43
CA SER B 284 -10.03 -47.49 -12.99
C SER B 284 -10.02 -47.12 -11.51
N THR B 285 -11.10 -46.48 -11.07
CA THR B 285 -11.24 -46.09 -9.67
C THR B 285 -11.24 -47.26 -8.71
N VAL B 286 -11.99 -48.31 -9.06
CA VAL B 286 -12.00 -49.52 -8.23
C VAL B 286 -10.58 -50.08 -8.12
N ARG B 287 -9.96 -50.25 -9.29
CA ARG B 287 -8.58 -50.72 -9.42
C ARG B 287 -7.60 -49.91 -8.58
N ILE B 288 -7.75 -48.58 -8.65
CA ILE B 288 -6.96 -47.64 -7.85
C ILE B 288 -7.19 -47.86 -6.37
N LEU B 289 -8.45 -47.90 -5.98
CA LEU B 289 -8.85 -48.09 -4.58
C LEU B 289 -8.31 -49.41 -4.00
N LEU B 290 -8.27 -50.43 -4.84
CA LEU B 290 -7.76 -51.72 -4.39
C LEU B 290 -6.26 -51.64 -4.30
N ASP B 291 -5.65 -50.99 -5.31
CA ASP B 291 -4.20 -50.74 -5.31
C ASP B 291 -3.74 -50.19 -3.97
N PHE B 292 -4.52 -49.33 -3.34
CA PHE B 292 -4.14 -48.81 -2.04
C PHE B 292 -4.00 -49.95 -1.05
N LEU B 293 -4.80 -50.99 -1.24
CA LEU B 293 -4.71 -52.21 -0.45
C LEU B 293 -3.64 -53.16 -1.01
N ARG B 294 -3.73 -53.47 -2.30
CA ARG B 294 -2.79 -54.41 -2.96
C ARG B 294 -1.37 -53.88 -3.01
N SER B 295 -1.18 -52.68 -3.58
CA SER B 295 0.13 -51.96 -3.51
C SER B 295 0.78 -52.01 -2.14
N TYR B 296 -0.03 -51.94 -1.07
CA TYR B 296 0.50 -51.73 0.28
C TYR B 296 1.72 -52.64 0.56
N SER B 297 2.66 -52.12 1.34
CA SER B 297 3.78 -52.93 1.83
C SER B 297 4.34 -52.24 3.08
N PRO B 298 4.26 -52.93 4.23
CA PRO B 298 4.76 -52.39 5.50
C PRO B 298 6.24 -51.87 5.44
N ASN B 299 6.38 -50.54 5.48
CA ASN B 299 7.67 -49.85 5.26
C ASN B 299 8.35 -49.39 6.56
N PRO B 300 9.64 -49.76 6.75
CA PRO B 300 10.46 -49.28 7.88
C PRO B 300 10.38 -47.77 8.12
N ASP B 301 10.37 -46.97 7.05
CA ASP B 301 10.18 -45.52 7.16
C ASP B 301 8.72 -45.20 7.56
N LYS B 302 8.55 -44.66 8.77
CA LYS B 302 7.20 -44.34 9.27
C LYS B 302 6.54 -43.13 8.58
N ASN B 303 7.28 -42.30 7.86
CA ASN B 303 6.65 -41.29 6.99
C ASN B 303 5.90 -41.96 5.82
N ARG B 304 6.50 -43.02 5.27
CA ARG B 304 5.88 -43.85 4.23
C ARG B 304 4.74 -44.66 4.83
N GLU B 305 5.06 -45.57 5.76
CA GLU B 305 4.05 -46.40 6.43
C GLU B 305 2.76 -45.61 6.61
N LYS B 306 2.86 -44.38 7.10
CA LYS B 306 1.66 -43.56 7.32
C LYS B 306 1.11 -42.96 6.03
N ASP B 307 2.00 -42.53 5.14
CA ASP B 307 1.58 -42.02 3.83
C ASP B 307 0.69 -43.04 3.11
N THR B 308 1.13 -44.29 3.06
CA THR B 308 0.36 -45.35 2.43
C THR B 308 -0.82 -45.83 3.28
N VAL B 309 -0.66 -45.84 4.61
CA VAL B 309 -1.76 -46.15 5.56
C VAL B 309 -2.89 -45.12 5.42
N ARG B 310 -2.52 -43.84 5.38
CA ARG B 310 -3.47 -42.77 5.06
C ARG B 310 -4.35 -43.24 3.93
N ASP B 311 -3.70 -43.57 2.82
CA ASP B 311 -4.38 -44.06 1.61
C ASP B 311 -5.24 -45.30 1.87
N VAL B 312 -4.72 -46.23 2.65
CA VAL B 312 -5.42 -47.47 2.93
C VAL B 312 -6.73 -47.22 3.67
N ARG B 313 -6.71 -46.39 4.71
CA ARG B 313 -7.90 -46.13 5.52
C ARG B 313 -8.99 -45.45 4.74
N GLY B 314 -8.60 -44.69 3.72
CA GLY B 314 -9.56 -43.96 2.92
C GLY B 314 -10.23 -44.94 2.01
N ALA B 315 -9.40 -45.69 1.27
CA ALA B 315 -9.83 -46.76 0.38
C ALA B 315 -10.89 -47.62 1.05
N LEU B 316 -10.65 -47.96 2.31
CA LEU B 316 -11.61 -48.72 3.09
C LEU B 316 -12.93 -47.98 3.19
N SER B 317 -12.85 -46.71 3.54
CA SER B 317 -14.01 -45.88 3.74
C SER B 317 -14.84 -45.81 2.47
N VAL B 318 -14.15 -45.56 1.36
CA VAL B 318 -14.80 -45.36 0.09
C VAL B 318 -15.31 -46.69 -0.43
N LEU B 319 -14.52 -47.75 -0.19
CA LEU B 319 -14.90 -49.09 -0.60
C LEU B 319 -16.15 -49.56 0.13
N GLN B 320 -16.21 -49.34 1.42
CA GLN B 320 -17.38 -49.73 2.19
C GLN B 320 -18.61 -49.06 1.62
N LYS B 321 -18.47 -47.81 1.23
CA LYS B 321 -19.57 -47.06 0.66
C LYS B 321 -19.86 -47.56 -0.78
N LEU B 322 -18.81 -47.75 -1.57
CA LEU B 322 -18.99 -48.24 -2.92
C LEU B 322 -19.67 -49.60 -2.94
N LEU B 323 -19.23 -50.53 -2.09
CA LEU B 323 -19.76 -51.89 -2.06
C LEU B 323 -21.25 -52.02 -1.73
N ARG B 324 -21.90 -50.94 -1.30
CA ARG B 324 -23.35 -50.98 -1.12
C ARG B 324 -24.06 -50.68 -2.44
N LYS B 325 -23.31 -50.39 -3.49
CA LYS B 325 -23.91 -50.04 -4.76
C LYS B 325 -24.04 -51.23 -5.72
N THR B 326 -24.84 -50.98 -6.76
CA THR B 326 -25.27 -52.00 -7.74
C THR B 326 -25.06 -51.50 -9.16
N ALA B 327 -24.77 -52.41 -10.09
CA ALA B 327 -24.54 -52.07 -11.51
C ALA B 327 -25.65 -51.21 -12.12
N GLU B 328 -26.89 -51.45 -11.67
CA GLU B 328 -28.06 -50.69 -12.11
C GLU B 328 -27.99 -49.24 -11.66
N LYS B 329 -27.68 -49.02 -10.39
CA LYS B 329 -27.46 -47.66 -9.87
C LYS B 329 -26.32 -46.98 -10.64
N GLY B 330 -25.57 -47.76 -11.41
CA GLY B 330 -24.56 -47.25 -12.34
C GLY B 330 -23.15 -47.43 -11.81
N TYR B 331 -23.01 -48.09 -10.66
CA TYR B 331 -21.73 -48.17 -9.96
C TYR B 331 -20.96 -49.42 -10.37
N PRO B 332 -19.61 -49.33 -10.41
CA PRO B 332 -18.79 -50.46 -10.82
C PRO B 332 -18.72 -51.49 -9.73
N GLN B 333 -18.73 -52.76 -10.10
CA GLN B 333 -18.64 -53.83 -9.11
C GLN B 333 -17.19 -54.06 -8.72
N VAL B 334 -16.98 -54.65 -7.56
CA VAL B 334 -15.64 -54.94 -7.07
C VAL B 334 -15.39 -56.46 -7.07
N PRO B 335 -14.19 -56.90 -7.46
CA PRO B 335 -13.89 -58.33 -7.38
C PRO B 335 -13.71 -58.80 -5.96
N LEU B 336 -14.37 -59.87 -5.59
CA LEU B 336 -14.26 -60.35 -4.24
C LEU B 336 -12.84 -60.83 -3.97
N SER B 337 -12.32 -61.66 -4.87
CA SER B 337 -10.98 -62.20 -4.75
C SER B 337 -9.97 -61.08 -4.46
N LEU B 338 -9.86 -60.14 -5.41
CA LEU B 338 -9.04 -58.93 -5.26
C LEU B 338 -9.28 -58.21 -3.91
N LEU B 339 -10.54 -57.89 -3.65
CA LEU B 339 -10.87 -57.16 -2.43
C LEU B 339 -10.23 -57.84 -1.25
N VAL B 340 -10.48 -59.15 -1.13
CA VAL B 340 -9.99 -59.95 -0.02
C VAL B 340 -8.47 -60.02 -0.06
N GLY B 341 -7.91 -60.15 -1.27
CA GLY B 341 -6.46 -60.10 -1.46
C GLY B 341 -5.90 -58.80 -0.89
N GLY B 342 -6.55 -57.70 -1.23
CA GLY B 342 -6.20 -56.39 -0.70
C GLY B 342 -6.38 -56.29 0.81
N LEU B 343 -7.48 -56.82 1.32
CA LEU B 343 -7.80 -56.71 2.73
C LEU B 343 -6.82 -57.45 3.63
N ALA B 344 -6.23 -58.51 3.10
CA ALA B 344 -5.35 -59.37 3.91
C ALA B 344 -4.10 -58.59 4.30
N ASN B 345 -3.37 -58.14 3.28
CA ASN B 345 -2.20 -57.28 3.44
C ASN B 345 -2.40 -56.37 4.63
N VAL B 346 -3.48 -55.59 4.59
CA VAL B 346 -3.72 -54.53 5.54
C VAL B 346 -3.90 -55.04 6.96
N SER B 347 -4.73 -56.07 7.13
CA SER B 347 -5.09 -56.56 8.48
C SER B 347 -3.92 -56.90 9.40
N LYS B 348 -2.74 -57.16 8.82
CA LYS B 348 -1.53 -57.41 9.58
C LYS B 348 -1.14 -56.19 10.41
N SER B 349 -0.93 -55.05 9.73
CA SER B 349 -0.42 -53.83 10.37
C SER B 349 -1.38 -53.27 11.43
N SER B 350 -1.18 -52.01 11.78
CA SER B 350 -2.20 -51.17 12.43
C SER B 350 -2.71 -51.67 13.78
N SER B 351 -3.74 -51.00 14.28
CA SER B 351 -4.39 -51.36 15.54
C SER B 351 -5.80 -50.75 15.62
N THR B 352 -6.37 -50.74 16.82
CA THR B 352 -7.82 -50.58 17.09
C THR B 352 -8.68 -50.07 15.94
N ARG B 353 -8.57 -48.79 15.64
CA ARG B 353 -9.47 -48.17 14.68
C ARG B 353 -9.37 -48.77 13.26
N VAL B 354 -8.20 -49.23 12.82
CA VAL B 354 -8.04 -49.83 11.47
C VAL B 354 -8.61 -51.24 11.39
N ALA B 355 -8.15 -52.10 12.28
CA ALA B 355 -8.79 -53.37 12.45
C ALA B 355 -10.30 -53.15 12.54
N THR B 356 -10.72 -52.14 13.29
CA THR B 356 -12.15 -51.82 13.39
C THR B 356 -12.78 -51.54 12.01
N GLU B 357 -12.03 -50.86 11.13
CA GLU B 357 -12.54 -50.53 9.78
C GLU B 357 -12.58 -51.74 8.86
N ILE B 358 -11.46 -52.44 8.73
CA ILE B 358 -11.44 -53.75 8.04
C ILE B 358 -12.72 -54.53 8.36
N LEU B 359 -13.00 -54.65 9.65
CA LEU B 359 -14.19 -55.31 10.13
C LEU B 359 -15.45 -54.62 9.64
N ARG B 360 -15.52 -53.29 9.80
CA ARG B 360 -16.74 -52.55 9.50
C ARG B 360 -17.16 -52.77 8.05
N LEU B 361 -16.18 -52.80 7.16
CA LEU B 361 -16.38 -53.12 5.75
C LEU B 361 -16.99 -54.51 5.62
N ILE B 362 -16.29 -55.50 6.17
CA ILE B 362 -16.74 -56.88 6.13
C ILE B 362 -18.14 -56.96 6.73
N ASN B 363 -18.41 -56.22 7.79
CA ASN B 363 -19.74 -56.24 8.37
C ASN B 363 -20.79 -55.66 7.48
N SER B 364 -20.41 -54.73 6.60
CA SER B 364 -21.36 -54.17 5.68
C SER B 364 -21.59 -55.09 4.50
N LEU B 365 -20.66 -56.02 4.25
CA LEU B 365 -20.84 -57.05 3.24
C LEU B 365 -21.86 -58.11 3.63
N PHE B 366 -21.83 -58.56 4.89
CA PHE B 366 -22.74 -59.60 5.34
C PHE B 366 -24.11 -59.06 5.67
N HIS B 367 -24.22 -57.76 5.96
CA HIS B 367 -25.50 -57.12 6.21
C HIS B 367 -25.50 -55.73 5.57
N GLY B 368 -26.41 -55.49 4.63
CA GLY B 368 -26.52 -54.19 4.00
C GLY B 368 -27.67 -54.12 3.03
N ASN B 372 -29.89 -57.67 3.99
CA ASN B 372 -29.42 -58.65 3.01
C ASN B 372 -27.93 -58.67 2.84
N ILE B 373 -27.39 -59.90 2.72
CA ILE B 373 -26.05 -60.19 2.22
C ILE B 373 -25.74 -59.39 0.96
N ASN B 374 -24.48 -59.02 0.80
CA ASN B 374 -24.04 -58.30 -0.38
C ASN B 374 -23.84 -59.30 -1.51
N PRO B 375 -24.31 -58.96 -2.73
CA PRO B 375 -24.23 -59.86 -3.89
C PRO B 375 -22.82 -60.36 -4.17
N ILE B 376 -21.84 -59.49 -4.00
CA ILE B 376 -20.43 -59.82 -4.24
C ILE B 376 -19.99 -61.15 -3.60
N LEU B 377 -20.58 -61.52 -2.47
CA LEU B 377 -20.15 -62.74 -1.83
C LEU B 377 -21.17 -63.90 -1.81
N VAL B 378 -22.20 -63.86 -2.65
CA VAL B 378 -23.22 -64.93 -2.58
C VAL B 378 -22.77 -66.25 -3.19
N GLU B 379 -22.07 -66.22 -4.32
CA GLU B 379 -21.68 -67.48 -4.99
C GLU B 379 -20.28 -67.96 -4.58
N GLU B 380 -19.80 -67.56 -3.40
CA GLU B 380 -18.38 -67.53 -3.12
C GLU B 380 -17.95 -68.19 -1.82
N HIS B 381 -16.70 -68.67 -1.80
CA HIS B 381 -16.09 -69.24 -0.60
C HIS B 381 -15.85 -68.14 0.42
N TRP B 382 -16.24 -68.37 1.67
CA TRP B 382 -16.16 -67.34 2.70
C TRP B 382 -15.00 -67.53 3.68
N GLU B 383 -14.26 -68.63 3.58
CA GLU B 383 -13.07 -68.85 4.41
C GLU B 383 -12.09 -67.70 4.23
N PRO B 384 -11.72 -67.40 2.97
CA PRO B 384 -10.72 -66.34 2.83
C PRO B 384 -11.10 -65.10 3.64
N ILE B 385 -12.34 -64.63 3.49
CA ILE B 385 -12.81 -63.44 4.20
C ILE B 385 -12.88 -63.65 5.69
N PHE B 386 -13.34 -64.83 6.10
CA PHE B 386 -13.42 -65.15 7.51
C PHE B 386 -12.03 -65.17 8.15
N ASP B 387 -11.00 -65.50 7.37
CA ASP B 387 -9.65 -65.56 7.90
C ASP B 387 -9.12 -64.16 8.17
N VAL B 388 -9.42 -63.22 7.26
CA VAL B 388 -9.14 -61.80 7.51
C VAL B 388 -9.89 -61.32 8.74
N ALA B 389 -11.19 -61.59 8.77
CA ALA B 389 -12.02 -61.15 9.88
C ALA B 389 -11.39 -61.52 11.21
N ALA B 390 -10.84 -62.74 11.29
CA ALA B 390 -10.27 -63.27 12.53
C ALA B 390 -8.99 -62.54 12.90
N GLN B 391 -8.15 -62.28 11.90
CA GLN B 391 -6.95 -61.48 12.10
C GLN B 391 -7.26 -60.13 12.77
N CYS B 392 -8.41 -59.53 12.44
CA CYS B 392 -8.86 -58.30 13.13
C CYS B 392 -9.29 -58.54 14.58
N ALA B 393 -9.56 -59.80 14.92
CA ALA B 393 -9.81 -60.21 16.31
C ALA B 393 -8.51 -60.30 17.11
N THR B 394 -7.37 -60.38 16.42
CA THR B 394 -6.06 -60.30 17.07
C THR B 394 -5.86 -58.91 17.67
N LYS B 395 -6.50 -57.91 17.09
CA LYS B 395 -6.46 -56.57 17.63
C LYS B 395 -7.65 -56.30 18.56
N ALA B 396 -8.10 -57.33 19.28
CA ALA B 396 -8.93 -57.17 20.47
C ALA B 396 -10.24 -56.41 20.22
N LEU B 409 -8.00 -66.35 39.85
CA LEU B 409 -8.16 -64.92 40.01
C LEU B 409 -8.90 -64.60 41.31
N PRO B 410 -8.16 -64.13 42.36
CA PRO B 410 -8.75 -63.51 43.57
C PRO B 410 -9.93 -62.58 43.22
N THR B 411 -11.14 -62.89 43.69
CA THR B 411 -12.37 -62.18 43.23
C THR B 411 -12.14 -60.66 43.18
N VAL B 412 -11.26 -60.19 44.05
CA VAL B 412 -10.72 -58.84 44.02
C VAL B 412 -10.18 -58.42 42.63
N ALA B 413 -9.11 -59.08 42.20
CA ALA B 413 -8.32 -58.65 41.03
C ALA B 413 -9.08 -58.40 39.72
N LYS B 414 -10.34 -58.85 39.63
CA LYS B 414 -11.12 -58.69 38.40
C LYS B 414 -11.46 -57.22 38.14
N GLU B 415 -10.77 -56.64 37.15
CA GLU B 415 -10.97 -55.24 36.74
C GLU B 415 -11.55 -55.17 35.34
N ASN B 422 -13.45 -50.90 20.62
CA ASN B 422 -13.81 -50.73 19.21
C ASN B 422 -13.93 -52.06 18.47
N VAL B 423 -12.80 -52.62 18.03
CA VAL B 423 -12.78 -53.91 17.35
C VAL B 423 -13.81 -54.86 17.97
N SER B 424 -13.75 -54.95 19.29
CA SER B 424 -14.70 -55.75 20.07
C SER B 424 -16.17 -55.47 19.71
N LEU B 425 -16.49 -54.24 19.32
CA LEU B 425 -17.85 -53.88 18.92
C LEU B 425 -18.24 -54.49 17.57
N GLN B 426 -17.27 -54.59 16.67
CA GLN B 426 -17.52 -55.10 15.33
C GLN B 426 -17.62 -56.63 15.30
N LEU B 427 -16.81 -57.30 16.12
CA LEU B 427 -16.90 -58.76 16.24
C LEU B 427 -18.25 -59.19 16.75
N LYS B 428 -18.71 -58.59 17.85
CA LYS B 428 -20.05 -58.86 18.35
C LYS B 428 -21.10 -58.62 17.25
N HIS B 429 -20.84 -57.67 16.36
CA HIS B 429 -21.74 -57.40 15.24
C HIS B 429 -21.71 -58.51 14.19
N LEU B 430 -20.50 -58.96 13.84
CA LEU B 430 -20.29 -60.00 12.84
C LEU B 430 -20.74 -61.39 13.33
N ILE B 431 -20.21 -61.81 14.47
CA ILE B 431 -20.66 -63.04 15.08
C ILE B 431 -22.18 -63.07 15.00
N LEU B 432 -22.85 -62.04 15.49
CA LEU B 432 -24.30 -62.06 15.53
C LEU B 432 -24.87 -62.30 14.14
N ARG B 433 -24.33 -61.59 13.16
CA ARG B 433 -24.80 -61.72 11.77
C ARG B 433 -24.53 -63.09 11.16
N VAL B 434 -23.31 -63.59 11.32
CA VAL B 434 -22.93 -64.90 10.77
C VAL B 434 -23.75 -65.97 11.44
N GLU B 435 -23.96 -65.75 12.73
CA GLU B 435 -24.82 -66.58 13.54
C GLU B 435 -26.22 -66.59 12.96
N ASN B 436 -26.76 -65.43 12.66
CA ASN B 436 -28.10 -65.32 12.09
C ASN B 436 -28.24 -65.97 10.73
N LEU B 437 -27.19 -65.85 9.91
CA LEU B 437 -27.23 -66.40 8.56
C LEU B 437 -27.35 -67.90 8.61
N ILE B 438 -26.61 -68.53 9.51
CA ILE B 438 -26.69 -69.96 9.72
C ILE B 438 -28.10 -70.32 10.13
N VAL B 439 -28.61 -69.62 11.14
CA VAL B 439 -29.89 -69.99 11.72
C VAL B 439 -30.96 -69.83 10.67
N HIS B 440 -30.97 -68.72 9.96
CA HIS B 440 -32.08 -68.46 9.07
C HIS B 440 -32.06 -69.21 7.74
N GLN B 441 -30.88 -69.42 7.15
CA GLN B 441 -30.77 -70.25 5.97
C GLN B 441 -30.54 -71.74 6.27
N GLY B 442 -29.49 -72.05 7.03
CA GLY B 442 -29.16 -73.45 7.31
C GLY B 442 -28.66 -74.16 6.05
N PRO B 443 -29.15 -75.38 5.78
CA PRO B 443 -28.64 -76.14 4.62
C PRO B 443 -28.73 -75.41 3.27
N GLU B 444 -29.73 -74.55 3.11
CA GLU B 444 -29.88 -73.69 1.91
C GLU B 444 -28.69 -72.72 1.72
N LEU B 445 -28.04 -72.34 2.82
CA LEU B 445 -26.83 -71.53 2.78
C LEU B 445 -25.61 -72.36 2.43
N LEU B 446 -25.08 -72.11 1.24
CA LEU B 446 -23.91 -72.81 0.72
C LEU B 446 -22.77 -72.89 1.75
N GLN B 447 -22.40 -71.72 2.24
CA GLN B 447 -21.12 -71.49 2.92
C GLN B 447 -21.16 -71.79 4.42
N ARG B 448 -22.22 -72.46 4.87
CA ARG B 448 -22.47 -72.70 6.28
C ARG B 448 -21.31 -73.34 7.04
N ASP B 449 -20.57 -74.24 6.40
CA ASP B 449 -19.45 -74.91 7.09
C ASP B 449 -18.29 -73.93 7.30
N ASP B 450 -18.07 -73.04 6.34
CA ASP B 450 -17.11 -71.93 6.53
C ASP B 450 -17.60 -70.98 7.62
N CYS B 451 -18.91 -70.70 7.62
CA CYS B 451 -19.51 -69.91 8.68
C CYS B 451 -19.18 -70.52 10.03
N MET B 452 -19.42 -71.82 10.12
CA MET B 452 -19.26 -72.52 11.37
C MET B 452 -17.83 -72.56 11.87
N LYS B 453 -16.89 -72.86 10.98
CA LYS B 453 -15.48 -72.90 11.36
C LYS B 453 -15.03 -71.54 11.91
N PHE B 454 -15.49 -70.47 11.27
CA PHE B 454 -15.18 -69.12 11.71
C PHE B 454 -15.66 -68.85 13.14
N LEU B 455 -16.90 -69.20 13.47
CA LEU B 455 -17.42 -68.97 14.82
C LEU B 455 -16.64 -69.74 15.89
N ILE B 456 -16.14 -70.93 15.54
CA ILE B 456 -15.33 -71.72 16.47
C ILE B 456 -14.01 -71.00 16.76
N ARG B 457 -13.41 -70.39 15.73
CA ARG B 457 -12.19 -69.58 15.92
C ARG B 457 -12.43 -68.43 16.89
N VAL B 458 -13.58 -67.78 16.75
CA VAL B 458 -13.82 -66.49 17.39
C VAL B 458 -14.41 -66.62 18.80
N GLN B 459 -15.27 -67.59 19.03
CA GLN B 459 -15.68 -67.89 20.41
C GLN B 459 -14.41 -67.97 21.24
N HIS B 460 -13.53 -68.89 20.84
CA HIS B 460 -12.24 -69.09 21.47
C HIS B 460 -11.17 -68.23 20.80
N SER C 21 18.40 8.60 -49.46
CA SER C 21 18.92 7.26 -49.89
C SER C 21 17.79 6.37 -50.39
N PRO C 22 18.13 5.27 -51.08
CA PRO C 22 17.13 4.30 -51.53
C PRO C 22 16.28 3.68 -50.40
N GLU C 23 16.94 3.09 -49.41
CA GLU C 23 16.24 2.40 -48.30
C GLU C 23 15.39 3.36 -47.47
N GLN C 24 15.83 4.60 -47.40
CA GLN C 24 15.14 5.62 -46.60
C GLN C 24 13.84 6.05 -47.27
N ALA C 25 13.82 6.04 -48.60
CA ALA C 25 12.59 6.31 -49.36
C ALA C 25 11.50 5.28 -49.04
N ASP C 26 11.90 4.01 -49.01
CA ASP C 26 10.97 2.90 -48.81
C ASP C 26 10.35 2.98 -47.42
N LEU C 27 11.20 3.17 -46.41
CA LEU C 27 10.75 3.35 -45.03
C LEU C 27 9.77 4.53 -44.92
N VAL C 28 10.09 5.63 -45.60
CA VAL C 28 9.22 6.81 -45.61
C VAL C 28 7.89 6.52 -46.31
N ALA C 29 7.93 5.66 -47.32
CA ALA C 29 6.69 5.23 -47.99
C ALA C 29 5.77 4.55 -46.99
N LYS C 30 6.32 3.55 -46.29
CA LYS C 30 5.55 2.80 -45.29
C LYS C 30 5.11 3.67 -44.13
N LEU C 31 5.95 4.63 -43.74
CA LEU C 31 5.65 5.50 -42.60
C LEU C 31 4.36 6.29 -42.78
N LYS C 32 4.02 6.63 -44.02
CA LYS C 32 2.77 7.31 -44.36
C LYS C 32 1.59 6.34 -44.49
N ASN C 33 1.76 5.40 -45.40
CA ASN C 33 0.66 4.54 -45.86
C ASN C 33 0.45 3.30 -45.00
N GLY C 34 1.33 3.09 -44.02
CA GLY C 34 1.37 1.83 -43.29
C GLY C 34 0.20 1.46 -42.41
N HIS C 35 0.34 0.29 -41.81
CA HIS C 35 -0.61 -0.26 -40.87
C HIS C 35 -0.08 0.22 -39.53
N LEU C 36 -0.93 0.63 -38.59
CA LEU C 36 -0.45 1.28 -37.35
C LEU C 36 0.85 0.63 -36.83
N SER C 37 0.86 -0.71 -36.84
CA SER C 37 2.02 -1.51 -36.40
C SER C 37 3.28 -1.31 -37.26
N GLU C 38 3.11 -1.21 -38.57
CA GLU C 38 4.26 -1.03 -39.48
C GLU C 38 4.79 0.39 -39.38
N ARG C 39 3.87 1.34 -39.30
CA ARG C 39 4.21 2.75 -39.11
C ARG C 39 5.18 2.97 -37.95
N VAL C 40 4.85 2.38 -36.81
CA VAL C 40 5.73 2.44 -35.63
C VAL C 40 7.09 1.85 -35.93
N LEU C 41 7.10 0.65 -36.52
CA LEU C 41 8.34 -0.02 -36.84
C LEU C 41 9.16 0.89 -37.76
N ALA C 42 8.55 1.26 -38.89
CA ALA C 42 9.12 2.24 -39.84
C ALA C 42 9.63 3.51 -39.18
N ALA C 43 8.84 4.07 -38.27
CA ALA C 43 9.25 5.24 -37.51
C ALA C 43 10.57 5.03 -36.77
N ASN C 44 10.72 3.86 -36.14
CA ASN C 44 11.94 3.54 -35.40
C ASN C 44 13.16 3.37 -36.28
N LYS C 45 12.94 2.79 -37.45
CA LYS C 45 14.00 2.54 -38.39
C LYS C 45 14.57 3.85 -38.93
N LEU C 46 13.68 4.80 -39.24
CA LEU C 46 14.10 6.12 -39.70
C LEU C 46 14.86 6.96 -38.64
N ARG C 47 14.55 6.79 -37.36
CA ARG C 47 15.34 7.46 -36.32
C ARG C 47 16.79 7.06 -36.46
N PHE C 48 17.02 5.77 -36.71
CA PHE C 48 18.37 5.28 -36.92
C PHE C 48 18.93 5.68 -38.29
N ALA C 49 18.05 5.91 -39.25
CA ALA C 49 18.47 6.44 -40.54
C ALA C 49 18.96 7.89 -40.40
N VAL C 50 18.18 8.72 -39.73
CA VAL C 50 18.45 10.16 -39.65
C VAL C 50 19.74 10.46 -38.88
N VAL C 51 20.06 9.66 -37.85
CA VAL C 51 21.32 9.83 -37.11
C VAL C 51 22.52 9.58 -38.01
N ASP C 52 22.51 8.43 -38.69
CA ASP C 52 23.57 8.03 -39.63
C ASP C 52 23.85 9.11 -40.68
N PHE C 53 22.78 9.71 -41.17
CA PHE C 53 22.85 10.70 -42.23
C PHE C 53 22.22 12.02 -41.78
N PRO C 54 22.98 12.82 -41.01
CA PRO C 54 22.41 14.06 -40.50
C PRO C 54 21.95 14.94 -41.65
N LEU C 55 22.81 15.04 -42.67
CA LEU C 55 22.65 15.99 -43.76
C LEU C 55 21.45 15.66 -44.64
N ASN C 56 20.92 14.45 -44.49
CA ASN C 56 19.78 14.02 -45.29
C ASN C 56 18.52 14.77 -44.94
N PRO C 57 17.64 15.00 -45.94
CA PRO C 57 16.48 15.83 -45.74
C PRO C 57 15.44 15.17 -44.86
N VAL C 58 15.15 15.83 -43.74
CA VAL C 58 14.20 15.32 -42.76
C VAL C 58 12.76 15.72 -43.08
N HIS C 59 12.60 16.64 -44.02
CA HIS C 59 11.32 17.30 -44.22
C HIS C 59 10.19 16.34 -44.58
N ALA C 60 10.46 15.42 -45.49
CA ALA C 60 9.45 14.46 -45.92
C ALA C 60 9.10 13.53 -44.77
N ILE C 61 10.13 13.05 -44.09
CA ILE C 61 9.96 12.19 -42.93
C ILE C 61 9.06 12.86 -41.89
N TRP C 62 9.33 14.14 -41.60
CA TRP C 62 8.55 14.90 -40.63
C TRP C 62 7.06 14.78 -40.89
N HIS C 63 6.69 14.99 -42.15
CA HIS C 63 5.29 15.13 -42.51
C HIS C 63 4.57 13.81 -42.37
N ALA C 64 5.30 12.74 -42.65
CA ALA C 64 4.72 11.41 -42.57
C ALA C 64 4.40 11.02 -41.13
N ALA C 65 5.26 11.45 -40.20
CA ALA C 65 5.14 11.06 -38.80
C ALA C 65 4.24 11.96 -37.96
N LYS C 66 4.22 13.27 -38.24
CA LYS C 66 3.58 14.21 -37.32
C LYS C 66 2.30 13.65 -36.72
N ASP C 67 1.33 13.31 -37.55
CA ASP C 67 0.04 12.80 -37.06
C ASP C 67 0.12 11.68 -36.00
N MET C 68 1.26 11.00 -35.88
CA MET C 68 1.42 9.93 -34.89
C MET C 68 1.52 10.43 -33.46
N ILE C 69 2.08 11.63 -33.27
CA ILE C 69 2.15 12.27 -31.94
C ILE C 69 0.78 12.57 -31.38
N HIS C 70 -0.19 12.81 -32.26
CA HIS C 70 -1.53 13.17 -31.84
C HIS C 70 -1.96 12.31 -30.63
N PRO C 71 -2.37 12.94 -29.53
CA PRO C 71 -2.75 12.29 -28.27
C PRO C 71 -3.65 11.04 -28.37
N GLU C 72 -4.57 11.04 -29.33
CA GLU C 72 -5.48 9.91 -29.51
C GLU C 72 -4.72 8.58 -29.57
N ASN C 73 -3.55 8.60 -30.21
CA ASN C 73 -2.79 7.39 -30.48
C ASN C 73 -2.30 6.71 -29.20
N PRO C 74 -1.95 5.41 -29.28
CA PRO C 74 -1.40 4.71 -28.11
C PRO C 74 0.01 5.16 -27.83
N ASP C 75 0.56 4.72 -26.72
CA ASP C 75 1.82 5.29 -26.25
C ASP C 75 2.98 4.92 -27.17
N ASN C 76 3.18 3.62 -27.40
CA ASN C 76 4.25 3.12 -28.28
C ASN C 76 4.39 3.91 -29.58
N ALA C 77 3.24 4.32 -30.13
CA ALA C 77 3.19 5.09 -31.37
C ALA C 77 3.64 6.54 -31.18
N ARG C 78 2.93 7.28 -30.34
CA ARG C 78 3.33 8.65 -30.04
C ARG C 78 4.81 8.65 -29.66
N GLN C 79 5.26 7.58 -28.99
CA GLN C 79 6.64 7.52 -28.51
C GLN C 79 7.67 7.41 -29.62
N ALA C 80 7.47 6.46 -30.54
CA ALA C 80 8.42 6.25 -31.62
C ALA C 80 8.52 7.50 -32.50
N SER C 81 7.38 8.13 -32.79
CA SER C 81 7.35 9.38 -33.54
C SER C 81 8.15 10.49 -32.85
N TRP C 82 7.76 10.82 -31.62
CA TRP C 82 8.46 11.87 -30.86
C TRP C 82 9.97 11.72 -30.97
N GLU C 83 10.44 10.49 -30.76
CA GLU C 83 11.87 10.24 -30.75
C GLU C 83 12.47 10.52 -32.12
N LEU C 84 11.69 10.27 -33.16
CA LEU C 84 12.10 10.53 -34.52
C LEU C 84 12.09 12.03 -34.83
N LEU C 85 10.96 12.68 -34.54
CA LEU C 85 10.85 14.14 -34.74
C LEU C 85 11.94 14.90 -33.97
N ILE C 86 12.28 14.44 -32.77
CA ILE C 86 13.40 15.00 -32.02
C ILE C 86 14.71 14.91 -32.81
N GLU C 87 14.84 13.91 -33.67
CA GLU C 87 15.98 13.79 -34.56
C GLU C 87 15.82 14.66 -35.80
N CYS C 88 14.62 14.70 -36.34
CA CYS C 88 14.31 15.53 -37.50
C CYS C 88 14.46 17.05 -37.27
N VAL C 89 14.23 17.53 -36.05
CA VAL C 89 14.48 18.96 -35.76
C VAL C 89 15.98 19.26 -35.60
N LYS C 90 16.80 18.28 -35.23
CA LYS C 90 18.24 18.52 -35.10
C LYS C 90 18.87 18.90 -36.44
N TYR C 91 18.24 18.45 -37.52
CA TYR C 91 18.57 18.84 -38.90
C TYR C 91 19.16 20.26 -38.99
N PRO C 92 20.36 20.40 -39.61
CA PRO C 92 21.13 21.65 -39.46
C PRO C 92 20.65 22.80 -40.35
N ASN C 93 20.04 22.45 -41.48
CA ASN C 93 19.69 23.44 -42.49
C ASN C 93 18.23 23.28 -42.94
N SER C 94 17.30 23.61 -42.04
CA SER C 94 15.88 23.76 -42.38
C SER C 94 15.56 25.24 -42.65
N THR C 95 14.74 25.48 -43.68
CA THR C 95 14.29 26.83 -43.98
C THR C 95 13.33 27.23 -42.87
N GLU C 96 13.30 28.51 -42.56
CA GLU C 96 12.54 29.02 -41.43
C GLU C 96 11.07 28.59 -41.43
N LEU C 97 10.49 28.45 -42.63
CA LEU C 97 9.11 27.96 -42.77
C LEU C 97 9.00 26.48 -42.35
N GLU C 98 9.99 25.68 -42.74
CA GLU C 98 10.08 24.31 -42.27
C GLU C 98 10.09 24.33 -40.73
N ARG C 99 10.93 25.20 -40.16
CA ARG C 99 11.00 25.42 -38.69
C ARG C 99 9.70 25.92 -38.09
N SER C 100 8.92 26.66 -38.86
CA SER C 100 7.59 27.11 -38.42
C SER C 100 6.62 25.94 -38.27
N GLU C 101 6.58 25.05 -39.26
CA GLU C 101 5.66 23.90 -39.19
C GLU C 101 6.08 22.95 -38.09
N TYR C 102 7.39 22.70 -37.97
CA TYR C 102 7.87 21.82 -36.93
C TYR C 102 7.41 22.39 -35.59
N PHE C 103 7.78 23.65 -35.33
CA PHE C 103 7.40 24.33 -34.12
C PHE C 103 5.94 24.09 -33.83
N HIS C 104 5.08 24.29 -34.83
CA HIS C 104 3.64 24.20 -34.58
C HIS C 104 3.18 22.77 -34.34
N THR C 105 3.90 21.80 -34.92
CA THR C 105 3.58 20.38 -34.72
C THR C 105 3.92 19.89 -33.30
N LEU C 106 5.14 20.20 -32.85
CA LEU C 106 5.61 19.78 -31.54
C LEU C 106 5.02 20.61 -30.38
N THR C 107 4.77 21.90 -30.61
CA THR C 107 4.04 22.71 -29.64
C THR C 107 2.52 22.46 -29.70
N GLY C 108 2.07 21.87 -30.81
CA GLY C 108 0.65 21.57 -31.02
C GLY C 108 0.06 20.64 -29.98
N PRO C 109 -1.27 20.45 -30.00
CA PRO C 109 -1.92 19.72 -28.90
C PRO C 109 -1.33 18.33 -28.71
N ALA C 110 -0.70 18.12 -27.56
CA ALA C 110 0.06 16.90 -27.29
C ALA C 110 -0.44 16.23 -26.03
N HIS C 111 -0.07 14.97 -25.86
CA HIS C 111 -0.47 14.20 -24.69
C HIS C 111 0.25 14.71 -23.46
N SER C 112 -0.50 14.86 -22.37
CA SER C 112 0.04 15.36 -21.10
C SER C 112 1.31 14.65 -20.64
N LYS C 113 1.30 13.33 -20.73
CA LYS C 113 2.48 12.51 -20.46
C LYS C 113 3.65 12.66 -21.45
N ASP C 114 3.51 13.49 -22.49
CA ASP C 114 4.57 13.62 -23.48
C ASP C 114 5.41 14.88 -23.32
N PHE C 115 5.20 15.63 -22.24
CA PHE C 115 5.89 16.92 -22.08
C PHE C 115 7.41 16.81 -22.18
N CYS C 116 7.99 15.76 -21.60
CA CYS C 116 9.45 15.57 -21.72
C CYS C 116 9.93 15.56 -23.19
N TYR C 117 9.15 14.95 -24.10
CA TYR C 117 9.53 14.91 -25.52
C TYR C 117 9.40 16.28 -26.13
N GLN C 118 8.29 16.95 -25.86
CA GLN C 118 8.15 18.35 -26.22
C GLN C 118 9.36 19.19 -25.81
N LEU C 119 9.71 19.21 -24.53
CA LEU C 119 10.86 19.99 -24.08
C LEU C 119 12.07 19.69 -24.93
N VAL C 120 12.49 18.44 -24.94
CA VAL C 120 13.65 18.06 -25.73
C VAL C 120 13.47 18.46 -27.20
N ALA C 121 12.26 18.29 -27.73
CA ALA C 121 12.02 18.61 -29.13
C ALA C 121 12.26 20.08 -29.35
N LEU C 122 11.61 20.90 -28.55
CA LEU C 122 11.75 22.35 -28.69
C LEU C 122 13.19 22.74 -28.36
N GLU C 123 13.63 22.35 -27.18
CA GLU C 123 15.01 22.49 -26.79
C GLU C 123 15.93 22.17 -27.97
N GLN C 124 15.57 21.18 -28.77
CA GLN C 124 16.38 20.83 -29.93
C GLN C 124 16.12 21.73 -31.14
N LEU C 125 14.85 21.92 -31.52
CA LEU C 125 14.48 22.81 -32.64
C LEU C 125 15.10 24.20 -32.56
N THR C 126 15.42 24.66 -31.36
CA THR C 126 15.97 25.99 -31.14
C THR C 126 17.44 25.97 -30.78
N ASN C 127 18.05 24.78 -30.69
CA ASN C 127 19.40 24.68 -30.13
C ASN C 127 19.45 25.48 -28.86
N HIS C 128 18.93 24.88 -27.80
CA HIS C 128 19.02 25.43 -26.45
C HIS C 128 18.84 26.93 -26.33
N GLY C 129 17.80 27.41 -27.02
CA GLY C 129 17.31 28.76 -26.84
C GLY C 129 17.78 29.79 -27.84
N ARG C 130 18.57 29.39 -28.83
CA ARG C 130 19.27 30.31 -29.74
C ARG C 130 18.52 30.66 -31.03
N ASN C 131 17.78 29.71 -31.57
CA ASN C 131 17.09 29.93 -32.83
C ASN C 131 15.58 29.71 -32.71
N ILE C 132 14.84 30.80 -32.76
CA ILE C 132 13.38 30.72 -32.69
C ILE C 132 12.72 31.11 -34.03
N ALA C 133 13.56 31.23 -35.05
CA ALA C 133 13.12 31.62 -36.37
C ALA C 133 12.01 30.71 -36.83
N GLY C 134 10.94 31.31 -37.34
CA GLY C 134 9.74 30.57 -37.71
C GLY C 134 8.68 30.72 -36.64
N PHE C 135 9.11 31.06 -35.42
CA PHE C 135 8.20 31.21 -34.30
C PHE C 135 8.61 32.34 -33.37
N TYR C 136 9.32 33.31 -33.96
CA TYR C 136 9.86 34.48 -33.26
C TYR C 136 8.92 34.99 -32.19
N TYR C 137 7.68 35.24 -32.58
CA TYR C 137 6.68 35.84 -31.70
C TYR C 137 5.71 34.84 -31.11
N GLU C 138 5.99 33.55 -31.28
CA GLU C 138 5.20 32.48 -30.67
C GLU C 138 5.95 31.81 -29.52
N MET C 139 7.24 32.10 -29.41
CA MET C 139 8.13 31.40 -28.51
C MET C 139 7.91 31.73 -27.04
N PHE C 140 8.08 33.02 -26.68
CA PHE C 140 7.97 33.46 -25.29
C PHE C 140 6.59 33.17 -24.72
N PRO C 141 5.53 33.53 -25.48
CA PRO C 141 4.19 33.16 -24.98
C PRO C 141 4.11 31.67 -24.62
N LEU C 142 4.67 30.83 -25.50
CA LEU C 142 4.66 29.39 -25.28
C LEU C 142 5.40 28.99 -24.01
N LEU C 143 6.55 29.61 -23.74
CA LEU C 143 7.26 29.37 -22.48
C LEU C 143 6.40 29.79 -21.29
N THR C 144 5.82 30.97 -21.33
CA THR C 144 4.93 31.36 -20.24
C THR C 144 3.86 30.29 -20.09
N LEU C 145 3.31 29.89 -21.23
CA LEU C 145 2.29 28.85 -21.29
C LEU C 145 2.76 27.52 -20.67
N TRP C 146 4.00 27.13 -20.96
CA TRP C 146 4.56 25.88 -20.47
C TRP C 146 4.96 25.88 -18.98
N LEU C 147 5.52 26.99 -18.49
CA LEU C 147 5.92 27.08 -17.07
C LEU C 147 4.74 26.82 -16.19
N ASN C 148 3.69 27.60 -16.43
CA ASN C 148 2.40 27.37 -15.76
C ASN C 148 2.10 25.86 -15.68
N GLN C 149 2.09 25.20 -16.83
CA GLN C 149 1.82 23.77 -16.92
C GLN C 149 2.87 22.93 -16.23
N ALA C 150 4.13 23.22 -16.47
CA ALA C 150 5.20 22.45 -15.86
C ALA C 150 5.09 22.52 -14.35
N TYR C 151 5.01 23.74 -13.84
CA TYR C 151 5.00 23.94 -12.40
C TYR C 151 3.71 23.38 -11.80
N ARG C 152 2.58 23.72 -12.43
CA ARG C 152 1.25 23.28 -11.99
C ARG C 152 1.21 21.74 -11.89
N ALA C 153 1.85 21.09 -12.85
CA ALA C 153 2.02 19.65 -12.85
C ALA C 153 2.93 19.20 -11.72
N ALA C 154 3.99 19.95 -11.48
CA ALA C 154 4.93 19.59 -10.43
C ALA C 154 4.28 19.62 -9.05
N ARG C 155 3.33 20.54 -8.83
CA ARG C 155 2.68 20.68 -7.52
C ARG C 155 1.48 19.74 -7.36
N ASP C 156 0.89 19.32 -8.46
CA ASP C 156 -0.06 18.19 -8.43
C ASP C 156 0.72 17.00 -7.84
N ALA C 157 1.84 16.66 -8.48
CA ALA C 157 2.75 15.58 -8.06
C ALA C 157 3.23 15.68 -6.61
N ARG C 158 3.81 16.84 -6.28
CA ARG C 158 4.24 17.14 -4.92
C ARG C 158 3.11 17.01 -3.89
N LYS C 159 1.95 17.58 -4.20
CA LYS C 159 0.79 17.59 -3.29
C LYS C 159 0.29 16.18 -2.99
N LEU C 160 0.43 15.29 -3.96
CA LEU C 160 0.13 13.89 -3.79
C LEU C 160 1.14 13.21 -2.88
N ALA C 161 2.43 13.51 -3.07
CA ALA C 161 3.49 12.90 -2.25
C ALA C 161 3.60 13.58 -0.88
N PRO C 176 12.27 11.78 -3.58
CA PRO C 176 12.31 13.07 -4.25
C PRO C 176 12.82 12.98 -5.69
N ALA C 177 13.07 14.13 -6.33
CA ALA C 177 13.55 14.20 -7.72
C ALA C 177 12.56 13.58 -8.72
N SER C 178 11.32 14.07 -8.68
CA SER C 178 10.21 13.54 -9.50
C SER C 178 10.34 13.92 -10.98
N PRO C 179 9.71 13.13 -11.87
CA PRO C 179 9.90 13.47 -13.26
C PRO C 179 9.31 14.84 -13.54
N GLU C 180 8.21 15.18 -12.86
CA GLU C 180 7.65 16.52 -12.95
C GLU C 180 8.70 17.57 -12.52
N ASP C 181 9.31 17.35 -11.35
CA ASP C 181 10.39 18.21 -10.83
C ASP C 181 11.50 18.39 -11.85
N LYS C 182 11.87 17.32 -12.57
CA LYS C 182 12.96 17.44 -13.55
C LYS C 182 12.53 18.14 -14.84
N ASN C 183 11.34 17.84 -15.33
CA ASN C 183 10.78 18.61 -16.44
C ASN C 183 10.93 20.09 -16.14
N LEU C 184 10.39 20.49 -14.98
CA LEU C 184 10.39 21.89 -14.54
C LEU C 184 11.81 22.50 -14.52
N SER C 185 12.76 21.83 -13.90
CA SER C 185 14.14 22.33 -13.84
C SER C 185 14.70 22.55 -15.23
N GLN C 186 14.36 21.64 -16.14
CA GLN C 186 14.82 21.70 -17.52
C GLN C 186 14.21 22.91 -18.22
N LEU C 187 12.89 23.04 -18.11
CA LEU C 187 12.17 24.17 -18.66
C LEU C 187 12.78 25.49 -18.18
N PHE C 188 12.97 25.60 -16.87
CA PHE C 188 13.56 26.80 -16.30
C PHE C 188 14.85 27.14 -17.03
N ALA C 189 15.70 26.14 -17.24
CA ALA C 189 16.99 26.38 -17.87
C ALA C 189 16.79 26.89 -19.30
N LEU C 190 15.79 26.36 -20.00
CA LEU C 190 15.51 26.81 -21.35
C LEU C 190 15.03 28.26 -21.35
N VAL C 191 14.28 28.66 -20.33
CA VAL C 191 13.74 30.01 -20.29
C VAL C 191 14.86 31.04 -20.11
N LYS C 192 15.71 30.81 -19.12
CA LYS C 192 16.94 31.58 -18.95
C LYS C 192 17.61 31.77 -20.30
N ASP C 193 17.76 30.66 -21.01
CA ASP C 193 18.49 30.66 -22.26
C ASP C 193 17.80 31.46 -23.35
N VAL C 194 16.50 31.25 -23.54
CA VAL C 194 15.78 31.97 -24.57
C VAL C 194 15.84 33.47 -24.26
N ILE C 195 15.63 33.81 -23.00
CA ILE C 195 15.77 35.19 -22.56
C ILE C 195 17.15 35.72 -22.94
N LYS C 196 18.20 35.00 -22.59
CA LYS C 196 19.55 35.47 -22.90
C LYS C 196 19.81 35.71 -24.41
N PHE C 197 19.43 34.75 -25.25
CA PHE C 197 19.80 34.78 -26.67
C PHE C 197 18.71 35.36 -27.58
N ASN C 198 17.59 35.76 -27.02
CA ASN C 198 16.50 36.12 -27.88
C ASN C 198 15.54 37.03 -27.18
N PHE C 199 16.06 37.92 -26.33
CA PHE C 199 15.18 38.79 -25.56
C PHE C 199 14.50 39.72 -26.51
N LYS C 200 15.22 40.09 -27.55
CA LYS C 200 14.72 41.04 -28.53
C LYS C 200 13.33 40.72 -29.06
N PHE C 201 12.92 39.46 -29.01
CA PHE C 201 11.61 39.06 -29.55
C PHE C 201 10.61 38.94 -28.43
N ALA C 202 11.06 39.32 -27.24
CA ALA C 202 10.21 39.38 -26.07
C ALA C 202 9.64 40.77 -26.03
N THR C 203 8.35 40.86 -26.33
CA THR C 203 7.72 42.15 -26.34
C THR C 203 7.69 42.68 -24.91
N ASP C 204 7.41 43.96 -24.75
CA ASP C 204 7.15 44.49 -23.43
C ASP C 204 5.99 43.67 -22.88
N ASP C 205 4.93 43.58 -23.66
CA ASP C 205 3.69 43.00 -23.20
C ASP C 205 3.79 41.55 -22.79
N VAL C 206 4.67 40.79 -23.44
CA VAL C 206 4.81 39.37 -23.14
C VAL C 206 5.63 39.15 -21.88
N ILE C 207 6.72 39.88 -21.77
CA ILE C 207 7.56 39.82 -20.56
C ILE C 207 6.75 40.12 -19.30
N ALA C 208 5.85 41.09 -19.38
CA ALA C 208 4.94 41.35 -18.28
C ALA C 208 4.27 40.04 -17.86
N GLY C 209 3.76 39.32 -18.85
CA GLY C 209 3.10 38.03 -18.64
C GLY C 209 4.01 36.98 -18.05
N LEU C 210 5.25 36.89 -18.55
CA LEU C 210 6.24 35.96 -17.98
C LEU C 210 6.64 36.29 -16.54
N ILE C 211 6.89 37.57 -16.27
CA ILE C 211 7.18 38.01 -14.90
C ILE C 211 6.04 37.62 -13.95
N ASP C 212 4.79 37.91 -14.32
CA ASP C 212 3.64 37.45 -13.52
C ASP C 212 3.76 35.95 -13.21
N MET C 213 4.18 35.19 -14.21
CA MET C 213 4.20 33.74 -14.10
C MET C 213 5.24 33.30 -13.11
N LEU C 214 6.46 33.81 -13.28
CA LEU C 214 7.57 33.51 -12.35
C LEU C 214 7.27 33.84 -10.90
N LEU C 215 6.60 34.98 -10.67
CA LEU C 215 6.39 35.48 -9.31
C LEU C 215 5.27 34.68 -8.65
N LYS C 216 4.21 34.43 -9.41
CA LYS C 216 3.15 33.52 -8.98
C LYS C 216 3.76 32.19 -8.49
N ILE C 217 4.69 31.65 -9.26
CA ILE C 217 5.36 30.41 -8.88
C ILE C 217 6.19 30.62 -7.63
N CYS C 218 6.97 31.71 -7.61
CA CYS C 218 7.78 32.07 -6.44
C CYS C 218 6.95 32.11 -5.16
N MET C 219 5.73 32.65 -5.27
CA MET C 219 4.86 32.85 -4.11
C MET C 219 3.92 31.71 -3.83
N LEU C 220 4.19 30.54 -4.42
CA LEU C 220 3.60 29.29 -3.92
C LEU C 220 4.37 28.12 -4.45
N THR C 221 5.40 27.70 -3.74
CA THR C 221 6.16 26.54 -4.17
C THR C 221 6.96 25.96 -3.03
N SER C 222 7.13 24.65 -3.07
CA SER C 222 7.57 23.87 -1.94
C SER C 222 9.06 23.52 -2.01
N VAL C 223 9.76 23.94 -3.05
CA VAL C 223 11.12 23.45 -3.26
C VAL C 223 12.11 24.59 -3.43
N GLU C 224 13.16 24.56 -2.60
CA GLU C 224 14.20 25.58 -2.62
C GLU C 224 14.64 25.83 -4.06
N ASP C 225 14.95 24.75 -4.78
CA ASP C 225 15.53 24.84 -6.12
C ASP C 225 14.63 25.58 -7.14
N ASP C 226 13.32 25.57 -6.90
CA ASP C 226 12.40 26.38 -7.70
C ASP C 226 12.57 27.89 -7.52
N LEU C 227 12.70 28.33 -6.27
CA LEU C 227 12.94 29.74 -6.01
C LEU C 227 14.31 30.10 -6.58
N ARG C 228 15.30 29.25 -6.34
CA ARG C 228 16.61 29.45 -6.91
C ARG C 228 16.46 29.61 -8.42
N ALA C 229 15.71 28.70 -9.03
CA ALA C 229 15.48 28.75 -10.46
C ALA C 229 14.86 30.06 -10.86
N CYS C 230 13.76 30.44 -10.21
CA CYS C 230 13.05 31.66 -10.58
C CYS C 230 13.85 32.93 -10.35
N ILE C 231 14.83 32.86 -9.47
CA ILE C 231 15.68 34.01 -9.19
C ILE C 231 16.60 34.18 -10.35
N HIS C 232 17.25 33.08 -10.73
CA HIS C 232 18.12 33.06 -11.89
C HIS C 232 17.40 33.53 -13.16
N VAL C 233 16.12 33.24 -13.30
CA VAL C 233 15.39 33.78 -14.42
C VAL C 233 15.20 35.29 -14.25
N ILE C 234 14.84 35.75 -13.07
CA ILE C 234 14.70 37.19 -12.92
C ILE C 234 16.04 37.90 -13.16
N GLU C 235 17.15 37.32 -12.69
CA GLU C 235 18.48 37.84 -13.01
C GLU C 235 18.71 37.91 -14.51
N SER C 236 18.32 36.86 -15.20
CA SER C 236 18.37 36.80 -16.65
C SER C 236 17.66 37.99 -17.26
N LEU C 237 16.44 38.28 -16.81
CA LEU C 237 15.70 39.42 -17.32
C LEU C 237 16.46 40.71 -17.05
N VAL C 238 17.00 40.89 -15.86
CA VAL C 238 17.66 42.17 -15.56
C VAL C 238 19.09 42.25 -16.08
N THR C 239 19.58 41.17 -16.67
CA THR C 239 20.92 41.13 -17.23
C THR C 239 20.88 41.35 -18.75
N PHE C 240 20.02 40.60 -19.42
CA PHE C 240 19.87 40.69 -20.88
C PHE C 240 18.52 41.25 -21.30
N GLY C 241 17.79 41.81 -20.35
CA GLY C 241 16.47 42.28 -20.63
C GLY C 241 16.11 43.51 -19.84
N SER C 242 14.82 43.77 -19.83
CA SER C 242 14.26 44.92 -19.18
C SER C 242 13.05 44.41 -18.42
N ILE C 243 12.99 44.78 -17.14
CA ILE C 243 11.76 44.64 -16.37
C ILE C 243 10.93 45.88 -16.63
N PRO C 244 9.65 45.70 -16.97
CA PRO C 244 8.80 46.87 -17.15
C PRO C 244 8.55 47.56 -15.80
N THR C 245 8.56 48.90 -15.78
CA THR C 245 8.49 49.65 -14.53
C THR C 245 7.23 49.31 -13.75
N ASN C 246 6.16 49.04 -14.49
CA ASN C 246 4.88 48.70 -13.86
C ASN C 246 4.84 47.30 -13.25
N LYS C 247 5.94 46.57 -13.34
CA LYS C 247 6.08 45.24 -12.74
C LYS C 247 7.15 45.21 -11.65
N LEU C 248 7.95 46.27 -11.57
CA LEU C 248 9.08 46.31 -10.64
C LEU C 248 8.63 46.10 -9.21
N LYS C 249 7.51 46.72 -8.84
CA LYS C 249 7.03 46.57 -7.46
C LYS C 249 7.02 45.10 -7.10
N TYR C 250 6.43 44.29 -7.97
CA TYR C 250 6.19 42.90 -7.68
C TYR C 250 7.50 42.11 -7.58
N CYS C 251 8.42 42.27 -8.51
CA CYS C 251 9.71 41.55 -8.40
C CYS C 251 10.45 41.84 -7.07
N ILE C 252 10.37 43.09 -6.62
CA ILE C 252 10.99 43.53 -5.37
C ILE C 252 10.44 42.76 -4.16
N GLN C 253 9.14 42.87 -3.93
CA GLN C 253 8.44 42.08 -2.90
C GLN C 253 8.95 40.65 -2.77
N VAL C 254 8.83 39.92 -3.87
CA VAL C 254 9.03 38.49 -3.86
C VAL C 254 10.46 38.18 -3.50
N LEU C 255 11.36 38.95 -4.10
CA LEU C 255 12.79 38.79 -3.84
C LEU C 255 13.14 39.20 -2.42
N SER C 256 12.45 40.20 -1.90
CA SER C 256 12.66 40.63 -0.51
C SER C 256 12.27 39.51 0.45
N SER C 257 11.09 38.94 0.23
CA SER C 257 10.61 37.82 1.03
C SER C 257 11.63 36.70 1.05
N ILE C 258 12.19 36.40 -0.10
CA ILE C 258 13.12 35.31 -0.23
C ILE C 258 14.39 35.62 0.54
N HIS C 259 14.95 36.80 0.26
CA HIS C 259 16.15 37.32 0.91
C HIS C 259 16.08 37.21 2.45
N CYS C 260 14.92 37.61 2.98
CA CYS C 260 14.65 37.49 4.40
C CYS C 260 14.22 36.07 4.79
N LEU C 261 12.97 35.73 4.51
CA LEU C 261 12.37 34.45 4.94
C LEU C 261 13.16 33.19 4.55
N VAL C 262 13.94 33.23 3.47
CA VAL C 262 14.61 32.04 2.95
C VAL C 262 16.12 32.23 2.90
N PRO C 263 16.75 32.18 4.07
CA PRO C 263 18.16 32.56 4.24
C PRO C 263 19.18 31.74 3.43
N SER C 264 18.82 30.52 3.04
CA SER C 264 19.68 29.70 2.20
C SER C 264 19.88 30.34 0.84
N LEU C 265 18.91 31.15 0.42
CA LEU C 265 18.95 31.87 -0.86
C LEU C 265 19.27 33.34 -0.71
N GLN C 266 19.80 33.73 0.44
CA GLN C 266 19.98 35.15 0.69
C GLN C 266 21.03 35.70 -0.25
N LYS C 267 22.20 35.05 -0.34
CA LYS C 267 23.27 35.53 -1.22
C LYS C 267 22.83 35.68 -2.69
N GLU C 268 22.01 34.76 -3.17
CA GLU C 268 21.60 34.74 -4.57
C GLU C 268 20.45 35.71 -4.83
N ALA C 269 19.58 35.89 -3.84
CA ALA C 269 18.49 36.85 -3.97
C ALA C 269 19.09 38.24 -3.95
N TRP C 270 20.06 38.46 -3.06
CA TRP C 270 20.66 39.76 -2.96
C TRP C 270 21.33 40.07 -4.29
N HIS C 271 22.09 39.13 -4.82
CA HIS C 271 22.79 39.38 -6.06
C HIS C 271 21.85 39.96 -7.10
N THR C 272 20.64 39.42 -7.16
CA THR C 272 19.65 39.88 -8.13
C THR C 272 19.17 41.27 -7.76
N ILE C 273 18.88 41.47 -6.49
CA ILE C 273 18.41 42.76 -6.00
C ILE C 273 19.45 43.88 -6.20
N SER C 274 20.72 43.54 -6.09
CA SER C 274 21.76 44.51 -6.37
C SER C 274 21.78 44.89 -7.87
N ILE C 275 21.51 43.94 -8.76
CA ILE C 275 21.48 44.30 -10.18
C ILE C 275 20.38 45.31 -10.41
N ILE C 276 19.20 45.07 -9.83
CA ILE C 276 18.12 46.01 -10.00
C ILE C 276 18.42 47.35 -9.32
N CYS C 277 19.01 47.29 -8.15
CA CYS C 277 19.31 48.50 -7.42
C CYS C 277 20.22 49.42 -8.21
N ARG C 278 21.18 48.84 -8.93
CA ARG C 278 22.18 49.62 -9.65
C ARG C 278 21.68 50.03 -11.04
N SER C 279 20.67 49.33 -11.54
CA SER C 279 20.06 49.68 -12.81
C SER C 279 19.23 50.97 -12.71
N HIS C 280 18.68 51.37 -13.86
CA HIS C 280 17.66 52.43 -13.93
C HIS C 280 16.53 52.29 -12.90
N HIS C 281 16.37 51.11 -12.34
CA HIS C 281 15.35 50.88 -11.35
C HIS C 281 15.72 51.34 -9.94
N GLY C 282 16.99 51.61 -9.68
CA GLY C 282 17.47 52.02 -8.35
C GLY C 282 16.55 52.94 -7.57
N GLN C 283 16.15 54.05 -8.17
CA GLN C 283 15.34 55.05 -7.48
C GLN C 283 13.97 54.53 -7.11
N SER C 284 13.30 53.89 -8.06
CA SER C 284 12.00 53.28 -7.82
C SER C 284 12.09 52.13 -6.82
N THR C 285 13.22 51.45 -6.76
CA THR C 285 13.36 50.33 -5.84
C THR C 285 13.46 50.82 -4.42
N VAL C 286 14.28 51.84 -4.21
CA VAL C 286 14.37 52.48 -2.91
C VAL C 286 12.99 52.97 -2.55
N ARG C 287 12.42 53.85 -3.37
CA ARG C 287 11.09 54.35 -3.10
C ARG C 287 10.14 53.22 -2.73
N ILE C 288 10.24 52.09 -3.45
CA ILE C 288 9.33 50.94 -3.24
C ILE C 288 9.50 50.25 -1.88
N LEU C 289 10.73 49.94 -1.53
CA LEU C 289 11.05 49.31 -0.25
C LEU C 289 10.49 50.13 0.93
N LEU C 290 10.71 51.44 0.88
CA LEU C 290 10.16 52.34 1.87
C LEU C 290 8.63 52.20 1.96
N ASP C 291 7.97 52.15 0.80
CA ASP C 291 6.50 52.13 0.77
C ASP C 291 5.89 50.88 1.37
N PHE C 292 6.70 49.85 1.63
CA PHE C 292 6.24 48.72 2.44
C PHE C 292 6.14 49.07 3.91
N LEU C 293 6.87 50.10 4.32
CA LEU C 293 6.80 50.62 5.67
C LEU C 293 5.75 51.72 5.72
N ARG C 294 5.93 52.73 4.87
CA ARG C 294 5.10 53.93 4.88
C ARG C 294 3.62 53.64 4.55
N SER C 295 3.34 53.04 3.41
CA SER C 295 1.95 52.79 2.96
C SER C 295 1.18 51.94 3.99
N TYR C 296 1.91 51.04 4.65
CA TYR C 296 1.37 50.07 5.62
C TYR C 296 -0.15 50.08 5.81
N LYS C 306 0.54 39.61 9.59
CA LYS C 306 1.34 38.55 8.99
C LYS C 306 1.78 38.88 7.56
N ASP C 307 0.81 39.18 6.69
CA ASP C 307 1.10 39.39 5.26
C ASP C 307 2.02 40.59 4.98
N THR C 308 1.55 41.77 5.35
CA THR C 308 2.32 43.01 5.21
C THR C 308 3.52 43.01 6.17
N VAL C 309 3.42 42.25 7.26
CA VAL C 309 4.53 42.05 8.19
C VAL C 309 5.74 41.41 7.52
N ARG C 310 5.49 40.39 6.67
CA ARG C 310 6.56 39.74 5.91
C ARG C 310 7.18 40.68 4.87
N ASP C 311 6.37 41.56 4.26
CA ASP C 311 6.90 42.59 3.35
C ASP C 311 7.74 43.58 4.11
N VAL C 312 7.19 44.04 5.24
CA VAL C 312 7.92 44.90 6.15
C VAL C 312 9.26 44.23 6.53
N ARG C 313 9.23 42.97 6.92
CA ARG C 313 10.48 42.26 7.21
C ARG C 313 11.33 42.20 5.94
N GLY C 314 10.67 41.98 4.81
CA GLY C 314 11.32 42.04 3.52
C GLY C 314 12.01 43.37 3.31
N ALA C 315 11.23 44.45 3.28
CA ALA C 315 11.77 45.80 3.25
C ALA C 315 12.98 46.00 4.18
N LEU C 316 12.79 45.70 5.46
CA LEU C 316 13.82 45.89 6.48
C LEU C 316 15.13 45.18 6.13
N SER C 317 15.01 43.90 5.82
CA SER C 317 16.15 43.06 5.57
C SER C 317 16.95 43.57 4.39
N VAL C 318 16.26 43.89 3.30
CA VAL C 318 16.91 44.38 2.07
C VAL C 318 17.43 45.79 2.33
N LEU C 319 16.58 46.65 2.87
CA LEU C 319 17.02 47.99 3.26
C LEU C 319 18.31 47.90 4.05
N GLN C 320 18.35 47.00 5.01
CA GLN C 320 19.54 46.83 5.80
C GLN C 320 20.76 46.68 4.91
N LYS C 321 20.75 45.64 4.09
CA LYS C 321 21.87 45.37 3.18
C LYS C 321 22.17 46.57 2.25
N LEU C 322 21.12 47.19 1.72
CA LEU C 322 21.22 48.34 0.82
C LEU C 322 21.92 49.54 1.45
N LEU C 323 21.58 49.83 2.70
CA LEU C 323 22.11 51.01 3.41
C LEU C 323 23.58 50.85 3.75
N ARG C 324 24.18 49.70 3.45
CA ARG C 324 25.63 49.56 3.56
C ARG C 324 26.33 50.10 2.33
N LYS C 325 25.59 50.24 1.24
CA LYS C 325 26.18 50.49 -0.08
C LYS C 325 26.29 51.98 -0.39
N THR C 326 27.45 52.36 -0.91
CA THR C 326 27.71 53.75 -1.26
C THR C 326 27.33 53.98 -2.71
N ALA C 327 27.00 55.23 -3.06
CA ALA C 327 26.74 55.62 -4.46
C ALA C 327 28.01 55.50 -5.34
N GLU C 328 29.16 55.47 -4.67
CA GLU C 328 30.47 55.16 -5.27
C GLU C 328 30.53 53.73 -5.82
N LYS C 329 29.89 52.79 -5.12
CA LYS C 329 29.71 51.42 -5.60
C LYS C 329 28.51 51.29 -6.58
N GLY C 330 27.75 52.38 -6.74
CA GLY C 330 26.71 52.51 -7.79
C GLY C 330 25.28 52.49 -7.26
N TYR C 331 25.13 52.16 -5.98
CA TYR C 331 23.83 51.90 -5.40
C TYR C 331 23.08 53.18 -5.06
N PRO C 332 21.75 53.17 -5.20
CA PRO C 332 20.98 54.36 -4.87
C PRO C 332 20.94 54.52 -3.36
N GLN C 333 20.85 55.74 -2.89
CA GLN C 333 20.85 56.04 -1.47
C GLN C 333 19.43 56.18 -0.99
N VAL C 334 19.21 55.97 0.32
CA VAL C 334 17.88 56.06 0.92
C VAL C 334 17.74 57.36 1.70
N PRO C 335 16.75 58.20 1.37
CA PRO C 335 16.59 59.46 2.11
C PRO C 335 16.17 59.24 3.57
N LEU C 336 17.07 59.57 4.50
CA LEU C 336 16.94 59.20 5.93
C LEU C 336 15.61 59.53 6.56
N SER C 337 15.17 60.77 6.45
CA SER C 337 13.88 61.19 7.02
C SER C 337 12.75 60.22 6.64
N LEU C 338 12.75 59.79 5.38
CA LEU C 338 11.75 58.83 4.90
C LEU C 338 11.91 57.46 5.57
N LEU C 339 13.15 56.97 5.62
CA LEU C 339 13.46 55.71 6.29
C LEU C 339 12.96 55.73 7.70
N VAL C 340 13.34 56.79 8.42
CA VAL C 340 12.96 56.99 9.83
C VAL C 340 11.45 57.10 9.99
N GLY C 341 10.83 57.97 9.18
CA GLY C 341 9.38 58.11 9.17
C GLY C 341 8.70 56.75 9.10
N GLY C 342 9.06 55.97 8.09
CA GLY C 342 8.52 54.63 7.89
C GLY C 342 8.90 53.66 9.01
N LEU C 343 10.19 53.64 9.37
CA LEU C 343 10.68 52.80 10.47
C LEU C 343 9.90 53.02 11.79
N ALA C 344 9.40 54.23 11.98
CA ALA C 344 8.59 54.57 13.16
C ALA C 344 7.19 53.94 13.07
N ASN C 345 6.64 53.97 11.86
CA ASN C 345 5.31 53.44 11.60
C ASN C 345 5.24 51.91 11.67
N VAL C 346 6.41 51.27 11.73
CA VAL C 346 6.50 49.82 11.77
C VAL C 346 6.89 49.33 13.17
N SER C 347 7.59 50.15 13.94
CA SER C 347 7.91 49.79 15.32
C SER C 347 6.64 49.64 16.18
N LYS C 348 5.59 50.39 15.83
CA LYS C 348 4.28 50.25 16.48
C LYS C 348 3.65 48.88 16.20
N SER C 349 3.82 48.38 14.98
CA SER C 349 3.23 47.11 14.56
C SER C 349 3.99 45.95 15.22
N SER C 350 3.77 45.82 16.52
CA SER C 350 4.66 45.08 17.39
C SER C 350 4.51 43.56 17.40
N SER C 351 5.50 42.90 16.83
CA SER C 351 5.80 41.51 17.09
C SER C 351 7.27 41.50 17.47
N THR C 352 7.69 40.53 18.28
CA THR C 352 9.09 40.44 18.68
C THR C 352 10.04 40.55 17.48
N ARG C 353 9.77 39.80 16.41
CA ARG C 353 10.68 39.72 15.25
C ARG C 353 11.01 41.07 14.60
N VAL C 354 10.00 41.91 14.40
CA VAL C 354 10.20 43.21 13.78
C VAL C 354 11.17 44.01 14.64
N ALA C 355 10.78 44.22 15.90
CA ALA C 355 11.60 44.96 16.83
C ALA C 355 13.08 44.59 16.67
N THR C 356 13.37 43.29 16.74
CA THR C 356 14.73 42.74 16.58
C THR C 356 15.40 43.21 15.27
N GLU C 357 14.65 43.16 14.17
CA GLU C 357 15.17 43.52 12.85
C GLU C 357 15.33 45.03 12.70
N ILE C 358 14.29 45.78 13.05
CA ILE C 358 14.36 47.24 13.14
C ILE C 358 15.66 47.67 13.85
N LEU C 359 15.93 47.03 14.98
CA LEU C 359 17.10 47.35 15.79
C LEU C 359 18.40 46.98 15.11
N ARG C 360 18.41 45.77 14.54
CA ARG C 360 19.55 45.24 13.77
C ARG C 360 19.91 46.17 12.61
N LEU C 361 18.89 46.67 11.91
CA LEU C 361 19.08 47.67 10.85
C LEU C 361 19.70 48.90 11.46
N ILE C 362 19.03 49.44 12.46
CA ILE C 362 19.52 50.63 13.13
C ILE C 362 20.95 50.43 13.62
N ASN C 363 21.26 49.25 14.14
CA ASN C 363 22.64 48.90 14.47
C ASN C 363 23.60 48.99 13.27
N SER C 364 23.12 48.54 12.11
CA SER C 364 23.93 48.64 10.90
C SER C 364 24.23 50.10 10.51
N LEU C 365 23.27 51.00 10.70
CA LEU C 365 23.48 52.44 10.47
C LEU C 365 24.60 53.02 11.37
N PHE C 366 24.49 52.81 12.68
CA PHE C 366 25.48 53.36 13.61
C PHE C 366 26.76 52.54 13.61
N HIS C 367 26.69 51.30 13.12
CA HIS C 367 27.87 50.45 12.98
C HIS C 367 27.77 49.49 11.81
N GLY C 368 28.61 49.70 10.79
CA GLY C 368 28.57 48.87 9.57
C GLY C 368 29.91 48.78 8.86
N ASN C 372 32.32 51.65 11.85
CA ASN C 372 32.12 52.89 11.11
C ASN C 372 30.67 53.32 11.06
N ILE C 373 30.45 54.62 11.28
CA ILE C 373 29.15 55.26 11.11
C ILE C 373 28.69 55.21 9.66
N ASN C 374 27.38 55.14 9.45
CA ASN C 374 26.80 55.23 8.11
C ASN C 374 26.61 56.70 7.75
N PRO C 375 27.12 57.11 6.57
CA PRO C 375 27.01 58.48 6.06
C PRO C 375 25.63 59.09 6.20
N ILE C 376 24.62 58.27 5.94
CA ILE C 376 23.23 58.72 5.87
C ILE C 376 22.78 59.58 7.07
N LEU C 377 23.34 59.34 8.24
CA LEU C 377 22.87 60.04 9.47
C LEU C 377 23.80 61.12 10.04
N VAL C 378 24.93 61.39 9.39
CA VAL C 378 26.02 62.16 10.01
C VAL C 378 25.68 63.62 10.32
N GLU C 379 24.94 64.27 9.43
CA GLU C 379 24.60 65.67 9.64
C GLU C 379 23.11 65.83 9.95
N GLU C 380 22.55 64.95 10.79
CA GLU C 380 21.12 64.92 11.00
C GLU C 380 20.76 64.91 12.48
N HIS C 381 19.59 65.47 12.81
CA HIS C 381 18.98 65.28 14.13
C HIS C 381 18.79 63.79 14.34
N TRP C 382 19.22 63.25 15.47
CA TRP C 382 19.05 61.83 15.76
C TRP C 382 17.89 61.54 16.68
N GLU C 383 17.22 62.58 17.18
CA GLU C 383 16.05 62.39 18.03
C GLU C 383 14.97 61.48 17.40
N PRO C 384 14.71 61.65 16.09
CA PRO C 384 13.67 60.84 15.44
C PRO C 384 14.00 59.33 15.36
N ILE C 385 15.25 59.02 15.01
CA ILE C 385 15.73 57.64 14.93
C ILE C 385 15.92 57.07 16.33
N PHE C 386 16.27 57.92 17.28
CA PHE C 386 16.40 57.49 18.66
C PHE C 386 15.05 57.19 19.29
N ASP C 387 14.06 58.02 18.98
CA ASP C 387 12.66 57.82 19.41
C ASP C 387 12.15 56.39 19.07
N VAL C 388 12.48 55.90 17.87
CA VAL C 388 12.08 54.54 17.41
C VAL C 388 12.83 53.45 18.20
N ALA C 389 14.15 53.61 18.34
CA ALA C 389 15.01 52.62 19.04
C ALA C 389 14.47 52.29 20.41
N ALA C 390 13.96 53.31 21.08
CA ALA C 390 13.32 53.16 22.38
C ALA C 390 11.99 52.38 22.28
N GLN C 391 11.17 52.65 21.28
CA GLN C 391 9.91 51.90 21.13
C GLN C 391 10.15 50.39 20.99
N CYS C 392 11.16 50.02 20.20
CA CYS C 392 11.61 48.63 20.09
C CYS C 392 12.12 48.09 21.42
N ALA C 393 12.78 48.96 22.18
CA ALA C 393 13.39 48.61 23.49
C ALA C 393 12.39 48.22 24.57
N THR C 394 11.11 48.56 24.39
CA THR C 394 10.04 48.13 25.30
C THR C 394 9.77 46.62 25.19
N LYS C 395 10.18 46.05 24.07
CA LYS C 395 9.96 44.63 23.78
C LYS C 395 11.06 43.74 24.33
N ALA C 396 12.14 44.33 24.82
CA ALA C 396 13.29 43.56 25.26
C ALA C 396 12.96 42.85 26.57
N VAL C 397 12.57 43.63 27.58
CA VAL C 397 12.15 43.10 28.87
C VAL C 397 10.64 43.25 28.98
N THR C 398 9.97 42.29 29.63
CA THR C 398 8.53 42.36 29.85
C THR C 398 8.17 41.76 31.20
N LEU C 399 7.35 42.47 31.96
CA LEU C 399 7.06 42.13 33.34
C LEU C 399 5.57 42.30 33.60
N PRO C 408 4.18 45.83 48.17
CA PRO C 408 5.11 45.08 49.00
C PRO C 408 5.02 43.58 48.70
N LEU C 409 5.56 43.18 47.56
CA LEU C 409 5.39 41.82 47.05
C LEU C 409 6.34 40.87 47.76
N PRO C 410 5.82 39.78 48.34
CA PRO C 410 6.64 38.76 49.01
C PRO C 410 7.65 38.05 48.11
N THR C 411 8.91 37.97 48.56
CA THR C 411 10.02 37.36 47.82
C THR C 411 9.65 36.02 47.23
N VAL C 412 8.88 35.25 47.99
CA VAL C 412 8.40 33.94 47.55
C VAL C 412 7.55 34.07 46.29
N ALA C 413 6.72 35.10 46.25
CA ALA C 413 5.84 35.38 45.13
C ALA C 413 6.53 36.13 43.99
N LYS C 414 7.77 36.59 44.21
CA LYS C 414 8.58 37.23 43.16
C LYS C 414 8.66 36.32 41.97
N GLU C 415 8.93 36.89 40.80
CA GLU C 415 8.96 36.08 39.58
C GLU C 415 9.99 36.56 38.56
N GLU C 416 10.59 35.59 37.85
CA GLU C 416 11.62 35.87 36.84
C GLU C 416 11.08 36.78 35.74
N PRO C 417 11.92 37.71 35.25
CA PRO C 417 11.51 38.59 34.16
C PRO C 417 11.55 37.88 32.82
N VAL C 418 10.51 38.09 32.01
CA VAL C 418 10.48 37.56 30.65
C VAL C 418 11.32 38.49 29.77
N VAL C 419 12.56 38.07 29.50
CA VAL C 419 13.47 38.84 28.65
C VAL C 419 13.51 38.28 27.22
N GLU C 420 13.55 39.19 26.25
CA GLU C 420 13.70 38.83 24.85
C GLU C 420 15.16 39.00 24.44
N ASP C 421 15.89 37.89 24.38
CA ASP C 421 17.30 37.84 23.96
C ASP C 421 17.54 38.57 22.65
N ASN C 422 16.67 38.31 21.67
CA ASN C 422 16.85 38.86 20.35
C ASN C 422 16.82 40.39 20.33
N VAL C 423 15.84 40.97 21.02
CA VAL C 423 15.70 42.42 21.08
C VAL C 423 16.80 42.93 21.97
N SER C 424 17.00 42.20 23.06
CA SER C 424 18.01 42.49 24.07
C SER C 424 19.44 42.60 23.53
N LEU C 425 19.87 41.62 22.73
CA LEU C 425 21.24 41.59 22.21
C LEU C 425 21.47 42.79 21.31
N GLN C 426 20.47 43.11 20.51
CA GLN C 426 20.55 44.24 19.59
C GLN C 426 20.63 45.56 20.35
N LEU C 427 19.91 45.66 21.48
CA LEU C 427 20.06 46.81 22.36
C LEU C 427 21.47 46.88 22.92
N LYS C 428 21.98 45.74 23.43
CA LYS C 428 23.31 45.70 24.05
C LYS C 428 24.36 46.33 23.14
N HIS C 429 24.31 45.96 21.86
CA HIS C 429 25.22 46.49 20.86
C HIS C 429 24.95 47.97 20.53
N LEU C 430 23.68 48.32 20.30
CA LEU C 430 23.32 49.71 19.99
C LEU C 430 23.72 50.65 21.13
N ILE C 431 23.28 50.32 22.33
CA ILE C 431 23.72 50.99 23.55
C ILE C 431 25.23 51.18 23.47
N LEU C 432 25.95 50.06 23.42
CA LEU C 432 27.42 50.03 23.41
C LEU C 432 28.01 50.83 22.24
N ARG C 433 27.35 50.79 21.08
CA ARG C 433 27.77 51.62 19.95
C ARG C 433 27.60 53.09 20.28
N VAL C 434 26.38 53.50 20.65
CA VAL C 434 26.10 54.92 20.92
C VAL C 434 27.00 55.43 22.06
N GLU C 435 27.11 54.60 23.09
CA GLU C 435 28.02 54.81 24.21
C GLU C 435 29.44 55.16 23.75
N ASN C 436 29.92 54.46 22.71
CA ASN C 436 31.28 54.66 22.19
C ASN C 436 31.41 55.91 21.33
N LEU C 437 30.41 56.20 20.52
CA LEU C 437 30.43 57.40 19.68
C LEU C 437 30.73 58.62 20.56
N ILE C 438 29.88 58.83 21.57
CA ILE C 438 30.09 59.86 22.58
C ILE C 438 31.57 59.95 22.99
N VAL C 439 32.19 58.81 23.24
CA VAL C 439 33.62 58.76 23.59
C VAL C 439 34.54 58.87 22.36
N HIS C 440 34.43 57.91 21.43
CA HIS C 440 35.22 57.95 20.19
C HIS C 440 34.87 59.18 19.35
N LEU C 445 31.00 65.88 17.64
CA LEU C 445 29.77 65.10 17.48
C LEU C 445 28.51 65.94 17.76
N LEU C 446 27.94 66.51 16.70
CA LEU C 446 26.83 67.48 16.81
C LEU C 446 25.65 67.01 17.65
N GLN C 447 25.34 65.71 17.61
CA GLN C 447 24.15 65.18 18.29
C GLN C 447 24.46 64.61 19.67
N ARG C 448 25.67 64.81 20.18
CA ARG C 448 26.08 64.31 21.51
C ARG C 448 24.93 64.27 22.52
N ASP C 449 24.16 65.35 22.59
CA ASP C 449 23.03 65.41 23.50
C ASP C 449 21.94 64.42 23.12
N ASP C 450 21.48 64.51 21.87
CA ASP C 450 20.43 63.61 21.36
C ASP C 450 20.69 62.15 21.73
N CYS C 451 21.94 61.73 21.56
CA CYS C 451 22.40 60.44 22.07
C CYS C 451 22.05 60.30 23.55
N MET C 452 22.72 61.10 24.36
CA MET C 452 22.64 61.04 25.83
C MET C 452 21.20 60.95 26.36
N LYS C 453 20.34 61.78 25.81
CA LYS C 453 18.94 61.78 26.17
C LYS C 453 18.33 60.39 25.94
N PHE C 454 18.65 59.76 24.80
CA PHE C 454 18.18 58.41 24.46
C PHE C 454 18.73 57.32 25.36
N LEU C 455 20.04 57.34 25.60
CA LEU C 455 20.65 56.36 26.50
C LEU C 455 20.01 56.40 27.89
N ILE C 456 19.75 57.61 28.38
CA ILE C 456 19.13 57.78 29.69
C ILE C 456 17.73 57.18 29.70
N ARG C 457 16.95 57.45 28.66
CA ARG C 457 15.58 56.91 28.56
C ARG C 457 15.61 55.39 28.60
N VAL C 458 16.53 54.80 27.83
CA VAL C 458 16.60 53.36 27.67
C VAL C 458 17.18 52.63 28.91
N GLN C 459 18.28 53.13 29.48
CA GLN C 459 18.98 52.40 30.56
C GLN C 459 18.07 51.85 31.66
N HIS C 460 17.00 52.57 31.99
CA HIS C 460 15.97 52.09 32.88
C HIS C 460 14.62 51.99 32.17
N SER D 21 2.40 -84.72 4.19
CA SER D 21 1.54 -85.92 3.91
C SER D 21 2.38 -87.18 3.81
N PRO D 22 1.72 -88.36 3.87
CA PRO D 22 2.40 -89.64 3.69
C PRO D 22 3.15 -89.78 2.36
N GLU D 23 2.44 -89.61 1.24
CA GLU D 23 3.02 -89.78 -0.10
C GLU D 23 4.14 -88.78 -0.38
N GLN D 24 4.02 -87.60 0.20
CA GLN D 24 5.01 -86.54 -0.01
C GLN D 24 6.33 -86.84 0.70
N ALA D 25 6.24 -87.52 1.84
CA ALA D 25 7.44 -88.01 2.55
C ALA D 25 8.26 -88.95 1.68
N ASP D 26 7.57 -89.89 1.03
CA ASP D 26 8.21 -90.94 0.22
C ASP D 26 8.92 -90.31 -0.96
N LEU D 27 8.22 -89.43 -1.68
CA LEU D 27 8.80 -88.69 -2.80
C LEU D 27 10.05 -87.88 -2.38
N VAL D 28 9.97 -87.26 -1.21
CA VAL D 28 11.11 -86.51 -0.66
C VAL D 28 12.26 -87.44 -0.31
N ALA D 29 11.95 -88.65 0.15
CA ALA D 29 12.98 -89.66 0.41
C ALA D 29 13.77 -89.93 -0.86
N LYS D 30 13.04 -90.27 -1.93
CA LYS D 30 13.66 -90.58 -3.22
C LYS D 30 14.38 -89.39 -3.81
N LEU D 31 13.85 -88.19 -3.59
CA LEU D 31 14.43 -86.96 -4.13
C LEU D 31 15.86 -86.70 -3.65
N LYS D 32 16.18 -87.16 -2.44
CA LYS D 32 17.55 -87.08 -1.90
C LYS D 32 18.42 -88.25 -2.37
N ASN D 33 17.96 -89.45 -2.06
CA ASN D 33 18.77 -90.65 -2.19
C ASN D 33 18.72 -91.27 -3.57
N GLY D 34 17.90 -90.73 -4.46
CA GLY D 34 17.58 -91.39 -5.71
C GLY D 34 18.68 -91.52 -6.74
N HIS D 35 18.31 -92.17 -7.84
CA HIS D 35 19.16 -92.39 -8.99
C HIS D 35 18.87 -91.17 -9.85
N LEU D 36 19.86 -90.59 -10.51
CA LEU D 36 19.64 -89.29 -11.21
C LEU D 36 18.27 -89.25 -11.90
N SER D 37 17.92 -90.35 -12.57
CA SER D 37 16.64 -90.48 -13.28
C SER D 37 15.41 -90.43 -12.36
N GLU D 38 15.49 -91.07 -11.20
CA GLU D 38 14.38 -91.10 -10.24
C GLU D 38 14.21 -89.75 -9.58
N ARG D 39 15.34 -89.15 -9.22
CA ARG D 39 15.39 -87.81 -8.63
C ARG D 39 14.57 -86.81 -9.44
N VAL D 40 14.83 -86.79 -10.75
CA VAL D 40 14.09 -85.92 -11.68
C VAL D 40 12.60 -86.21 -11.63
N LEU D 41 12.25 -87.48 -11.74
CA LEU D 41 10.86 -87.90 -11.72
C LEU D 41 10.24 -87.40 -10.40
N ALA D 42 10.83 -87.82 -9.29
CA ALA D 42 10.46 -87.37 -7.93
C ALA D 42 10.34 -85.85 -7.80
N ALA D 43 11.30 -85.14 -8.36
CA ALA D 43 11.25 -83.68 -8.39
C ALA D 43 9.98 -83.15 -9.06
N ASN D 44 9.59 -83.75 -10.18
CA ASN D 44 8.38 -83.33 -10.89
C ASN D 44 7.10 -83.61 -10.14
N LYS D 45 7.09 -84.75 -9.44
CA LYS D 45 5.93 -85.17 -8.69
C LYS D 45 5.68 -84.21 -7.52
N LEU D 46 6.75 -83.81 -6.83
CA LEU D 46 6.64 -82.85 -5.73
C LEU D 46 6.20 -81.43 -6.14
N ARG D 47 6.54 -81.00 -7.35
CA ARG D 47 6.01 -79.72 -7.86
C ARG D 47 4.49 -79.76 -7.85
N PHE D 48 3.94 -80.89 -8.27
CA PHE D 48 2.49 -81.08 -8.25
C PHE D 48 1.96 -81.29 -6.84
N ALA D 49 2.80 -81.82 -5.95
CA ALA D 49 2.43 -81.94 -4.54
C ALA D 49 2.33 -80.56 -3.89
N VAL D 50 3.34 -79.73 -4.11
CA VAL D 50 3.44 -78.44 -3.43
C VAL D 50 2.32 -77.47 -3.85
N VAL D 51 1.88 -77.53 -5.11
CA VAL D 51 0.78 -76.69 -5.57
C VAL D 51 -0.51 -77.06 -4.84
N ASP D 52 -0.84 -78.35 -4.85
CA ASP D 52 -2.03 -78.89 -4.17
C ASP D 52 -2.10 -78.46 -2.71
N PHE D 53 -0.96 -78.49 -2.04
CA PHE D 53 -0.86 -78.18 -0.63
C PHE D 53 0.12 -77.03 -0.39
N PRO D 54 -0.37 -75.79 -0.58
CA PRO D 54 0.53 -74.65 -0.43
C PRO D 54 1.10 -74.61 0.98
N LEU D 55 0.24 -74.85 1.96
CA LEU D 55 0.56 -74.67 3.37
C LEU D 55 1.57 -75.69 3.87
N ASN D 56 1.78 -76.74 3.09
CA ASN D 56 2.70 -77.78 3.48
C ASN D 56 4.15 -77.31 3.47
N PRO D 57 4.98 -77.84 4.39
CA PRO D 57 6.32 -77.34 4.57
C PRO D 57 7.23 -77.69 3.39
N VAL D 58 7.74 -76.65 2.75
CA VAL D 58 8.60 -76.82 1.58
C VAL D 58 10.08 -77.02 1.95
N HIS D 59 10.40 -76.78 3.23
CA HIS D 59 11.78 -76.65 3.64
C HIS D 59 12.62 -77.90 3.38
N ALA D 60 12.06 -79.05 3.71
CA ALA D 60 12.77 -80.32 3.54
C ALA D 60 12.97 -80.56 2.05
N ILE D 61 11.89 -80.38 1.29
CA ILE D 61 11.91 -80.54 -0.16
C ILE D 61 13.03 -79.69 -0.75
N TRP D 62 13.09 -78.42 -0.33
CA TRP D 62 14.11 -77.50 -0.82
C TRP D 62 15.49 -78.11 -0.77
N HIS D 63 15.82 -78.67 0.39
CA HIS D 63 17.18 -79.08 0.68
C HIS D 63 17.55 -80.28 -0.16
N ALA D 64 16.58 -81.13 -0.42
CA ALA D 64 16.81 -82.32 -1.20
C ALA D 64 17.13 -81.98 -2.67
N ALA D 65 16.47 -80.95 -3.18
CA ALA D 65 16.58 -80.57 -4.59
C ALA D 65 17.73 -79.62 -4.92
N LYS D 66 18.07 -78.70 -4.02
CA LYS D 66 18.98 -77.62 -4.37
C LYS D 66 20.12 -78.10 -5.26
N ASP D 67 20.91 -79.04 -4.77
CA ASP D 67 22.06 -79.54 -5.54
C ASP D 67 21.80 -79.91 -7.02
N MET D 68 20.53 -80.11 -7.40
CA MET D 68 20.18 -80.45 -8.78
C MET D 68 20.31 -79.28 -9.74
N ILE D 69 20.07 -78.06 -9.25
CA ILE D 69 20.26 -76.84 -10.07
C ILE D 69 21.71 -76.65 -10.46
N HIS D 70 22.64 -77.14 -9.66
CA HIS D 70 24.05 -76.96 -9.93
C HIS D 70 24.34 -77.18 -11.43
N PRO D 71 24.97 -76.19 -12.10
CA PRO D 71 25.26 -76.18 -13.54
C PRO D 71 25.81 -77.46 -14.15
N GLU D 72 26.63 -78.19 -13.39
CA GLU D 72 27.22 -79.45 -13.87
C GLU D 72 26.14 -80.38 -14.44
N ASN D 73 24.98 -80.41 -13.80
CA ASN D 73 23.91 -81.36 -14.14
C ASN D 73 23.37 -81.14 -15.55
N PRO D 74 22.70 -82.16 -16.12
CA PRO D 74 22.07 -82.01 -17.44
C PRO D 74 20.85 -81.14 -17.36
N ASP D 75 20.28 -80.79 -18.50
CA ASP D 75 19.25 -79.76 -18.52
C ASP D 75 17.96 -80.26 -17.84
N ASN D 76 17.44 -81.39 -18.30
CA ASN D 76 16.21 -81.98 -17.73
C ASN D 76 16.19 -81.96 -16.21
N ALA D 77 17.35 -82.19 -15.60
CA ALA D 77 17.51 -82.20 -14.16
C ALA D 77 17.44 -80.79 -13.55
N ARG D 78 18.38 -79.94 -13.92
CA ARG D 78 18.34 -78.56 -13.45
C ARG D 78 16.96 -78.00 -13.70
N GLN D 79 16.30 -78.42 -14.79
CA GLN D 79 14.99 -77.87 -15.13
C GLN D 79 13.89 -78.28 -14.15
N ALA D 80 13.77 -79.56 -13.87
CA ALA D 80 12.73 -80.05 -12.98
C ALA D 80 12.88 -79.45 -11.57
N SER D 81 14.12 -79.37 -11.09
CA SER D 81 14.41 -78.74 -9.81
C SER D 81 13.98 -77.27 -9.77
N TRP D 82 14.51 -76.46 -10.69
CA TRP D 82 14.16 -75.04 -10.76
C TRP D 82 12.64 -74.85 -10.65
N GLU D 83 11.90 -75.63 -11.41
CA GLU D 83 10.46 -75.48 -11.45
C GLU D 83 9.85 -75.79 -10.10
N LEU D 84 10.46 -76.72 -9.38
CA LEU D 84 10.03 -77.08 -8.05
C LEU D 84 10.41 -76.03 -7.01
N LEU D 85 11.67 -75.61 -7.03
CA LEU D 85 12.13 -74.55 -6.11
C LEU D 85 11.33 -73.26 -6.29
N ILE D 86 10.97 -72.92 -7.54
CA ILE D 86 10.08 -71.80 -7.83
C ILE D 86 8.72 -71.95 -7.14
N GLU D 87 8.30 -73.18 -6.89
CA GLU D 87 7.10 -73.45 -6.10
C GLU D 87 7.38 -73.38 -4.62
N CYS D 88 8.53 -73.92 -4.20
CA CYS D 88 8.93 -73.92 -2.80
C CYS D 88 9.19 -72.53 -2.22
N VAL D 89 9.61 -71.57 -3.04
CA VAL D 89 9.75 -70.18 -2.55
C VAL D 89 8.39 -69.46 -2.43
N LYS D 90 7.38 -69.89 -3.17
CA LYS D 90 6.04 -69.28 -3.06
C LYS D 90 5.43 -69.51 -1.67
N TYR D 91 5.87 -70.58 -1.03
CA TYR D 91 5.54 -70.87 0.38
C TYR D 91 5.32 -69.60 1.23
N PRO D 92 4.16 -69.49 1.92
CA PRO D 92 3.73 -68.21 2.48
C PRO D 92 4.41 -67.83 3.80
N ASN D 93 4.85 -68.84 4.55
CA ASN D 93 5.37 -68.63 5.88
C ASN D 93 6.70 -69.34 6.10
N SER D 94 7.74 -68.86 5.42
CA SER D 94 9.13 -69.26 5.70
C SER D 94 9.78 -68.27 6.65
N THR D 95 10.55 -68.80 7.61
CA THR D 95 11.30 -67.95 8.52
C THR D 95 12.41 -67.30 7.70
N GLU D 96 12.78 -66.08 8.09
CA GLU D 96 13.73 -65.28 7.31
C GLU D 96 15.04 -66.02 7.00
N LEU D 97 15.48 -66.88 7.92
CA LEU D 97 16.68 -67.70 7.70
C LEU D 97 16.45 -68.74 6.59
N GLU D 98 15.26 -69.34 6.58
CA GLU D 98 14.88 -70.21 5.48
C GLU D 98 14.99 -69.39 4.17
N ARG D 99 14.43 -68.18 4.19
CA ARG D 99 14.51 -67.24 3.05
C ARG D 99 15.93 -66.83 2.69
N SER D 100 16.82 -66.82 3.67
CA SER D 100 18.24 -66.55 3.43
C SER D 100 18.92 -67.69 2.65
N GLU D 101 18.65 -68.94 3.03
CA GLU D 101 19.26 -70.07 2.33
C GLU D 101 18.69 -70.19 0.92
N TYR D 102 17.38 -70.00 0.78
CA TYR D 102 16.75 -70.08 -0.53
C TYR D 102 17.45 -69.05 -1.42
N PHE D 103 17.42 -67.79 -0.97
CA PHE D 103 18.04 -66.71 -1.70
C PHE D 103 19.42 -67.11 -2.16
N HIS D 104 20.22 -67.66 -1.26
CA HIS D 104 21.60 -67.98 -1.62
C HIS D 104 21.70 -69.14 -2.60
N THR D 105 20.74 -70.07 -2.53
CA THR D 105 20.70 -71.22 -3.45
C THR D 105 20.35 -70.81 -4.89
N LEU D 106 19.29 -70.01 -5.03
CA LEU D 106 18.81 -69.57 -6.34
C LEU D 106 19.67 -68.45 -6.95
N THR D 107 20.22 -67.57 -6.12
CA THR D 107 21.21 -66.59 -6.59
C THR D 107 22.60 -67.23 -6.77
N GLY D 108 22.82 -68.38 -6.15
CA GLY D 108 24.10 -69.10 -6.22
C GLY D 108 24.51 -69.47 -7.63
N PRO D 109 25.75 -69.97 -7.81
CA PRO D 109 26.28 -70.18 -9.16
C PRO D 109 25.37 -71.07 -9.99
N ALA D 110 24.78 -70.50 -11.04
CA ALA D 110 23.77 -71.18 -11.83
C ALA D 110 24.16 -71.20 -13.29
N HIS D 111 23.51 -72.06 -14.05
CA HIS D 111 23.80 -72.19 -15.47
C HIS D 111 23.31 -70.97 -16.21
N SER D 112 24.15 -70.48 -17.13
CA SER D 112 23.85 -69.29 -17.93
C SER D 112 22.48 -69.32 -18.63
N LYS D 113 22.14 -70.46 -19.22
CA LYS D 113 20.81 -70.69 -19.77
C LYS D 113 19.66 -70.79 -18.76
N ASP D 114 19.92 -70.67 -17.47
CA ASP D 114 18.85 -70.81 -16.46
C ASP D 114 18.36 -69.48 -15.91
N PHE D 115 18.84 -68.37 -16.46
CA PHE D 115 18.52 -67.06 -15.89
C PHE D 115 17.02 -66.82 -15.75
N CYS D 116 16.23 -67.22 -16.75
CA CYS D 116 14.77 -67.08 -16.64
C CYS D 116 14.21 -67.71 -15.35
N TYR D 117 14.73 -68.87 -14.94
CA TYR D 117 14.26 -69.55 -13.73
C TYR D 117 14.67 -68.75 -12.50
N GLN D 118 15.94 -68.35 -12.46
CA GLN D 118 16.39 -67.41 -11.44
C GLN D 118 15.47 -66.21 -11.28
N LEU D 119 15.23 -65.45 -12.36
CA LEU D 119 14.35 -64.29 -12.26
C LEU D 119 13.04 -64.67 -11.61
N VAL D 120 12.33 -65.62 -12.21
CA VAL D 120 11.05 -66.04 -11.65
C VAL D 120 11.23 -66.49 -10.19
N ALA D 121 12.29 -67.22 -9.92
CA ALA D 121 12.52 -67.72 -8.58
C ALA D 121 12.62 -66.55 -7.63
N LEU D 122 13.52 -65.63 -7.94
CA LEU D 122 13.73 -64.48 -7.07
C LEU D 122 12.48 -63.62 -7.05
N GLU D 123 12.03 -63.24 -8.22
CA GLU D 123 10.75 -62.58 -8.39
C GLU D 123 9.71 -63.21 -7.48
N GLN D 124 9.76 -64.53 -7.32
CA GLN D 124 8.79 -65.21 -6.45
C GLN D 124 9.17 -65.17 -4.98
N LEU D 125 10.41 -65.51 -4.63
CA LEU D 125 10.92 -65.44 -3.24
C LEU D 125 10.68 -64.09 -2.56
N THR D 126 10.59 -63.02 -3.35
CA THR D 126 10.40 -61.67 -2.82
C THR D 126 8.99 -61.14 -3.02
N ASN D 127 8.11 -61.91 -3.66
CA ASN D 127 6.82 -61.39 -4.11
C ASN D 127 7.06 -60.07 -4.79
N HIS D 128 7.50 -60.15 -6.03
CA HIS D 128 7.65 -59.00 -6.90
C HIS D 128 8.21 -57.74 -6.24
N GLY D 129 9.28 -57.95 -5.49
CA GLY D 129 10.09 -56.86 -4.98
C GLY D 129 9.81 -56.39 -3.56
N ARG D 130 8.88 -57.06 -2.88
CA ARG D 130 8.38 -56.59 -1.56
C ARG D 130 9.10 -57.15 -0.34
N ASN D 131 9.54 -58.40 -0.42
CA ASN D 131 10.18 -59.02 0.72
C ASN D 131 11.58 -59.50 0.40
N ILE D 132 12.57 -58.82 0.97
CA ILE D 132 13.96 -59.22 0.76
C ILE D 132 14.60 -59.73 2.05
N ALA D 133 13.76 -59.95 3.05
CA ALA D 133 14.18 -60.41 4.35
C ALA D 133 15.00 -61.67 4.21
N GLY D 134 16.15 -61.70 4.87
CA GLY D 134 17.11 -62.79 4.74
C GLY D 134 18.25 -62.38 3.81
N PHE D 135 17.99 -61.38 2.98
CA PHE D 135 18.98 -60.92 2.02
C PHE D 135 18.93 -59.41 1.84
N TYR D 136 18.44 -58.75 2.89
CA TYR D 136 18.25 -57.30 2.93
C TYR D 136 19.36 -56.54 2.22
N TYR D 137 20.60 -56.85 2.57
CA TYR D 137 21.77 -56.17 2.06
C TYR D 137 22.51 -56.95 0.97
N GLU D 138 21.90 -58.02 0.48
CA GLU D 138 22.45 -58.79 -0.64
C GLU D 138 21.66 -58.54 -1.92
N MET D 139 20.48 -57.93 -1.78
CA MET D 139 19.53 -57.82 -2.85
C MET D 139 19.92 -56.86 -3.95
N PHE D 140 20.10 -55.58 -3.58
CA PHE D 140 20.42 -54.54 -4.55
C PHE D 140 21.73 -54.79 -5.28
N PRO D 141 22.78 -55.17 -4.54
CA PRO D 141 24.01 -55.56 -5.25
C PRO D 141 23.73 -56.64 -6.30
N LEU D 142 22.92 -57.64 -5.94
CA LEU D 142 22.57 -58.72 -6.86
C LEU D 142 21.87 -58.21 -8.11
N LEU D 143 20.93 -57.28 -7.95
CA LEU D 143 20.27 -56.66 -9.11
C LEU D 143 21.26 -55.92 -9.98
N THR D 144 22.14 -55.14 -9.38
CA THR D 144 23.18 -54.49 -10.17
C THR D 144 23.96 -55.55 -10.91
N LEU D 145 24.31 -56.60 -10.18
CA LEU D 145 25.03 -57.74 -10.72
C LEU D 145 24.30 -58.39 -11.91
N TRP D 146 22.98 -58.54 -11.78
CA TRP D 146 22.15 -59.19 -12.80
C TRP D 146 21.88 -58.33 -14.03
N LEU D 147 21.63 -57.02 -13.85
CA LEU D 147 21.38 -56.13 -14.99
C LEU D 147 22.52 -56.20 -15.95
N ASN D 148 23.71 -55.94 -15.43
CA ASN D 148 24.95 -56.09 -16.20
C ASN D 148 24.88 -57.37 -17.08
N GLN D 149 24.64 -58.50 -16.42
CA GLN D 149 24.53 -59.80 -17.10
C GLN D 149 23.36 -59.87 -18.05
N ALA D 150 22.19 -59.42 -17.61
CA ALA D 150 21.02 -59.49 -18.45
C ALA D 150 21.24 -58.70 -19.72
N TYR D 151 21.66 -57.45 -19.53
CA TYR D 151 21.82 -56.55 -20.66
C TYR D 151 22.97 -57.03 -21.56
N ARG D 152 24.10 -57.35 -20.93
CA ARG D 152 25.30 -57.82 -21.62
C ARG D 152 24.96 -59.04 -22.49
N ALA D 153 24.11 -59.91 -21.96
CA ALA D 153 23.59 -61.06 -22.67
C ALA D 153 22.67 -60.65 -23.82
N ALA D 154 21.86 -59.63 -23.58
CA ALA D 154 20.94 -59.15 -24.59
C ALA D 154 21.68 -58.58 -25.81
N ARG D 155 22.85 -57.96 -25.59
CA ARG D 155 23.60 -57.33 -26.68
C ARG D 155 24.54 -58.32 -27.38
N ASP D 156 24.93 -59.38 -26.67
CA ASP D 156 25.55 -60.52 -27.36
C ASP D 156 24.56 -61.01 -28.42
N ALA D 157 23.34 -61.32 -27.97
CA ALA D 157 22.22 -61.77 -28.81
C ALA D 157 21.88 -60.83 -29.96
N ARG D 158 21.64 -59.57 -29.62
CA ARG D 158 21.40 -58.53 -30.61
C ARG D 158 22.53 -58.40 -31.62
N LYS D 159 23.76 -58.39 -31.13
CA LYS D 159 24.96 -58.20 -31.99
C LYS D 159 25.09 -59.32 -33.01
N LEU D 160 24.68 -60.52 -32.61
CA LEU D 160 24.64 -61.65 -33.51
C LEU D 160 23.56 -61.49 -34.57
N ALA D 161 22.37 -61.03 -34.17
CA ALA D 161 21.26 -60.85 -35.10
C ALA D 161 21.41 -59.55 -35.90
N PRO D 176 12.39 -60.25 -33.95
CA PRO D 176 12.63 -59.52 -32.71
C PRO D 176 12.02 -60.21 -31.48
N ALA D 177 12.02 -59.52 -30.33
CA ALA D 177 11.48 -60.05 -29.08
C ALA D 177 12.20 -61.33 -28.61
N SER D 178 13.53 -61.22 -28.48
CA SER D 178 14.40 -62.34 -28.13
C SER D 178 14.26 -62.74 -26.65
N PRO D 179 14.61 -64.00 -26.33
CA PRO D 179 14.41 -64.39 -24.95
C PRO D 179 15.31 -63.55 -24.04
N GLU D 180 16.49 -63.19 -24.53
CA GLU D 180 17.37 -62.27 -23.79
C GLU D 180 16.66 -60.92 -23.56
N ASP D 181 16.09 -60.36 -24.63
CA ASP D 181 15.30 -59.12 -24.56
C ASP D 181 14.18 -59.23 -23.52
N LYS D 182 13.52 -60.38 -23.43
CA LYS D 182 12.42 -60.51 -22.47
C LYS D 182 12.91 -60.70 -21.03
N ASN D 183 13.97 -61.49 -20.84
CA ASN D 183 14.62 -61.55 -19.55
C ASN D 183 14.87 -60.15 -19.03
N LEU D 184 15.56 -59.35 -19.84
CA LEU D 184 15.95 -57.98 -19.52
C LEU D 184 14.75 -57.10 -19.14
N SER D 185 13.68 -57.11 -19.95
CA SER D 185 12.49 -56.34 -19.63
C SER D 185 11.89 -56.72 -18.31
N GLN D 186 11.94 -58.01 -18.01
CA GLN D 186 11.41 -58.55 -16.76
C GLN D 186 12.26 -58.07 -15.58
N LEU D 187 13.57 -58.22 -15.72
CA LEU D 187 14.51 -57.75 -14.72
C LEU D 187 14.27 -56.27 -14.41
N PHE D 188 14.20 -55.46 -15.46
CA PHE D 188 13.97 -54.04 -15.30
C PHE D 188 12.77 -53.81 -14.42
N ALA D 189 11.69 -54.53 -14.68
CA ALA D 189 10.46 -54.34 -13.91
C ALA D 189 10.68 -54.70 -12.43
N LEU D 190 11.47 -55.73 -12.17
CA LEU D 190 11.76 -56.13 -10.81
C LEU D 190 12.57 -55.05 -10.10
N VAL D 191 13.46 -54.38 -10.83
CA VAL D 191 14.33 -53.39 -10.21
C VAL D 191 13.50 -52.17 -9.76
N LYS D 192 12.69 -51.65 -10.68
CA LYS D 192 11.72 -50.61 -10.33
C LYS D 192 11.02 -50.98 -9.04
N ASP D 193 10.55 -52.22 -8.99
CA ASP D 193 9.75 -52.68 -7.86
C ASP D 193 10.54 -52.76 -6.57
N VAL D 194 11.73 -53.35 -6.60
CA VAL D 194 12.55 -53.46 -5.40
C VAL D 194 12.89 -52.05 -4.90
N ILE D 195 13.26 -51.17 -5.82
CA ILE D 195 13.49 -49.77 -5.50
C ILE D 195 12.27 -49.17 -4.80
N LYS D 196 11.09 -49.33 -5.40
CA LYS D 196 9.90 -48.76 -4.80
C LYS D 196 9.62 -49.27 -3.37
N PHE D 197 9.67 -50.58 -3.16
CA PHE D 197 9.21 -51.20 -1.89
C PHE D 197 10.34 -51.44 -0.88
N ASN D 198 11.56 -51.12 -1.24
CA ASN D 198 12.65 -51.54 -0.40
C ASN D 198 13.85 -50.67 -0.62
N PHE D 199 13.62 -49.38 -0.85
CA PHE D 199 14.74 -48.49 -1.13
C PHE D 199 15.57 -48.38 0.12
N LYS D 200 14.89 -48.42 1.26
CA LYS D 200 15.54 -48.26 2.55
C LYS D 200 16.77 -49.14 2.74
N PHE D 201 16.85 -50.27 2.04
CA PHE D 201 17.98 -51.18 2.20
C PHE D 201 19.02 -50.94 1.10
N ALA D 202 18.75 -49.93 0.30
CA ALA D 202 19.66 -49.48 -0.72
C ALA D 202 20.58 -48.47 -0.06
N THR D 203 21.82 -48.88 0.14
CA THR D 203 22.76 -47.99 0.76
C THR D 203 23.02 -46.85 -0.21
N ASP D 204 23.62 -45.77 0.30
CA ASP D 204 24.10 -44.73 -0.59
C ASP D 204 25.05 -45.39 -1.56
N ASP D 205 25.99 -46.14 -1.01
CA ASP D 205 27.08 -46.69 -1.77
C ASP D 205 26.65 -47.64 -2.87
N VAL D 206 25.57 -48.39 -2.63
CA VAL D 206 25.11 -49.38 -3.60
C VAL D 206 24.35 -48.71 -4.75
N ILE D 207 23.48 -47.78 -4.39
CA ILE D 207 22.73 -47.00 -5.40
C ILE D 207 23.66 -46.31 -6.38
N ALA D 208 24.76 -45.77 -5.87
CA ALA D 208 25.79 -45.23 -6.74
C ALA D 208 26.13 -46.27 -7.81
N GLY D 209 26.38 -47.50 -7.35
CA GLY D 209 26.71 -48.61 -8.23
C GLY D 209 25.62 -48.92 -9.23
N LEU D 210 24.38 -48.97 -8.78
CA LEU D 210 23.23 -49.21 -9.66
C LEU D 210 23.04 -48.08 -10.71
N ILE D 211 23.13 -46.83 -10.27
CA ILE D 211 23.04 -45.71 -11.19
C ILE D 211 24.11 -45.83 -12.29
N ASP D 212 25.37 -46.08 -11.91
CA ASP D 212 26.42 -46.34 -12.91
C ASP D 212 25.95 -47.38 -13.93
N MET D 213 25.30 -48.43 -13.44
CA MET D 213 24.93 -49.56 -14.26
C MET D 213 23.88 -49.15 -15.27
N LEU D 214 22.81 -48.52 -14.78
CA LEU D 214 21.74 -48.03 -15.65
C LEU D 214 22.23 -47.09 -16.75
N LEU D 215 23.16 -46.19 -16.40
CA LEU D 215 23.59 -45.15 -17.34
C LEU D 215 24.51 -45.74 -18.38
N LYS D 216 25.43 -46.60 -17.93
CA LYS D 216 26.24 -47.39 -18.85
C LYS D 216 25.37 -48.09 -19.91
N ILE D 217 24.26 -48.69 -19.47
CA ILE D 217 23.33 -49.37 -20.38
C ILE D 217 22.67 -48.36 -21.27
N CYS D 218 22.21 -47.25 -20.68
CA CYS D 218 21.60 -46.15 -21.45
C CYS D 218 22.49 -45.68 -22.58
N MET D 219 23.79 -45.59 -22.29
CA MET D 219 24.76 -45.04 -23.24
C MET D 219 25.41 -46.09 -24.13
N LEU D 220 24.83 -47.27 -24.21
CA LEU D 220 25.13 -48.19 -25.31
C LEU D 220 24.04 -49.24 -25.39
N THR D 221 22.99 -48.96 -26.16
CA THR D 221 21.92 -49.94 -26.33
C THR D 221 21.09 -49.64 -27.53
N SER D 222 20.60 -50.70 -28.16
CA SER D 222 20.06 -50.65 -29.49
C SER D 222 18.54 -50.60 -29.52
N VAL D 223 17.89 -50.61 -28.36
CA VAL D 223 16.44 -50.78 -28.34
C VAL D 223 15.75 -49.68 -27.54
N GLU D 224 14.79 -49.02 -28.20
CA GLU D 224 14.04 -47.93 -27.60
C GLU D 224 13.58 -48.34 -26.20
N ASP D 225 12.96 -49.52 -26.12
CA ASP D 225 12.33 -49.97 -24.88
C ASP D 225 13.32 -50.11 -23.70
N ASP D 226 14.59 -50.33 -23.98
CA ASP D 226 15.62 -50.30 -22.94
C ASP D 226 15.84 -48.92 -22.33
N LEU D 227 15.92 -47.90 -23.16
CA LEU D 227 16.06 -46.54 -22.65
C LEU D 227 14.80 -46.22 -21.88
N ARG D 228 13.64 -46.54 -22.46
CA ARG D 228 12.39 -46.32 -21.77
C ARG D 228 12.46 -47.00 -20.41
N ALA D 229 12.91 -48.24 -20.40
CA ALA D 229 13.04 -49.00 -19.17
C ALA D 229 13.94 -48.27 -18.20
N CYS D 230 15.14 -47.92 -18.63
CA CYS D 230 16.10 -47.26 -17.74
C CYS D 230 15.66 -45.90 -17.25
N ILE D 231 14.76 -45.27 -17.97
CA ILE D 231 14.24 -43.96 -17.56
C ILE D 231 13.32 -44.20 -16.40
N HIS D 232 12.39 -45.12 -16.59
CA HIS D 232 11.46 -45.52 -15.55
C HIS D 232 12.18 -45.95 -14.27
N VAL D 233 13.33 -46.61 -14.40
CA VAL D 233 14.11 -46.91 -13.21
C VAL D 233 14.69 -45.64 -12.61
N ILE D 234 15.23 -44.74 -13.42
CA ILE D 234 15.72 -43.49 -12.82
C ILE D 234 14.59 -42.72 -12.14
N GLU D 235 13.40 -42.69 -12.76
CA GLU D 235 12.22 -42.07 -12.14
C GLU D 235 11.92 -42.71 -10.78
N SER D 236 12.00 -44.04 -10.77
CA SER D 236 11.82 -44.80 -9.56
C SER D 236 12.75 -44.31 -8.47
N LEU D 237 14.03 -44.15 -8.79
CA LEU D 237 14.99 -43.65 -7.82
C LEU D 237 14.60 -42.26 -7.34
N VAL D 238 14.20 -41.37 -8.23
CA VAL D 238 13.90 -40.00 -7.79
C VAL D 238 12.52 -39.85 -7.19
N THR D 239 11.73 -40.91 -7.23
CA THR D 239 10.38 -40.87 -6.68
C THR D 239 10.36 -41.49 -5.28
N PHE D 240 10.97 -42.67 -5.13
CA PHE D 240 11.03 -43.39 -3.85
C PHE D 240 12.45 -43.47 -3.29
N GLY D 241 13.35 -42.71 -3.89
CA GLY D 241 14.74 -42.80 -3.49
C GLY D 241 15.43 -41.48 -3.53
N SER D 242 16.75 -41.56 -3.49
CA SER D 242 17.61 -40.41 -3.52
C SER D 242 18.70 -40.74 -4.51
N ILE D 243 18.95 -39.81 -5.43
CA ILE D 243 20.17 -39.84 -6.24
C ILE D 243 21.27 -39.16 -5.44
N PRO D 244 22.43 -39.82 -5.33
CA PRO D 244 23.54 -39.16 -4.64
C PRO D 244 24.06 -37.98 -5.45
N THR D 245 24.37 -36.87 -4.79
CA THR D 245 24.71 -35.62 -5.49
C THR D 245 25.89 -35.81 -6.42
N ASN D 246 26.81 -36.68 -6.02
CA ASN D 246 28.02 -36.95 -6.80
C ASN D 246 27.76 -37.80 -8.04
N LYS D 247 26.50 -38.18 -8.24
CA LYS D 247 26.07 -38.93 -9.43
C LYS D 247 25.08 -38.14 -10.31
N LEU D 248 24.59 -37.02 -9.80
CA LEU D 248 23.59 -36.23 -10.49
C LEU D 248 24.08 -35.79 -11.85
N LYS D 249 25.34 -35.35 -11.93
CA LYS D 249 25.87 -34.91 -13.21
C LYS D 249 25.53 -35.95 -14.28
N TYR D 250 25.87 -37.19 -13.99
CA TYR D 250 25.75 -38.25 -14.98
C TYR D 250 24.29 -38.55 -15.37
N CYS D 251 23.37 -38.65 -14.41
CA CYS D 251 21.96 -38.86 -14.78
C CYS D 251 21.40 -37.77 -15.72
N ILE D 252 21.82 -36.52 -15.48
CA ILE D 252 21.41 -35.36 -16.28
C ILE D 252 21.85 -35.52 -17.76
N GLN D 253 23.15 -35.65 -17.98
CA GLN D 253 23.70 -35.93 -19.32
C GLN D 253 22.85 -36.90 -20.12
N VAL D 254 22.71 -38.11 -19.56
CA VAL D 254 22.17 -39.23 -20.30
C VAL D 254 20.74 -38.96 -20.67
N LEU D 255 20.02 -38.39 -19.70
CA LEU D 255 18.62 -38.03 -19.91
C LEU D 255 18.48 -36.89 -20.91
N SER D 256 19.44 -35.98 -20.90
CA SER D 256 19.43 -34.86 -21.83
C SER D 256 19.61 -35.38 -23.25
N SER D 257 20.58 -36.27 -23.42
CA SER D 257 20.83 -36.89 -24.72
C SER D 257 19.56 -37.54 -25.24
N ILE D 258 18.87 -38.26 -24.37
CA ILE D 258 17.69 -38.98 -24.76
C ILE D 258 16.57 -38.02 -25.16
N HIS D 259 16.32 -37.06 -24.27
CA HIS D 259 15.31 -35.98 -24.48
C HIS D 259 15.48 -35.31 -25.85
N CYS D 260 16.73 -35.01 -26.19
CA CYS D 260 17.07 -34.45 -27.49
C CYS D 260 17.17 -35.54 -28.58
N LEU D 261 18.29 -36.26 -28.61
CA LEU D 261 18.57 -37.23 -29.67
C LEU D 261 17.46 -38.28 -29.93
N VAL D 262 16.66 -38.62 -28.93
CA VAL D 262 15.66 -39.69 -29.06
C VAL D 262 14.25 -39.18 -28.82
N PRO D 263 13.71 -38.47 -29.81
CA PRO D 263 12.46 -37.70 -29.64
C PRO D 263 11.21 -38.54 -29.30
N SER D 264 11.24 -39.83 -29.61
CA SER D 264 10.14 -40.72 -29.26
C SER D 264 10.01 -40.84 -27.74
N LEU D 265 11.12 -40.62 -27.04
CA LEU D 265 11.16 -40.67 -25.58
C LEU D 265 11.24 -39.31 -24.93
N GLN D 266 10.89 -38.27 -25.67
CA GLN D 266 11.08 -36.92 -25.15
C GLN D 266 10.12 -36.69 -23.98
N LYS D 267 8.83 -36.96 -24.17
CA LYS D 267 7.85 -36.75 -23.10
C LYS D 267 8.20 -37.47 -21.80
N GLU D 268 8.75 -38.68 -21.92
CA GLU D 268 9.04 -39.51 -20.76
C GLU D 268 10.36 -39.11 -20.11
N ALA D 269 11.34 -38.72 -20.92
CA ALA D 269 12.62 -38.27 -20.40
C ALA D 269 12.37 -36.96 -19.68
N TRP D 270 11.57 -36.09 -20.27
CA TRP D 270 11.31 -34.82 -19.64
C TRP D 270 10.70 -35.08 -18.27
N HIS D 271 9.68 -35.92 -18.25
CA HIS D 271 8.95 -36.19 -17.02
C HIS D 271 9.94 -36.47 -15.89
N THR D 272 10.97 -37.25 -16.19
CA THR D 272 11.95 -37.62 -15.19
C THR D 272 12.80 -36.40 -14.82
N ILE D 273 13.22 -35.66 -15.83
CA ILE D 273 14.04 -34.46 -15.62
C ILE D 273 13.29 -33.40 -14.80
N SER D 274 11.98 -33.29 -15.01
CA SER D 274 11.19 -32.37 -14.20
C SER D 274 11.15 -32.81 -12.73
N ILE D 275 11.12 -34.12 -12.45
CA ILE D 275 11.14 -34.55 -11.06
C ILE D 275 12.43 -34.10 -10.42
N ILE D 276 13.54 -34.32 -11.11
CA ILE D 276 14.82 -33.90 -10.57
C ILE D 276 14.91 -32.38 -10.45
N CYS D 277 14.43 -31.68 -11.46
CA CYS D 277 14.49 -30.23 -11.46
C CYS D 277 13.79 -29.63 -10.24
N ARG D 278 12.68 -30.23 -9.84
CA ARG D 278 11.85 -29.72 -8.76
C ARG D 278 12.34 -30.21 -7.39
N SER D 279 13.09 -31.31 -7.38
CA SER D 279 13.68 -31.82 -6.17
C SER D 279 14.79 -30.92 -5.64
N HIS D 280 15.35 -31.31 -4.50
CA HIS D 280 16.59 -30.74 -3.97
C HIS D 280 17.72 -30.59 -4.99
N HIS D 281 17.63 -31.32 -6.10
CA HIS D 281 18.62 -31.26 -7.13
C HIS D 281 18.47 -30.07 -8.09
N GLY D 282 17.33 -29.40 -8.06
CA GLY D 282 17.07 -28.27 -8.97
C GLY D 282 18.27 -27.38 -9.23
N GLN D 283 18.87 -26.85 -8.17
CA GLN D 283 19.97 -25.88 -8.31
C GLN D 283 21.20 -26.45 -8.96
N SER D 284 21.60 -27.63 -8.53
CA SER D 284 22.71 -28.35 -9.14
C SER D 284 22.41 -28.76 -10.57
N THR D 285 21.15 -29.00 -10.90
CA THR D 285 20.80 -29.42 -12.25
C THR D 285 20.92 -28.28 -13.22
N VAL D 286 20.41 -27.11 -12.82
CA VAL D 286 20.58 -25.90 -13.61
C VAL D 286 22.05 -25.68 -13.76
N ARG D 287 22.76 -25.50 -12.65
CA ARG D 287 24.19 -25.27 -12.71
C ARG D 287 24.85 -26.26 -13.68
N ILE D 288 24.42 -27.53 -13.63
CA ILE D 288 25.03 -28.59 -14.44
C ILE D 288 24.81 -28.43 -15.95
N LEU D 289 23.56 -28.18 -16.33
CA LEU D 289 23.20 -27.98 -17.73
C LEU D 289 24.02 -26.85 -18.35
N LEU D 290 24.12 -25.74 -17.64
CA LEU D 290 24.96 -24.62 -18.07
C LEU D 290 26.39 -25.08 -18.32
N ASP D 291 26.95 -25.87 -17.40
CA ASP D 291 28.35 -26.28 -17.48
C ASP D 291 28.67 -27.18 -18.65
N PHE D 292 27.64 -27.67 -19.35
CA PHE D 292 27.87 -28.31 -20.66
C PHE D 292 28.16 -27.28 -21.75
N LEU D 293 27.74 -26.05 -21.52
CA LEU D 293 28.03 -24.95 -22.43
C LEU D 293 29.33 -24.28 -21.97
N ARG D 294 29.35 -23.85 -20.72
CA ARG D 294 30.45 -23.06 -20.18
C ARG D 294 31.79 -23.82 -20.14
N SER D 295 31.82 -24.97 -19.49
CA SER D 295 33.05 -25.76 -19.34
C SER D 295 33.66 -26.10 -20.70
N TYR D 296 32.78 -26.34 -21.68
CA TYR D 296 33.12 -26.78 -23.03
C TYR D 296 34.62 -27.04 -23.29
N LYS D 306 31.61 -33.57 -31.83
CA LYS D 306 30.53 -34.55 -31.80
C LYS D 306 30.09 -34.90 -30.39
N ASP D 307 31.03 -35.33 -29.55
CA ASP D 307 30.70 -35.83 -28.19
C ASP D 307 30.09 -34.74 -27.29
N THR D 308 30.87 -33.69 -27.02
CA THR D 308 30.42 -32.56 -26.22
C THR D 308 29.34 -31.78 -26.96
N VAL D 309 29.33 -31.85 -28.30
CA VAL D 309 28.27 -31.27 -29.12
C VAL D 309 26.89 -31.85 -28.79
N ARG D 310 26.82 -33.17 -28.59
CA ARG D 310 25.58 -33.84 -28.19
C ARG D 310 25.14 -33.45 -26.77
N ASP D 311 26.09 -33.23 -25.87
CA ASP D 311 25.78 -32.71 -24.52
C ASP D 311 25.26 -31.30 -24.63
N VAL D 312 25.98 -30.48 -25.38
CA VAL D 312 25.55 -29.14 -25.67
C VAL D 312 24.14 -29.17 -26.25
N ARG D 313 23.89 -30.03 -27.24
CA ARG D 313 22.53 -30.15 -27.77
C ARG D 313 21.58 -30.62 -26.65
N GLY D 314 22.07 -31.55 -25.84
CA GLY D 314 21.35 -31.98 -24.65
C GLY D 314 21.03 -30.80 -23.76
N ALA D 315 22.05 -30.16 -23.22
CA ALA D 315 21.86 -28.91 -22.46
C ALA D 315 20.81 -27.98 -23.08
N LEU D 316 21.01 -27.62 -24.34
CA LEU D 316 20.14 -26.68 -25.05
C LEU D 316 18.68 -27.11 -24.99
N SER D 317 18.43 -28.35 -25.41
CA SER D 317 17.11 -28.89 -25.55
C SER D 317 16.36 -28.87 -24.23
N VAL D 318 17.03 -29.33 -23.18
CA VAL D 318 16.44 -29.39 -21.84
C VAL D 318 16.30 -27.96 -21.32
N LEU D 319 17.40 -27.19 -21.38
CA LEU D 319 17.33 -25.79 -21.02
C LEU D 319 16.11 -25.13 -21.65
N GLN D 320 15.92 -25.37 -22.93
CA GLN D 320 14.79 -24.80 -23.62
C GLN D 320 13.50 -25.07 -22.86
N LYS D 321 13.19 -26.35 -22.66
CA LYS D 321 11.99 -26.75 -21.95
C LYS D 321 11.93 -26.16 -20.50
N LEU D 322 13.07 -26.20 -19.82
CA LEU D 322 13.19 -25.69 -18.44
C LEU D 322 12.86 -24.19 -18.34
N LEU D 323 13.35 -23.40 -19.28
CA LEU D 323 13.17 -21.95 -19.25
C LEU D 323 11.73 -21.53 -19.53
N ARG D 324 10.85 -22.48 -19.80
CA ARG D 324 9.43 -22.19 -19.88
C ARG D 324 8.78 -22.20 -18.50
N LYS D 325 9.47 -22.81 -17.54
CA LYS D 325 8.86 -23.13 -16.24
C LYS D 325 9.11 -22.05 -15.20
N THR D 326 8.05 -21.70 -14.48
CA THR D 326 8.13 -20.67 -13.47
C THR D 326 8.45 -21.31 -12.12
N ALA D 327 9.04 -20.54 -11.21
CA ALA D 327 9.29 -21.00 -9.82
C ALA D 327 7.97 -21.22 -9.05
N GLU D 328 6.90 -20.61 -9.57
CA GLU D 328 5.53 -20.85 -9.13
C GLU D 328 5.07 -22.30 -9.37
N LYS D 329 5.50 -22.87 -10.51
CA LYS D 329 5.30 -24.30 -10.81
C LYS D 329 6.35 -25.20 -10.12
N GLY D 330 7.34 -24.59 -9.46
CA GLY D 330 8.31 -25.28 -8.57
C GLY D 330 9.72 -25.39 -9.13
N TYR D 331 9.88 -25.04 -10.41
CA TYR D 331 11.12 -25.29 -11.12
C TYR D 331 12.17 -24.25 -10.81
N PRO D 332 13.45 -24.65 -10.78
CA PRO D 332 14.51 -23.68 -10.52
C PRO D 332 14.70 -22.80 -11.74
N GLN D 333 15.13 -21.57 -11.52
CA GLN D 333 15.31 -20.60 -12.59
C GLN D 333 16.76 -20.58 -13.03
N VAL D 334 17.00 -20.14 -14.27
CA VAL D 334 18.36 -20.11 -14.83
C VAL D 334 18.86 -18.68 -14.85
N PRO D 335 20.01 -18.41 -14.19
CA PRO D 335 20.52 -17.03 -14.19
C PRO D 335 20.98 -16.59 -15.59
N LEU D 336 20.27 -15.60 -16.16
CA LEU D 336 20.39 -15.22 -17.57
C LEU D 336 21.81 -14.96 -18.05
N SER D 337 22.53 -14.09 -17.35
CA SER D 337 23.92 -13.79 -17.72
C SER D 337 24.74 -15.06 -17.96
N LEU D 338 24.55 -16.06 -17.09
CA LEU D 338 25.24 -17.34 -17.24
C LEU D 338 24.79 -18.10 -18.48
N LEU D 339 23.49 -18.17 -18.69
CA LEU D 339 22.91 -18.79 -19.89
C LEU D 339 23.51 -18.18 -21.14
N VAL D 340 23.46 -16.85 -21.20
CA VAL D 340 23.98 -16.05 -22.32
C VAL D 340 25.48 -16.27 -22.49
N GLY D 341 26.23 -16.12 -21.41
CA GLY D 341 27.67 -16.36 -21.42
C GLY D 341 28.00 -17.69 -22.09
N GLY D 342 27.36 -18.75 -21.60
CA GLY D 342 27.53 -20.08 -22.17
C GLY D 342 27.00 -20.20 -23.59
N LEU D 343 25.77 -19.74 -23.82
CA LEU D 343 25.17 -19.73 -25.16
C LEU D 343 26.06 -19.08 -26.23
N ALA D 344 26.88 -18.10 -25.83
CA ALA D 344 27.83 -17.44 -26.72
C ALA D 344 29.01 -18.36 -27.04
N ASN D 345 29.46 -19.08 -26.03
CA ASN D 345 30.60 -19.99 -26.17
C ASN D 345 30.30 -21.21 -27.04
N VAL D 346 29.01 -21.42 -27.32
CA VAL D 346 28.56 -22.56 -28.08
C VAL D 346 28.17 -22.16 -29.51
N SER D 347 27.74 -20.93 -29.71
CA SER D 347 27.45 -20.43 -31.05
C SER D 347 28.70 -20.43 -31.95
N LYS D 348 29.87 -20.24 -31.34
CA LYS D 348 31.15 -20.35 -32.06
C LYS D 348 31.39 -21.80 -32.56
N SER D 349 31.01 -22.79 -31.76
CA SER D 349 31.23 -24.20 -32.09
C SER D 349 30.25 -24.62 -33.18
N SER D 350 30.53 -24.12 -34.38
CA SER D 350 29.55 -24.07 -35.45
C SER D 350 29.33 -25.36 -36.23
N SER D 351 28.16 -25.94 -36.01
CA SER D 351 27.55 -26.87 -36.92
C SER D 351 26.16 -26.32 -37.16
N THR D 352 25.57 -26.59 -38.31
CA THR D 352 24.22 -26.12 -38.61
C THR D 352 23.23 -26.39 -37.46
N ARG D 353 23.21 -27.63 -36.96
CA ARG D 353 22.24 -28.06 -35.93
C ARG D 353 22.22 -27.18 -34.66
N VAL D 354 23.39 -26.85 -34.15
CA VAL D 354 23.49 -26.05 -32.93
C VAL D 354 22.81 -24.72 -33.20
N ALA D 355 23.32 -24.00 -34.20
CA ALA D 355 22.77 -22.71 -34.56
C ALA D 355 21.25 -22.73 -34.50
N THR D 356 20.65 -23.69 -35.21
CA THR D 356 19.19 -23.88 -35.26
C THR D 356 18.56 -24.00 -33.85
N GLU D 357 19.19 -24.79 -32.99
CA GLU D 357 18.69 -25.04 -31.64
C GLU D 357 18.89 -23.83 -30.72
N ILE D 358 20.11 -23.29 -30.71
CA ILE D 358 20.42 -22.01 -30.02
C ILE D 358 19.32 -20.99 -30.32
N LEU D 359 18.97 -20.86 -31.60
CA LEU D 359 17.99 -19.91 -32.07
C LEU D 359 16.59 -20.25 -31.59
N ARG D 360 16.25 -21.53 -31.73
CA ARG D 360 14.97 -22.06 -31.26
C ARG D 360 14.76 -21.82 -29.76
N LEU D 361 15.82 -22.00 -28.97
CA LEU D 361 15.80 -21.66 -27.55
C LEU D 361 15.55 -20.18 -27.40
N ILE D 362 16.42 -19.40 -28.02
CA ILE D 362 16.29 -17.96 -27.94
C ILE D 362 14.89 -17.52 -28.37
N ASN D 363 14.33 -18.14 -29.40
CA ASN D 363 12.94 -17.90 -29.77
C ASN D 363 11.96 -18.21 -28.62
N SER D 364 12.22 -19.29 -27.89
CA SER D 364 11.38 -19.63 -26.75
C SER D 364 11.42 -18.54 -25.66
N LEU D 365 12.59 -17.95 -25.43
CA LEU D 365 12.71 -16.82 -24.48
C LEU D 365 11.84 -15.63 -24.89
N PHE D 366 12.00 -15.16 -26.12
CA PHE D 366 11.26 -13.98 -26.57
C PHE D 366 9.81 -14.33 -26.88
N HIS D 367 9.53 -15.62 -27.11
CA HIS D 367 8.17 -16.09 -27.35
C HIS D 367 7.95 -17.51 -26.83
N GLY D 368 7.11 -17.65 -25.80
CA GLY D 368 6.85 -18.96 -25.18
C GLY D 368 5.49 -19.06 -24.54
N ASN D 372 4.09 -14.58 -25.46
CA ASN D 372 4.54 -13.97 -24.21
C ASN D 372 6.04 -14.01 -24.04
N ILE D 373 6.60 -12.89 -23.59
CA ILE D 373 8.00 -12.76 -23.21
C ILE D 373 8.33 -13.68 -22.02
N ASN D 374 9.57 -14.16 -21.97
CA ASN D 374 10.05 -14.90 -20.82
C ASN D 374 10.57 -13.92 -19.76
N PRO D 375 10.10 -14.07 -18.50
CA PRO D 375 10.51 -13.23 -17.36
C PRO D 375 12.01 -13.00 -17.28
N ILE D 376 12.76 -14.07 -17.54
CA ILE D 376 14.20 -14.07 -17.35
C ILE D 376 14.94 -12.87 -17.98
N LEU D 377 14.42 -12.32 -19.07
CA LEU D 377 15.14 -11.24 -19.79
C LEU D 377 14.55 -9.82 -19.66
N VAL D 378 13.48 -9.65 -18.90
CA VAL D 378 12.67 -8.42 -18.96
C VAL D 378 13.38 -7.14 -18.50
N GLU D 379 14.18 -7.24 -17.45
CA GLU D 379 14.89 -6.08 -16.94
C GLU D 379 16.40 -6.18 -17.22
N GLU D 380 16.76 -6.59 -18.42
CA GLU D 380 18.17 -6.88 -18.72
C GLU D 380 18.62 -6.24 -20.03
N HIS D 381 19.91 -5.89 -20.10
CA HIS D 381 20.54 -5.52 -21.36
C HIS D 381 20.36 -6.71 -22.30
N TRP D 382 19.88 -6.46 -23.53
CA TRP D 382 19.72 -7.54 -24.51
C TRP D 382 20.85 -7.61 -25.51
N GLU D 383 21.77 -6.65 -25.48
CA GLU D 383 22.93 -6.65 -26.38
C GLU D 383 23.70 -7.98 -26.38
N PRO D 384 23.89 -8.58 -25.19
CA PRO D 384 24.63 -9.83 -25.12
C PRO D 384 23.94 -11.04 -25.79
N ILE D 385 22.64 -11.16 -25.57
CA ILE D 385 21.83 -12.22 -26.17
C ILE D 385 21.61 -11.94 -27.66
N PHE D 386 21.55 -10.66 -28.01
CA PHE D 386 21.41 -10.28 -29.41
C PHE D 386 22.69 -10.55 -30.20
N ASP D 387 23.82 -10.28 -29.56
CA ASP D 387 25.15 -10.57 -30.12
C ASP D 387 25.27 -12.04 -30.60
N VAL D 388 24.74 -12.97 -29.81
CA VAL D 388 24.75 -14.42 -30.13
C VAL D 388 23.82 -14.72 -31.32
N ALA D 389 22.59 -14.19 -31.27
CA ALA D 389 21.57 -14.44 -32.30
C ALA D 389 22.11 -14.15 -33.68
N ALA D 390 22.89 -13.08 -33.78
CA ALA D 390 23.56 -12.71 -35.01
C ALA D 390 24.64 -13.73 -35.42
N GLN D 391 25.44 -14.22 -34.48
CA GLN D 391 26.45 -15.24 -34.82
C GLN D 391 25.83 -16.50 -35.45
N CYS D 392 24.71 -16.95 -34.89
CA CYS D 392 23.93 -18.05 -35.47
C CYS D 392 23.39 -17.68 -36.86
N ALA D 393 23.02 -16.41 -37.03
CA ALA D 393 22.44 -15.88 -38.28
C ALA D 393 23.38 -15.90 -39.48
N THR D 394 24.69 -16.02 -39.24
CA THR D 394 25.68 -16.18 -40.32
C THR D 394 25.56 -17.54 -41.00
N LYS D 395 24.94 -18.49 -40.30
CA LYS D 395 24.77 -19.86 -40.78
C LYS D 395 23.51 -20.04 -41.63
N ALA D 396 22.67 -19.02 -41.69
CA ALA D 396 21.40 -19.13 -42.39
C ALA D 396 21.63 -19.14 -43.89
N VAL D 397 22.29 -18.09 -44.39
CA VAL D 397 22.65 -17.97 -45.79
C VAL D 397 24.17 -18.16 -45.92
N THR D 398 24.61 -18.79 -47.00
CA THR D 398 26.04 -18.98 -47.25
C THR D 398 26.33 -18.88 -48.74
N LEU D 399 27.35 -18.10 -49.09
CA LEU D 399 27.66 -17.76 -50.47
C LEU D 399 29.15 -17.86 -50.71
N PRO D 408 32.43 -7.90 -61.49
CA PRO D 408 31.40 -7.84 -62.53
C PRO D 408 31.09 -9.26 -63.03
N LEU D 409 30.38 -10.03 -62.22
CA LEU D 409 30.16 -11.45 -62.47
C LEU D 409 29.06 -11.63 -63.50
N PRO D 410 29.33 -12.38 -64.60
CA PRO D 410 28.33 -12.65 -65.63
C PRO D 410 27.11 -13.43 -65.13
N THR D 411 25.91 -12.93 -65.47
CA THR D 411 24.63 -13.56 -65.09
C THR D 411 24.61 -15.06 -65.31
N VAL D 412 25.19 -15.50 -66.41
CA VAL D 412 25.31 -16.92 -66.74
C VAL D 412 26.07 -17.66 -65.65
N ALA D 413 27.14 -17.05 -65.15
CA ALA D 413 27.98 -17.62 -64.10
C ALA D 413 27.42 -17.41 -62.69
N LYS D 414 26.37 -16.61 -62.56
CA LYS D 414 25.67 -16.41 -61.28
C LYS D 414 25.30 -17.75 -60.72
N GLU D 415 25.08 -17.81 -59.41
CA GLU D 415 24.76 -19.08 -58.76
C GLU D 415 23.81 -18.96 -57.58
N GLU D 416 22.95 -19.97 -57.42
CA GLU D 416 21.94 -19.99 -56.35
C GLU D 416 22.61 -19.93 -54.99
N PRO D 417 21.99 -19.22 -54.03
CA PRO D 417 22.52 -19.14 -52.67
C PRO D 417 22.21 -20.41 -51.88
N VAL D 418 23.20 -20.91 -51.14
CA VAL D 418 23.01 -22.05 -50.25
C VAL D 418 22.38 -21.54 -48.96
N VAL D 419 21.06 -21.70 -48.86
CA VAL D 419 20.30 -21.25 -47.69
C VAL D 419 20.03 -22.44 -46.75
N GLU D 420 20.14 -22.18 -45.45
CA GLU D 420 19.80 -23.16 -44.41
C GLU D 420 18.40 -22.87 -43.87
N ASP D 421 17.43 -23.63 -44.35
CA ASP D 421 16.03 -23.52 -43.92
C ASP D 421 15.89 -23.53 -42.41
N ASN D 422 16.59 -24.47 -41.76
CA ASN D 422 16.45 -24.63 -40.33
C ASN D 422 16.85 -23.39 -39.54
N VAL D 423 18.00 -22.82 -39.89
CA VAL D 423 18.50 -21.62 -39.21
C VAL D 423 17.61 -20.48 -39.64
N SER D 424 17.34 -20.46 -40.94
CA SER D 424 16.50 -19.45 -41.60
C SER D 424 15.10 -19.28 -40.99
N LEU D 425 14.39 -20.38 -40.76
CA LEU D 425 13.02 -20.32 -40.26
C LEU D 425 13.03 -19.75 -38.84
N GLN D 426 14.03 -20.16 -38.06
CA GLN D 426 14.17 -19.67 -36.69
C GLN D 426 14.47 -18.16 -36.66
N LEU D 427 15.26 -17.70 -37.61
CA LEU D 427 15.47 -16.25 -37.79
C LEU D 427 14.16 -15.57 -38.13
N LYS D 428 13.44 -16.11 -39.10
CA LYS D 428 12.18 -15.51 -39.58
C LYS D 428 11.26 -15.19 -38.41
N HIS D 429 11.12 -16.15 -37.50
CA HIS D 429 10.30 -16.00 -36.30
C HIS D 429 10.91 -15.02 -35.28
N LEU D 430 12.21 -15.16 -34.99
CA LEU D 430 12.88 -14.25 -34.05
C LEU D 430 12.79 -12.82 -34.52
N ILE D 431 13.23 -12.58 -35.75
CA ILE D 431 13.07 -11.29 -36.41
C ILE D 431 11.64 -10.80 -36.14
N LEU D 432 10.67 -11.57 -36.62
CA LEU D 432 9.26 -11.23 -36.53
C LEU D 432 8.81 -11.02 -35.09
N ARG D 433 9.35 -11.79 -34.15
CA ARG D 433 9.06 -11.59 -32.74
C ARG D 433 9.62 -10.26 -32.27
N VAL D 434 10.92 -10.04 -32.47
CA VAL D 434 11.57 -8.80 -31.99
C VAL D 434 10.90 -7.58 -32.65
N GLU D 435 10.67 -7.70 -33.94
CA GLU D 435 9.91 -6.73 -34.73
C GLU D 435 8.59 -6.32 -34.07
N ASN D 436 7.88 -7.30 -33.50
CA ASN D 436 6.58 -7.06 -32.86
C ASN D 436 6.68 -6.44 -31.47
N LEU D 437 7.68 -6.86 -30.70
CA LEU D 437 7.90 -6.30 -29.38
C LEU D 437 7.98 -4.77 -29.49
N ILE D 438 8.93 -4.31 -30.30
CA ILE D 438 9.06 -2.89 -30.63
C ILE D 438 7.69 -2.25 -30.83
N VAL D 439 6.82 -2.91 -31.59
CA VAL D 439 5.48 -2.42 -31.80
C VAL D 439 4.59 -2.83 -30.61
N LEU D 445 9.33 -0.25 -23.26
CA LEU D 445 10.31 -1.28 -23.61
C LEU D 445 11.75 -0.76 -23.50
N LEU D 446 12.38 -0.96 -22.34
CA LEU D 446 13.69 -0.38 -22.01
C LEU D 446 14.79 -0.63 -23.06
N GLN D 447 14.76 -1.79 -23.70
CA GLN D 447 15.82 -2.18 -24.64
C GLN D 447 15.47 -1.89 -26.10
N ARG D 448 14.37 -1.15 -26.33
CA ARG D 448 13.97 -0.79 -27.70
C ARG D 448 15.15 -0.63 -28.65
N ASP D 449 16.16 0.13 -28.22
CA ASP D 449 17.33 0.38 -29.06
C ASP D 449 18.10 -0.91 -29.31
N ASP D 450 18.48 -1.59 -28.23
CA ASP D 450 19.24 -2.85 -28.32
C ASP D 450 18.65 -3.80 -29.37
N CYS D 451 17.32 -3.92 -29.36
CA CYS D 451 16.59 -4.60 -30.42
C CYS D 451 17.00 -4.05 -31.78
N MET D 452 16.61 -2.80 -32.02
CA MET D 452 16.78 -2.14 -33.32
C MET D 452 18.18 -2.31 -33.90
N LYS D 453 19.18 -2.13 -33.05
CA LYS D 453 20.56 -2.29 -33.46
C LYS D 453 20.79 -3.70 -34.03
N PHE D 454 20.24 -4.71 -33.35
CA PHE D 454 20.33 -6.12 -33.78
C PHE D 454 19.60 -6.42 -35.08
N LEU D 455 18.35 -5.95 -35.19
CA LEU D 455 17.58 -6.15 -36.42
C LEU D 455 18.33 -5.57 -37.62
N ILE D 456 18.90 -4.38 -37.45
CA ILE D 456 19.64 -3.72 -38.53
C ILE D 456 20.84 -4.55 -38.94
N ARG D 457 21.58 -5.07 -37.96
CA ARG D 457 22.76 -5.91 -38.24
C ARG D 457 22.36 -7.14 -39.04
N VAL D 458 21.26 -7.77 -38.63
CA VAL D 458 20.82 -9.03 -39.22
C VAL D 458 20.17 -8.85 -40.61
N GLN D 459 19.28 -7.88 -40.77
CA GLN D 459 18.50 -7.75 -42.02
C GLN D 459 19.32 -7.89 -43.31
N HIS D 460 20.55 -7.38 -43.29
CA HIS D 460 21.49 -7.59 -44.40
C HIS D 460 22.70 -8.38 -43.91
#